data_1JV5
# 
_entry.id   1JV5 
# 
_audit_conform.dict_name       mmcif_pdbx.dic 
_audit_conform.dict_version    5.397 
_audit_conform.dict_location   http://mmcif.pdb.org/dictionaries/ascii/mmcif_pdbx.dic 
# 
loop_
_database_2.database_id 
_database_2.database_code 
_database_2.pdbx_database_accession 
_database_2.pdbx_DOI 
PDB   1JV5         pdb_00001jv5 10.2210/pdb1jv5/pdb 
RCSB  RCSB014218   ?            ?                   
WWPDB D_1000014218 ?            ?                   
# 
loop_
_pdbx_audit_revision_history.ordinal 
_pdbx_audit_revision_history.data_content_type 
_pdbx_audit_revision_history.major_revision 
_pdbx_audit_revision_history.minor_revision 
_pdbx_audit_revision_history.revision_date 
1 'Structure model' 1 0 2002-01-09 
2 'Structure model' 1 1 2008-04-27 
3 'Structure model' 1 2 2011-07-13 
4 'Structure model' 1 3 2017-10-04 
5 'Structure model' 1 4 2018-04-18 
6 'Structure model' 1 5 2024-10-09 
# 
_pdbx_audit_revision_details.ordinal             1 
_pdbx_audit_revision_details.revision_ordinal    1 
_pdbx_audit_revision_details.data_content_type   'Structure model' 
_pdbx_audit_revision_details.provider            repository 
_pdbx_audit_revision_details.type                'Initial release' 
_pdbx_audit_revision_details.description         ? 
_pdbx_audit_revision_details.details             ? 
# 
loop_
_pdbx_audit_revision_group.ordinal 
_pdbx_audit_revision_group.revision_ordinal 
_pdbx_audit_revision_group.data_content_type 
_pdbx_audit_revision_group.group 
1 2 'Structure model' 'Version format compliance' 
2 3 'Structure model' 'Version format compliance' 
3 4 'Structure model' 'Refinement description'    
4 5 'Structure model' 'Data collection'           
5 6 'Structure model' 'Data collection'           
6 6 'Structure model' 'Database references'       
7 6 'Structure model' 'Structure summary'         
# 
loop_
_pdbx_audit_revision_category.ordinal 
_pdbx_audit_revision_category.revision_ordinal 
_pdbx_audit_revision_category.data_content_type 
_pdbx_audit_revision_category.category 
1 4 'Structure model' software                  
2 5 'Structure model' diffrn_detector           
3 6 'Structure model' chem_comp_atom            
4 6 'Structure model' chem_comp_bond            
5 6 'Structure model' database_2                
6 6 'Structure model' pdbx_entry_details        
7 6 'Structure model' pdbx_modification_feature 
# 
loop_
_pdbx_audit_revision_item.ordinal 
_pdbx_audit_revision_item.revision_ordinal 
_pdbx_audit_revision_item.data_content_type 
_pdbx_audit_revision_item.item 
1 4 'Structure model' '_software.name'                      
2 5 'Structure model' '_diffrn_detector.detector'           
3 6 'Structure model' '_database_2.pdbx_DOI'                
4 6 'Structure model' '_database_2.pdbx_database_accession' 
# 
_pdbx_database_status.status_code                     REL 
_pdbx_database_status.entry_id                        1JV5 
_pdbx_database_status.recvd_initial_deposition_date   2001-08-28 
_pdbx_database_status.deposit_site                    RCSB 
_pdbx_database_status.process_site                    RCSB 
_pdbx_database_status.SG_entry                        . 
_pdbx_database_status.status_code_sf                  REL 
_pdbx_database_status.pdb_format_compatible           Y 
_pdbx_database_status.status_code_mr                  ? 
_pdbx_database_status.status_code_cs                  ? 
_pdbx_database_status.methods_development_category    ? 
_pdbx_database_status.status_code_nmr_data            ? 
# 
loop_
_audit_author.name 
_audit_author.pdbx_ordinal 
'Thomas, R.'      1 
'Patenaude, S.I.' 2 
'MacKenzie, C.R.' 3 
'To, R.'          4 
'Hirama, T.'      5 
'Young, N.M.'     6 
'Evans, S.V.'     7 
# 
loop_
_citation.id 
_citation.title 
_citation.journal_abbrev 
_citation.journal_volume 
_citation.page_first 
_citation.page_last 
_citation.year 
_citation.journal_id_ASTM 
_citation.country 
_citation.journal_id_ISSN 
_citation.journal_id_CSD 
_citation.book_publisher 
_citation.pdbx_database_id_PubMed 
_citation.pdbx_database_id_DOI 
primary 'Structure of an anti-blood group A Fv and improvement of its binding affinity without loss of specificity.' J.Biol.Chem. 
277 2059 2064 2002 JBCHA3 US 0021-9258 0071 ? 11679577 10.1074/jbc.M104364200    
1       
;Production, crystallization and diffraction to atomic resolution of an antibody Fv specific for the blood-group A oligosaccharide antigen
;
'Acta Crystallogr.,Sect.D' 54  1456 1459 1998 ABCRE6 DK 0907-4449 0766 ? ?        10.1107/S0907444998005824 
# 
loop_
_citation_author.citation_id 
_citation_author.name 
_citation_author.ordinal 
_citation_author.identifier_ORCID 
primary 'Thomas, R.'      1  ? 
primary 'Patenaude, S.I.' 2  ? 
primary 'MacKenzie, C.R.' 3  ? 
primary 'To, R.'          4  ? 
primary 'Hirama, T.'      5  ? 
primary 'Young, N.M.'     6  ? 
primary 'Evans, S.V.'     7  ? 
1       'Patenaude, S.I.' 8  ? 
1       'MacKenzie, C.R.' 9  ? 
1       'Bilous, D.'      10 ? 
1       'To, R.J.'        11 ? 
1       'Ryan, S.E.'      12 ? 
1       'Young, N.M.'     13 ? 
1       'Evans, S.V.'     14 ? 
# 
loop_
_entity.id 
_entity.type 
_entity.src_method 
_entity.pdbx_description 
_entity.formula_weight 
_entity.pdbx_number_of_molecules 
_entity.pdbx_ec 
_entity.pdbx_mutation 
_entity.pdbx_fragment 
_entity.details 
1 polymer man 'Ig kappa chain precursor V region'       11809.013 1  ? ? 'anti-blood group A Fv' ? 
2 polymer man 'Ig chain heavy chain precursor V region' 12877.354 1  ? ? ?                       ? 
3 water   nat water                                     18.015    62 ? ? ?                       ? 
# 
loop_
_entity_poly.entity_id 
_entity_poly.type 
_entity_poly.nstd_linkage 
_entity_poly.nstd_monomer 
_entity_poly.pdbx_seq_one_letter_code 
_entity_poly.pdbx_seq_one_letter_code_can 
_entity_poly.pdbx_strand_id 
_entity_poly.pdbx_target_identifier 
1 'polypeptide(L)' no no 
;DIQMTQTTSSLSASLGDRVTISCRASQDINNYLNWYQQKPDGTVKLLIHYTSRLHSGVPSRFSGSGSGTDYSLTISNLEQ
EDIATYFCQQGNTLPWTFGGGTKLEIK
;
;DIQMTQTTSSLSASLGDRVTISCRASQDINNYLNWYQQKPDGTVKLLIHYTSRLHSGVPSRFSGSGSGTDYSLTISNLEQ
EDIATYFCQQGNTLPWTFGGGTKLEIK
;
A ? 
2 'polypeptide(L)' no no 
;QVQLQQPGAELVKPGTSVKLSCKASGYNFTSYWINWVKLRPGQGLEWIGDIYPGSGITNYNEKFKSKATLTVDTSSSTAY
MQLSSLASEDSALYYCAGQYGNLWFAYWGQGTLVTVS
;
;QVQLQQPGAELVKPGTSVKLSCKASGYNFTSYWINWVKLRPGQGLEWIGDIYPGSGITNYNEKFKSKATLTVDTSSSTAY
MQLSSLASEDSALYYCAGQYGNLWFAYWGQGTLVTVS
;
B ? 
# 
_pdbx_entity_nonpoly.entity_id   3 
_pdbx_entity_nonpoly.name        water 
_pdbx_entity_nonpoly.comp_id     HOH 
# 
loop_
_entity_poly_seq.entity_id 
_entity_poly_seq.num 
_entity_poly_seq.mon_id 
_entity_poly_seq.hetero 
1 1   ASP n 
1 2   ILE n 
1 3   GLN n 
1 4   MET n 
1 5   THR n 
1 6   GLN n 
1 7   THR n 
1 8   THR n 
1 9   SER n 
1 10  SER n 
1 11  LEU n 
1 12  SER n 
1 13  ALA n 
1 14  SER n 
1 15  LEU n 
1 16  GLY n 
1 17  ASP n 
1 18  ARG n 
1 19  VAL n 
1 20  THR n 
1 21  ILE n 
1 22  SER n 
1 23  CYS n 
1 24  ARG n 
1 25  ALA n 
1 26  SER n 
1 27  GLN n 
1 28  ASP n 
1 29  ILE n 
1 30  ASN n 
1 31  ASN n 
1 32  TYR n 
1 33  LEU n 
1 34  ASN n 
1 35  TRP n 
1 36  TYR n 
1 37  GLN n 
1 38  GLN n 
1 39  LYS n 
1 40  PRO n 
1 41  ASP n 
1 42  GLY n 
1 43  THR n 
1 44  VAL n 
1 45  LYS n 
1 46  LEU n 
1 47  LEU n 
1 48  ILE n 
1 49  HIS n 
1 50  TYR n 
1 51  THR n 
1 52  SER n 
1 53  ARG n 
1 54  LEU n 
1 55  HIS n 
1 56  SER n 
1 57  GLY n 
1 58  VAL n 
1 59  PRO n 
1 60  SER n 
1 61  ARG n 
1 62  PHE n 
1 63  SER n 
1 64  GLY n 
1 65  SER n 
1 66  GLY n 
1 67  SER n 
1 68  GLY n 
1 69  THR n 
1 70  ASP n 
1 71  TYR n 
1 72  SER n 
1 73  LEU n 
1 74  THR n 
1 75  ILE n 
1 76  SER n 
1 77  ASN n 
1 78  LEU n 
1 79  GLU n 
1 80  GLN n 
1 81  GLU n 
1 82  ASP n 
1 83  ILE n 
1 84  ALA n 
1 85  THR n 
1 86  TYR n 
1 87  PHE n 
1 88  CYS n 
1 89  GLN n 
1 90  GLN n 
1 91  GLY n 
1 92  ASN n 
1 93  THR n 
1 94  LEU n 
1 95  PRO n 
1 96  TRP n 
1 97  THR n 
1 98  PHE n 
1 99  GLY n 
1 100 GLY n 
1 101 GLY n 
1 102 THR n 
1 103 LYS n 
1 104 LEU n 
1 105 GLU n 
1 106 ILE n 
1 107 LYS n 
2 1   GLN n 
2 2   VAL n 
2 3   GLN n 
2 4   LEU n 
2 5   GLN n 
2 6   GLN n 
2 7   PRO n 
2 8   GLY n 
2 9   ALA n 
2 10  GLU n 
2 11  LEU n 
2 12  VAL n 
2 13  LYS n 
2 14  PRO n 
2 15  GLY n 
2 16  THR n 
2 17  SER n 
2 18  VAL n 
2 19  LYS n 
2 20  LEU n 
2 21  SER n 
2 22  CYS n 
2 23  LYS n 
2 24  ALA n 
2 25  SER n 
2 26  GLY n 
2 27  TYR n 
2 28  ASN n 
2 29  PHE n 
2 30  THR n 
2 31  SER n 
2 32  TYR n 
2 33  TRP n 
2 34  ILE n 
2 35  ASN n 
2 36  TRP n 
2 37  VAL n 
2 38  LYS n 
2 39  LEU n 
2 40  ARG n 
2 41  PRO n 
2 42  GLY n 
2 43  GLN n 
2 44  GLY n 
2 45  LEU n 
2 46  GLU n 
2 47  TRP n 
2 48  ILE n 
2 49  GLY n 
2 50  ASP n 
2 51  ILE n 
2 52  TYR n 
2 53  PRO n 
2 54  GLY n 
2 55  SER n 
2 56  GLY n 
2 57  ILE n 
2 58  THR n 
2 59  ASN n 
2 60  TYR n 
2 61  ASN n 
2 62  GLU n 
2 63  LYS n 
2 64  PHE n 
2 65  LYS n 
2 66  SER n 
2 67  LYS n 
2 68  ALA n 
2 69  THR n 
2 70  LEU n 
2 71  THR n 
2 72  VAL n 
2 73  ASP n 
2 74  THR n 
2 75  SER n 
2 76  SER n 
2 77  SER n 
2 78  THR n 
2 79  ALA n 
2 80  TYR n 
2 81  MET n 
2 82  GLN n 
2 83  LEU n 
2 84  SER n 
2 85  SER n 
2 86  LEU n 
2 87  ALA n 
2 88  SER n 
2 89  GLU n 
2 90  ASP n 
2 91  SER n 
2 92  ALA n 
2 93  LEU n 
2 94  TYR n 
2 95  TYR n 
2 96  CYS n 
2 97  ALA n 
2 98  GLY n 
2 99  GLN n 
2 100 TYR n 
2 101 GLY n 
2 102 ASN n 
2 103 LEU n 
2 104 TRP n 
2 105 PHE n 
2 106 ALA n 
2 107 TYR n 
2 108 TRP n 
2 109 GLY n 
2 110 GLN n 
2 111 GLY n 
2 112 THR n 
2 113 LEU n 
2 114 VAL n 
2 115 THR n 
2 116 VAL n 
2 117 SER n 
# 
loop_
_entity_src_gen.entity_id 
_entity_src_gen.pdbx_src_id 
_entity_src_gen.pdbx_alt_source_flag 
_entity_src_gen.pdbx_seq_type 
_entity_src_gen.pdbx_beg_seq_num 
_entity_src_gen.pdbx_end_seq_num 
_entity_src_gen.gene_src_common_name 
_entity_src_gen.gene_src_genus 
_entity_src_gen.pdbx_gene_src_gene 
_entity_src_gen.gene_src_species 
_entity_src_gen.gene_src_strain 
_entity_src_gen.gene_src_tissue 
_entity_src_gen.gene_src_tissue_fraction 
_entity_src_gen.gene_src_details 
_entity_src_gen.pdbx_gene_src_fragment 
_entity_src_gen.pdbx_gene_src_scientific_name 
_entity_src_gen.pdbx_gene_src_ncbi_taxonomy_id 
_entity_src_gen.pdbx_gene_src_variant 
_entity_src_gen.pdbx_gene_src_cell_line 
_entity_src_gen.pdbx_gene_src_atcc 
_entity_src_gen.pdbx_gene_src_organ 
_entity_src_gen.pdbx_gene_src_organelle 
_entity_src_gen.pdbx_gene_src_cell 
_entity_src_gen.pdbx_gene_src_cellular_location 
_entity_src_gen.host_org_common_name 
_entity_src_gen.pdbx_host_org_scientific_name 
_entity_src_gen.pdbx_host_org_ncbi_taxonomy_id 
_entity_src_gen.host_org_genus 
_entity_src_gen.pdbx_host_org_gene 
_entity_src_gen.pdbx_host_org_organ 
_entity_src_gen.host_org_species 
_entity_src_gen.pdbx_host_org_tissue 
_entity_src_gen.pdbx_host_org_tissue_fraction 
_entity_src_gen.pdbx_host_org_strain 
_entity_src_gen.pdbx_host_org_variant 
_entity_src_gen.pdbx_host_org_cell_line 
_entity_src_gen.pdbx_host_org_atcc 
_entity_src_gen.pdbx_host_org_culture_collection 
_entity_src_gen.pdbx_host_org_cell 
_entity_src_gen.pdbx_host_org_organelle 
_entity_src_gen.pdbx_host_org_cellular_location 
_entity_src_gen.pdbx_host_org_vector_type 
_entity_src_gen.pdbx_host_org_vector 
_entity_src_gen.host_org_details 
_entity_src_gen.expression_system_id 
_entity_src_gen.plasmid_name 
_entity_src_gen.plasmid_details 
_entity_src_gen.pdbx_description 
1 1 sample ? ? ? human Homo ? ? ? ? ? ? ? 'Homo sapiens' 9606 ? ? ? ? ? ? ? ? 'Escherichia coli' 562 Escherichia ? ? ? ? ? TG1 ? ? 
? ? ? ? ? ? ? ? ? pUCE8 ? ? 
2 1 sample ? ? ? human Homo ? ? ? ? ? ? ? 'Homo sapiens' 9606 ? ? ? ? ? ? ? ? 'Escherichia coli' 562 Escherichia ? ? ? ? ? TG1 ? ? 
? ? ? ? ? ? ? ? ? pUCE8 ? ? 
# 
loop_
_chem_comp.id 
_chem_comp.type 
_chem_comp.mon_nstd_flag 
_chem_comp.name 
_chem_comp.pdbx_synonyms 
_chem_comp.formula 
_chem_comp.formula_weight 
ALA 'L-peptide linking' y ALANINE         ? 'C3 H7 N O2'     89.093  
ARG 'L-peptide linking' y ARGININE        ? 'C6 H15 N4 O2 1' 175.209 
ASN 'L-peptide linking' y ASPARAGINE      ? 'C4 H8 N2 O3'    132.118 
ASP 'L-peptide linking' y 'ASPARTIC ACID' ? 'C4 H7 N O4'     133.103 
CYS 'L-peptide linking' y CYSTEINE        ? 'C3 H7 N O2 S'   121.158 
GLN 'L-peptide linking' y GLUTAMINE       ? 'C5 H10 N2 O3'   146.144 
GLU 'L-peptide linking' y 'GLUTAMIC ACID' ? 'C5 H9 N O4'     147.129 
GLY 'peptide linking'   y GLYCINE         ? 'C2 H5 N O2'     75.067  
HIS 'L-peptide linking' y HISTIDINE       ? 'C6 H10 N3 O2 1' 156.162 
HOH non-polymer         . WATER           ? 'H2 O'           18.015  
ILE 'L-peptide linking' y ISOLEUCINE      ? 'C6 H13 N O2'    131.173 
LEU 'L-peptide linking' y LEUCINE         ? 'C6 H13 N O2'    131.173 
LYS 'L-peptide linking' y LYSINE          ? 'C6 H15 N2 O2 1' 147.195 
MET 'L-peptide linking' y METHIONINE      ? 'C5 H11 N O2 S'  149.211 
PHE 'L-peptide linking' y PHENYLALANINE   ? 'C9 H11 N O2'    165.189 
PRO 'L-peptide linking' y PROLINE         ? 'C5 H9 N O2'     115.130 
SER 'L-peptide linking' y SERINE          ? 'C3 H7 N O3'     105.093 
THR 'L-peptide linking' y THREONINE       ? 'C4 H9 N O3'     119.119 
TRP 'L-peptide linking' y TRYPTOPHAN      ? 'C11 H12 N2 O2'  204.225 
TYR 'L-peptide linking' y TYROSINE        ? 'C9 H11 N O3'    181.189 
VAL 'L-peptide linking' y VALINE          ? 'C5 H11 N O2'    117.146 
# 
loop_
_pdbx_poly_seq_scheme.asym_id 
_pdbx_poly_seq_scheme.entity_id 
_pdbx_poly_seq_scheme.seq_id 
_pdbx_poly_seq_scheme.mon_id 
_pdbx_poly_seq_scheme.ndb_seq_num 
_pdbx_poly_seq_scheme.pdb_seq_num 
_pdbx_poly_seq_scheme.auth_seq_num 
_pdbx_poly_seq_scheme.pdb_mon_id 
_pdbx_poly_seq_scheme.auth_mon_id 
_pdbx_poly_seq_scheme.pdb_strand_id 
_pdbx_poly_seq_scheme.pdb_ins_code 
_pdbx_poly_seq_scheme.hetero 
A 1 1   ASP 1   1   1   ASP ASP A . n 
A 1 2   ILE 2   2   2   ILE ILE A . n 
A 1 3   GLN 3   3   3   GLN GLN A . n 
A 1 4   MET 4   4   4   MET MET A . n 
A 1 5   THR 5   5   5   THR THR A . n 
A 1 6   GLN 6   6   6   GLN GLN A . n 
A 1 7   THR 7   7   7   THR THR A . n 
A 1 8   THR 8   8   8   THR THR A . n 
A 1 9   SER 9   9   9   SER SER A . n 
A 1 10  SER 10  10  10  SER SER A . n 
A 1 11  LEU 11  11  11  LEU LEU A . n 
A 1 12  SER 12  12  12  SER SER A . n 
A 1 13  ALA 13  13  13  ALA ALA A . n 
A 1 14  SER 14  14  14  SER SER A . n 
A 1 15  LEU 15  15  15  LEU LEU A . n 
A 1 16  GLY 16  16  16  GLY GLY A . n 
A 1 17  ASP 17  17  17  ASP ASP A . n 
A 1 18  ARG 18  18  18  ARG ARG A . n 
A 1 19  VAL 19  19  19  VAL VAL A . n 
A 1 20  THR 20  20  20  THR THR A . n 
A 1 21  ILE 21  21  21  ILE ILE A . n 
A 1 22  SER 22  22  22  SER SER A . n 
A 1 23  CYS 23  23  23  CYS CYS A . n 
A 1 24  ARG 24  24  24  ARG ARG A . n 
A 1 25  ALA 25  25  25  ALA ALA A . n 
A 1 26  SER 26  26  26  SER SER A . n 
A 1 27  GLN 27  27  27  GLN GLN A . n 
A 1 28  ASP 28  28  28  ASP ASP A . n 
A 1 29  ILE 29  29  29  ILE ILE A . n 
A 1 30  ASN 30  30  30  ASN ASN A . n 
A 1 31  ASN 31  31  31  ASN ASN A . n 
A 1 32  TYR 32  32  32  TYR TYR A . n 
A 1 33  LEU 33  33  33  LEU LEU A . n 
A 1 34  ASN 34  34  34  ASN ASN A . n 
A 1 35  TRP 35  35  35  TRP TRP A . n 
A 1 36  TYR 36  36  36  TYR TYR A . n 
A 1 37  GLN 37  37  37  GLN GLN A . n 
A 1 38  GLN 38  38  38  GLN GLN A . n 
A 1 39  LYS 39  39  39  LYS LYS A . n 
A 1 40  PRO 40  40  40  PRO PRO A . n 
A 1 41  ASP 41  41  41  ASP ASP A . n 
A 1 42  GLY 42  42  42  GLY GLY A . n 
A 1 43  THR 43  43  43  THR THR A . n 
A 1 44  VAL 44  44  44  VAL VAL A . n 
A 1 45  LYS 45  45  45  LYS LYS A . n 
A 1 46  LEU 46  46  46  LEU LEU A . n 
A 1 47  LEU 47  47  47  LEU LEU A . n 
A 1 48  ILE 48  48  48  ILE ILE A . n 
A 1 49  HIS 49  49  49  HIS HIS A . n 
A 1 50  TYR 50  50  50  TYR TYR A . n 
A 1 51  THR 51  51  51  THR THR A . n 
A 1 52  SER 52  52  52  SER SER A . n 
A 1 53  ARG 53  53  53  ARG ARG A . n 
A 1 54  LEU 54  54  54  LEU LEU A . n 
A 1 55  HIS 55  55  55  HIS HIS A . n 
A 1 56  SER 56  56  56  SER SER A . n 
A 1 57  GLY 57  57  57  GLY GLY A . n 
A 1 58  VAL 58  58  58  VAL VAL A . n 
A 1 59  PRO 59  59  59  PRO PRO A . n 
A 1 60  SER 60  60  60  SER SER A . n 
A 1 61  ARG 61  61  61  ARG ARG A . n 
A 1 62  PHE 62  62  62  PHE PHE A . n 
A 1 63  SER 63  63  63  SER SER A . n 
A 1 64  GLY 64  64  64  GLY GLY A . n 
A 1 65  SER 65  65  65  SER SER A . n 
A 1 66  GLY 66  66  66  GLY GLY A . n 
A 1 67  SER 67  67  67  SER SER A . n 
A 1 68  GLY 68  68  68  GLY GLY A . n 
A 1 69  THR 69  69  69  THR THR A . n 
A 1 70  ASP 70  70  70  ASP ASP A . n 
A 1 71  TYR 71  71  71  TYR TYR A . n 
A 1 72  SER 72  72  72  SER SER A . n 
A 1 73  LEU 73  73  73  LEU LEU A . n 
A 1 74  THR 74  74  74  THR THR A . n 
A 1 75  ILE 75  75  75  ILE ILE A . n 
A 1 76  SER 76  76  76  SER SER A . n 
A 1 77  ASN 77  77  77  ASN ASN A . n 
A 1 78  LEU 78  78  78  LEU LEU A . n 
A 1 79  GLU 79  79  79  GLU GLU A . n 
A 1 80  GLN 80  80  80  GLN GLN A . n 
A 1 81  GLU 81  81  81  GLU GLU A . n 
A 1 82  ASP 82  82  82  ASP ASP A . n 
A 1 83  ILE 83  83  83  ILE ILE A . n 
A 1 84  ALA 84  84  84  ALA ALA A . n 
A 1 85  THR 85  85  85  THR THR A . n 
A 1 86  TYR 86  86  86  TYR TYR A . n 
A 1 87  PHE 87  87  87  PHE PHE A . n 
A 1 88  CYS 88  88  88  CYS CYS A . n 
A 1 89  GLN 89  89  89  GLN GLN A . n 
A 1 90  GLN 90  90  90  GLN GLN A . n 
A 1 91  GLY 91  91  91  GLY GLY A . n 
A 1 92  ASN 92  92  92  ASN ASN A . n 
A 1 93  THR 93  93  93  THR THR A . n 
A 1 94  LEU 94  94  94  LEU LEU A . n 
A 1 95  PRO 95  95  95  PRO PRO A . n 
A 1 96  TRP 96  96  96  TRP TRP A . n 
A 1 97  THR 97  97  97  THR THR A . n 
A 1 98  PHE 98  98  98  PHE PHE A . n 
A 1 99  GLY 99  99  99  GLY GLY A . n 
A 1 100 GLY 100 100 100 GLY GLY A . n 
A 1 101 GLY 101 101 101 GLY GLY A . n 
A 1 102 THR 102 102 102 THR THR A . n 
A 1 103 LYS 103 103 103 LYS LYS A . n 
A 1 104 LEU 104 104 104 LEU LEU A . n 
A 1 105 GLU 105 105 105 GLU GLU A . n 
A 1 106 ILE 106 106 106 ILE ILE A . n 
A 1 107 LYS 107 107 107 LYS LYS A . n 
B 2 1   GLN 1   301 301 GLN GLN B . n 
B 2 2   VAL 2   302 302 VAL VAL B . n 
B 2 3   GLN 3   303 303 GLN GLN B . n 
B 2 4   LEU 4   304 304 LEU LEU B . n 
B 2 5   GLN 5   305 305 GLN GLN B . n 
B 2 6   GLN 6   306 306 GLN GLN B . n 
B 2 7   PRO 7   307 307 PRO PRO B . n 
B 2 8   GLY 8   308 308 GLY GLY B . n 
B 2 9   ALA 9   309 309 ALA ALA B . n 
B 2 10  GLU 10  310 310 GLU GLU B . n 
B 2 11  LEU 11  311 311 LEU LEU B . n 
B 2 12  VAL 12  312 312 VAL VAL B . n 
B 2 13  LYS 13  313 313 LYS LYS B . n 
B 2 14  PRO 14  314 314 PRO PRO B . n 
B 2 15  GLY 15  315 315 GLY GLY B . n 
B 2 16  THR 16  316 316 THR THR B . n 
B 2 17  SER 17  317 317 SER SER B . n 
B 2 18  VAL 18  318 318 VAL VAL B . n 
B 2 19  LYS 19  319 319 LYS LYS B . n 
B 2 20  LEU 20  320 320 LEU LEU B . n 
B 2 21  SER 21  321 321 SER SER B . n 
B 2 22  CYS 22  322 322 CYS CYS B . n 
B 2 23  LYS 23  323 323 LYS LYS B . n 
B 2 24  ALA 24  324 324 ALA ALA B . n 
B 2 25  SER 25  325 325 SER SER B . n 
B 2 26  GLY 26  326 326 GLY GLY B . n 
B 2 27  TYR 27  327 327 TYR TYR B . n 
B 2 28  ASN 28  328 328 ASN ASN B . n 
B 2 29  PHE 29  329 329 PHE PHE B . n 
B 2 30  THR 30  330 330 THR THR B . n 
B 2 31  SER 31  331 331 SER SER B . n 
B 2 32  TYR 32  332 332 TYR TYR B . n 
B 2 33  TRP 33  333 333 TRP TRP B . n 
B 2 34  ILE 34  334 334 ILE ILE B . n 
B 2 35  ASN 35  335 335 ASN ASN B . n 
B 2 36  TRP 36  336 336 TRP TRP B . n 
B 2 37  VAL 37  337 337 VAL VAL B . n 
B 2 38  LYS 38  338 338 LYS LYS B . n 
B 2 39  LEU 39  339 339 LEU LEU B . n 
B 2 40  ARG 40  340 340 ARG ARG B . n 
B 2 41  PRO 41  341 341 PRO PRO B . n 
B 2 42  GLY 42  342 342 GLY GLY B . n 
B 2 43  GLN 43  343 343 GLN GLN B . n 
B 2 44  GLY 44  344 344 GLY GLY B . n 
B 2 45  LEU 45  345 345 LEU LEU B . n 
B 2 46  GLU 46  346 346 GLU GLU B . n 
B 2 47  TRP 47  347 347 TRP TRP B . n 
B 2 48  ILE 48  348 348 ILE ILE B . n 
B 2 49  GLY 49  349 349 GLY GLY B . n 
B 2 50  ASP 50  350 350 ASP ASP B . n 
B 2 51  ILE 51  351 351 ILE ILE B . n 
B 2 52  TYR 52  352 352 TYR TYR B . n 
B 2 53  PRO 53  353 353 PRO PRO B . n 
B 2 54  GLY 54  354 354 GLY GLY B . n 
B 2 55  SER 55  355 355 SER SER B . n 
B 2 56  GLY 56  356 356 GLY GLY B . n 
B 2 57  ILE 57  357 357 ILE ILE B . n 
B 2 58  THR 58  358 358 THR THR B . n 
B 2 59  ASN 59  359 359 ASN ASN B . n 
B 2 60  TYR 60  360 360 TYR TYR B . n 
B 2 61  ASN 61  361 361 ASN ASN B . n 
B 2 62  GLU 62  362 362 GLU GLU B . n 
B 2 63  LYS 63  363 363 LYS LYS B . n 
B 2 64  PHE 64  364 364 PHE PHE B . n 
B 2 65  LYS 65  365 365 LYS LYS B . n 
B 2 66  SER 66  366 366 SER SER B . n 
B 2 67  LYS 67  367 367 LYS LYS B . n 
B 2 68  ALA 68  368 368 ALA ALA B . n 
B 2 69  THR 69  369 369 THR THR B . n 
B 2 70  LEU 70  370 370 LEU LEU B . n 
B 2 71  THR 71  371 371 THR THR B . n 
B 2 72  VAL 72  372 372 VAL VAL B . n 
B 2 73  ASP 73  373 373 ASP ASP B . n 
B 2 74  THR 74  374 374 THR THR B . n 
B 2 75  SER 75  375 375 SER SER B . n 
B 2 76  SER 76  376 376 SER SER B . n 
B 2 77  SER 77  377 377 SER SER B . n 
B 2 78  THR 78  378 378 THR THR B . n 
B 2 79  ALA 79  379 379 ALA ALA B . n 
B 2 80  TYR 80  380 380 TYR TYR B . n 
B 2 81  MET 81  381 381 MET MET B . n 
B 2 82  GLN 82  382 382 GLN GLN B . n 
B 2 83  LEU 83  383 383 LEU LEU B . n 
B 2 84  SER 84  384 384 SER SER B . n 
B 2 85  SER 85  385 385 SER SER B . n 
B 2 86  LEU 86  386 386 LEU LEU B . n 
B 2 87  ALA 87  387 387 ALA ALA B . n 
B 2 88  SER 88  388 388 SER SER B . n 
B 2 89  GLU 89  389 389 GLU GLU B . n 
B 2 90  ASP 90  390 390 ASP ASP B . n 
B 2 91  SER 91  391 391 SER SER B . n 
B 2 92  ALA 92  392 392 ALA ALA B . n 
B 2 93  LEU 93  393 393 LEU LEU B . n 
B 2 94  TYR 94  394 394 TYR TYR B . n 
B 2 95  TYR 95  395 395 TYR TYR B . n 
B 2 96  CYS 96  396 396 CYS CYS B . n 
B 2 97  ALA 97  397 397 ALA ALA B . n 
B 2 98  GLY 98  398 398 GLY GLY B . n 
B 2 99  GLN 99  399 399 GLN GLN B . n 
B 2 100 TYR 100 400 400 TYR TYR B . n 
B 2 101 GLY 101 401 401 GLY GLY B . n 
B 2 102 ASN 102 402 402 ASN ASN B . n 
B 2 103 LEU 103 403 403 LEU LEU B . n 
B 2 104 TRP 104 404 404 TRP TRP B . n 
B 2 105 PHE 105 405 405 PHE PHE B . n 
B 2 106 ALA 106 406 406 ALA ALA B . n 
B 2 107 TYR 107 407 407 TYR TYR B . n 
B 2 108 TRP 108 408 408 TRP TRP B . n 
B 2 109 GLY 109 409 409 GLY GLY B . n 
B 2 110 GLN 110 410 410 GLN GLN B . n 
B 2 111 GLY 111 411 411 GLY GLY B . n 
B 2 112 THR 112 412 412 THR THR B . n 
B 2 113 LEU 113 413 413 LEU LEU B . n 
B 2 114 VAL 114 414 414 VAL VAL B . n 
B 2 115 THR 115 415 415 THR THR B . n 
B 2 116 VAL 116 416 416 VAL VAL B . n 
B 2 117 SER 117 417 417 SER SER B . n 
# 
loop_
_pdbx_nonpoly_scheme.asym_id 
_pdbx_nonpoly_scheme.entity_id 
_pdbx_nonpoly_scheme.mon_id 
_pdbx_nonpoly_scheme.ndb_seq_num 
_pdbx_nonpoly_scheme.pdb_seq_num 
_pdbx_nonpoly_scheme.auth_seq_num 
_pdbx_nonpoly_scheme.pdb_mon_id 
_pdbx_nonpoly_scheme.auth_mon_id 
_pdbx_nonpoly_scheme.pdb_strand_id 
_pdbx_nonpoly_scheme.pdb_ins_code 
C 3 HOH 1  802 802 HOH TIP A . 
C 3 HOH 2  803 803 HOH TIP A . 
C 3 HOH 3  805 805 HOH TIP A . 
C 3 HOH 4  806 806 HOH TIP A . 
C 3 HOH 5  807 807 HOH TIP A . 
C 3 HOH 6  808 808 HOH TIP A . 
C 3 HOH 7  809 809 HOH TIP A . 
C 3 HOH 8  811 811 HOH TIP A . 
C 3 HOH 9  812 812 HOH TIP A . 
C 3 HOH 10 813 813 HOH TIP A . 
C 3 HOH 11 814 814 HOH TIP A . 
C 3 HOH 12 816 816 HOH TIP A . 
C 3 HOH 13 817 817 HOH TIP A . 
C 3 HOH 14 818 818 HOH TIP A . 
C 3 HOH 15 819 819 HOH TIP A . 
C 3 HOH 16 823 823 HOH TIP A . 
C 3 HOH 17 827 827 HOH TIP A . 
C 3 HOH 18 828 828 HOH TIP A . 
C 3 HOH 19 838 838 HOH TIP A . 
C 3 HOH 20 840 840 HOH TIP A . 
C 3 HOH 21 841 841 HOH TIP A . 
C 3 HOH 22 842 842 HOH TIP A . 
C 3 HOH 23 843 843 HOH TIP A . 
C 3 HOH 24 844 844 HOH TIP A . 
C 3 HOH 25 845 845 HOH TIP A . 
C 3 HOH 26 846 846 HOH TIP A . 
C 3 HOH 27 847 847 HOH TIP A . 
C 3 HOH 28 848 848 HOH TIP A . 
C 3 HOH 29 851 851 HOH TIP A . 
C 3 HOH 30 852 852 HOH TIP A . 
C 3 HOH 31 853 853 HOH TIP A . 
C 3 HOH 32 854 854 HOH TIP A . 
C 3 HOH 33 855 855 HOH TIP A . 
C 3 HOH 34 856 856 HOH TIP A . 
C 3 HOH 35 857 857 HOH TIP A . 
C 3 HOH 36 858 858 HOH TIP A . 
C 3 HOH 37 859 859 HOH TIP A . 
D 3 HOH 1  801 801 HOH TIP B . 
D 3 HOH 2  804 804 HOH TIP B . 
D 3 HOH 3  810 810 HOH TIP B . 
D 3 HOH 4  815 815 HOH TIP B . 
D 3 HOH 5  820 820 HOH TIP B . 
D 3 HOH 6  821 821 HOH TIP B . 
D 3 HOH 7  822 822 HOH TIP B . 
D 3 HOH 8  824 824 HOH TIP B . 
D 3 HOH 9  825 825 HOH TIP B . 
D 3 HOH 10 826 826 HOH TIP B . 
D 3 HOH 11 829 829 HOH TIP B . 
D 3 HOH 12 830 830 HOH TIP B . 
D 3 HOH 13 831 831 HOH TIP B . 
D 3 HOH 14 832 832 HOH TIP B . 
D 3 HOH 15 833 833 HOH TIP B . 
D 3 HOH 16 834 834 HOH TIP B . 
D 3 HOH 17 835 835 HOH TIP B . 
D 3 HOH 18 836 836 HOH TIP B . 
D 3 HOH 19 837 837 HOH TIP B . 
D 3 HOH 20 839 839 HOH TIP B . 
D 3 HOH 21 849 849 HOH TIP B . 
D 3 HOH 22 850 850 HOH TIP B . 
D 3 HOH 23 860 860 HOH TIP B . 
D 3 HOH 24 861 861 HOH TIP B . 
D 3 HOH 25 862 862 HOH TIP B . 
# 
loop_
_software.name 
_software.classification 
_software.version 
_software.citation_id 
_software.pdbx_ordinal 
CAD4     'data collection' .           ? 1 
ROTAVATA 'data reduction'  .           ? 2 
MERLOT   phasing           .           ? 3 
X-PLOR   refinement        3.1         ? 4 
CAD4     'data reduction'  .           ? 5 
CCP4     'data scaling'    '(AGROVATA' ? 6 
ROTAVATA 'data scaling'    .           ? 7 
# 
_cell.entry_id           1JV5 
_cell.length_a           51.71 
_cell.length_b           57.96 
_cell.length_c           83.58 
_cell.angle_alpha        90 
_cell.angle_beta         90 
_cell.angle_gamma        90 
_cell.Z_PDB              4 
_cell.pdbx_unique_axis   ? 
# 
_symmetry.entry_id                         1JV5 
_symmetry.space_group_name_H-M             'P 21 21 21' 
_symmetry.pdbx_full_space_group_name_H-M   ? 
_symmetry.cell_setting                     ? 
_symmetry.Int_Tables_number                19 
# 
_exptl.entry_id          1JV5 
_exptl.method            'X-RAY DIFFRACTION' 
_exptl.crystals_number   1 
# 
_exptl_crystal.id                    1 
_exptl_crystal.density_meas          ? 
_exptl_crystal.density_Matthews      2.54 
_exptl_crystal.density_percent_sol   51.50 
_exptl_crystal.description           ? 
# 
_exptl_crystal_grow.crystal_id      1 
_exptl_crystal_grow.method          'VAPOR DIFFUSION, HANGING DROP' 
_exptl_crystal_grow.temp            300 
_exptl_crystal_grow.temp_details    ? 
_exptl_crystal_grow.pH              7.0 
_exptl_crystal_grow.pdbx_details    'PEG 4000, HEPES, Calcium Chloride, pH 7.0, VAPOR DIFFUSION, HANGING DROP, temperature 300K' 
_exptl_crystal_grow.pdbx_pH_range   ? 
# 
_diffrn.id                     1 
_diffrn.ambient_temp           300 
_diffrn.ambient_temp_details   ? 
_diffrn.crystal_id             1 
# 
_diffrn_detector.diffrn_id              1 
_diffrn_detector.detector               DIFFRACTOMETER 
_diffrn_detector.type                   'ENRAF-NONIUS FAST' 
_diffrn_detector.pdbx_collection_date   1994-10-15 
_diffrn_detector.details                ? 
# 
_diffrn_radiation.diffrn_id                        1 
_diffrn_radiation.wavelength_id                    1 
_diffrn_radiation.pdbx_monochromatic_or_laue_m_l   M 
_diffrn_radiation.monochromator                    graphite 
_diffrn_radiation.pdbx_diffrn_protocol             'SINGLE WAVELENGTH' 
_diffrn_radiation.pdbx_scattering_type             x-ray 
# 
_diffrn_radiation_wavelength.id           1 
_diffrn_radiation_wavelength.wavelength   1.54 
_diffrn_radiation_wavelength.wt           1.0 
# 
_diffrn_source.diffrn_id                   1 
_diffrn_source.source                      'ROTATING ANODE' 
_diffrn_source.type                        ENRAF-NONIUS 
_diffrn_source.pdbx_synchrotron_site       ? 
_diffrn_source.pdbx_synchrotron_beamline   ? 
_diffrn_source.pdbx_wavelength             ? 
_diffrn_source.pdbx_wavelength_list        1.54 
# 
_reflns.entry_id                     1JV5 
_reflns.observed_criterion_sigma_I   1.5 
_reflns.observed_criterion_sigma_F   3.0 
_reflns.d_resolution_low             20.0 
_reflns.d_resolution_high            2.2 
_reflns.number_obs                   12350 
_reflns.number_all                   12350 
_reflns.percent_possible_obs         93.0 
_reflns.pdbx_Rmerge_I_obs            0.1 
_reflns.pdbx_Rsym_value              ? 
_reflns.pdbx_netI_over_sigmaI        ? 
_reflns.B_iso_Wilson_estimate        ? 
_reflns.pdbx_redundancy              ? 
_reflns.R_free_details               ? 
_reflns.limit_h_max                  ? 
_reflns.limit_h_min                  ? 
_reflns.limit_k_max                  ? 
_reflns.limit_k_min                  ? 
_reflns.limit_l_max                  ? 
_reflns.limit_l_min                  ? 
_reflns.observed_criterion_F_max     ? 
_reflns.observed_criterion_F_min     ? 
_reflns.pdbx_diffrn_id               1 
_reflns.pdbx_ordinal                 1 
# 
_reflns_shell.d_res_high             2.2 
_reflns_shell.d_res_low              2.31 
_reflns_shell.percent_possible_all   71.8 
_reflns_shell.Rmerge_I_obs           0.073 
_reflns_shell.pdbx_Rsym_value        ? 
_reflns_shell.meanI_over_sigI_obs    9.3 
_reflns_shell.pdbx_redundancy        ? 
_reflns_shell.percent_possible_obs   ? 
_reflns_shell.number_unique_all      674 
_reflns_shell.pdbx_diffrn_id         ? 
_reflns_shell.pdbx_ordinal           1 
# 
_refine.entry_id                                 1JV5 
_refine.ls_number_reflns_obs                     9440 
_refine.ls_number_reflns_all                     11626 
_refine.pdbx_ls_sigma_I                          ? 
_refine.pdbx_ls_sigma_F                          3.0 
_refine.pdbx_data_cutoff_high_absF               ? 
_refine.pdbx_data_cutoff_low_absF                ? 
_refine.ls_d_res_low                             6.0 
_refine.ls_d_res_high                            2.2 
_refine.ls_percent_reflns_obs                    ? 
_refine.ls_R_factor_obs                          0.183 
_refine.ls_R_factor_all                          0.243 
_refine.ls_R_factor_R_work                       0.183 
_refine.ls_R_factor_R_free                       0.223 
_refine.ls_R_factor_R_free_error                 ? 
_refine.ls_R_factor_R_free_error_details         ? 
_refine.ls_percent_reflns_R_free                 ? 
_refine.ls_number_reflns_R_free                  1266 
_refine.ls_number_parameters                     ? 
_refine.ls_number_restraints                     ? 
_refine.occupancy_min                            ? 
_refine.occupancy_max                            ? 
_refine.B_iso_mean                               ? 
_refine.aniso_B[1][1]                            ? 
_refine.aniso_B[2][2]                            ? 
_refine.aniso_B[3][3]                            ? 
_refine.aniso_B[1][2]                            ? 
_refine.aniso_B[1][3]                            ? 
_refine.aniso_B[2][3]                            ? 
_refine.solvent_model_details                    ? 
_refine.solvent_model_param_ksol                 ? 
_refine.solvent_model_param_bsol                 ? 
_refine.pdbx_ls_cross_valid_method               ? 
_refine.details                                  ? 
_refine.pdbx_starting_model                      ? 
_refine.pdbx_method_to_determine_struct          'MOLECULAR REPLACEMENT' 
_refine.pdbx_isotropic_thermal_model             ? 
_refine.pdbx_stereochemistry_target_values       'Engh & Huber' 
_refine.pdbx_stereochem_target_val_spec_case     ? 
_refine.pdbx_R_Free_selection_details            random 
_refine.pdbx_overall_ESU_R_Free                  ? 
_refine.overall_SU_B                             ? 
_refine.ls_redundancy_reflns_obs                 ? 
_refine.B_iso_min                                ? 
_refine.B_iso_max                                ? 
_refine.correlation_coeff_Fo_to_Fc               ? 
_refine.overall_SU_R_Cruickshank_DPI             ? 
_refine.overall_SU_R_free                        ? 
_refine.overall_SU_ML                            ? 
_refine.pdbx_overall_ESU_R                       ? 
_refine.pdbx_data_cutoff_high_rms_absF           ? 
_refine.correlation_coeff_Fo_to_Fc_free          ? 
_refine.pdbx_solvent_vdw_probe_radii             ? 
_refine.pdbx_solvent_ion_probe_radii             ? 
_refine.pdbx_solvent_shrinkage_radii             ? 
_refine.pdbx_refine_id                           'X-RAY DIFFRACTION' 
_refine.pdbx_diffrn_id                           1 
_refine.pdbx_TLS_residual_ADP_flag               ? 
_refine.pdbx_overall_phase_error                 ? 
_refine.pdbx_overall_SU_R_free_Cruickshank_DPI   ? 
_refine.pdbx_overall_SU_R_Blow_DPI               ? 
_refine.pdbx_overall_SU_R_free_Blow_DPI          ? 
# 
_refine_hist.pdbx_refine_id                   'X-RAY DIFFRACTION' 
_refine_hist.cycle_id                         LAST 
_refine_hist.pdbx_number_atoms_protein        2145 
_refine_hist.pdbx_number_atoms_nucleic_acid   0 
_refine_hist.pdbx_number_atoms_ligand         0 
_refine_hist.number_atoms_solvent             186 
_refine_hist.number_atoms_total               2331 
_refine_hist.d_res_high                       2.2 
_refine_hist.d_res_low                        6.0 
# 
loop_
_refine_ls_restr.type 
_refine_ls_restr.dev_ideal 
_refine_ls_restr.dev_ideal_target 
_refine_ls_restr.weight 
_refine_ls_restr.number 
_refine_ls_restr.pdbx_refine_id 
_refine_ls_restr.pdbx_restraint_function 
x_bond_d    0.006 ? ? ? 'X-RAY DIFFRACTION' ? 
x_angle_deg 1.412 ? ? ? 'X-RAY DIFFRACTION' ? 
# 
_refine_ls_shell.pdbx_total_number_of_bins_used   ? 
_refine_ls_shell.d_res_high                       2.20 
_refine_ls_shell.d_res_low                        3.21 
_refine_ls_shell.number_reflns_R_work             ? 
_refine_ls_shell.R_factor_R_work                  0.203 
_refine_ls_shell.percent_reflns_obs               71.8 
_refine_ls_shell.R_factor_R_free                  0.256 
_refine_ls_shell.R_factor_R_free_error            ? 
_refine_ls_shell.percent_reflns_R_free            ? 
_refine_ls_shell.number_reflns_R_free             59 
_refine_ls_shell.number_reflns_obs                674 
_refine_ls_shell.redundancy_reflns_obs            ? 
_refine_ls_shell.number_reflns_all                ? 
_refine_ls_shell.pdbx_refine_id                   'X-RAY DIFFRACTION' 
_refine_ls_shell.R_factor_all                     ? 
# 
_struct.entry_id                  1JV5 
_struct.title                     'Anti-blood group A Fv' 
_struct.pdbx_model_details        ? 
_struct.pdbx_CASP_flag            ? 
_struct.pdbx_model_type_details   ? 
# 
_struct_keywords.entry_id        1JV5 
_struct_keywords.pdbx_keywords   'Immune System, Sugar Binding Protein' 
_struct_keywords.text            'immunoglobulin, Immune System, Sugar Binding Protein' 
# 
loop_
_struct_asym.id 
_struct_asym.pdbx_blank_PDB_chainid_flag 
_struct_asym.pdbx_modified 
_struct_asym.entity_id 
_struct_asym.details 
A N N 1 ? 
B N N 2 ? 
C N N 3 ? 
D N N 3 ? 
# 
loop_
_struct_ref.id 
_struct_ref.db_name 
_struct_ref.db_code 
_struct_ref.entity_id 
_struct_ref.pdbx_seq_one_letter_code 
_struct_ref.pdbx_align_begin 
_struct_ref.pdbx_db_accession 
_struct_ref.pdbx_db_isoform 
1 UNP KV1B_HUMAN 1 
;DIQMTQTTSSLSASLGDRVTISCRASQDINNYLNWYQQKPDGTVKLLIHYTSRLHSGVPSRFSGSGSGTDYSLTISNLEQ
EDIATYFCQQGNTLPWTFGGGTKLEIK
;
15 P01594 ? 
2 GB  E29380     2 
;QVQLQQPGAELVKPGTSVKLSCKASGYNFTSYWINWVKLRPGQGLEWIGDIYPGSGITNYNEKFKSKATLTVDTSSSTAY
MQLSSLASEDSALYYCAGQYGNLWFAYWGQGTLVTVS
;
20 90683  ? 
# 
loop_
_struct_ref_seq.align_id 
_struct_ref_seq.ref_id 
_struct_ref_seq.pdbx_PDB_id_code 
_struct_ref_seq.pdbx_strand_id 
_struct_ref_seq.seq_align_beg 
_struct_ref_seq.pdbx_seq_align_beg_ins_code 
_struct_ref_seq.seq_align_end 
_struct_ref_seq.pdbx_seq_align_end_ins_code 
_struct_ref_seq.pdbx_db_accession 
_struct_ref_seq.db_align_beg 
_struct_ref_seq.pdbx_db_align_beg_ins_code 
_struct_ref_seq.db_align_end 
_struct_ref_seq.pdbx_db_align_end_ins_code 
_struct_ref_seq.pdbx_auth_seq_align_beg 
_struct_ref_seq.pdbx_auth_seq_align_end 
1 1 1JV5 A 1 ? 107 ? P01594 15 ? 121 ? 1   107 
2 2 1JV5 B 1 ? 117 ? 90683  20 ? 136 ? 301 417 
# 
_pdbx_struct_assembly.id                   1 
_pdbx_struct_assembly.details              author_and_software_defined_assembly 
_pdbx_struct_assembly.method_details       PISA 
_pdbx_struct_assembly.oligomeric_details   dimeric 
_pdbx_struct_assembly.oligomeric_count     2 
# 
loop_
_pdbx_struct_assembly_prop.biol_id 
_pdbx_struct_assembly_prop.type 
_pdbx_struct_assembly_prop.value 
_pdbx_struct_assembly_prop.details 
1 'ABSA (A^2)' 1450  ? 
1 MORE         -10   ? 
1 'SSA (A^2)'  10340 ? 
# 
_pdbx_struct_assembly_gen.assembly_id       1 
_pdbx_struct_assembly_gen.oper_expression   1 
_pdbx_struct_assembly_gen.asym_id_list      A,B,C,D 
# 
_pdbx_struct_oper_list.id                   1 
_pdbx_struct_oper_list.type                 'identity operation' 
_pdbx_struct_oper_list.name                 1_555 
_pdbx_struct_oper_list.symmetry_operation   x,y,z 
_pdbx_struct_oper_list.matrix[1][1]         1.0000000000 
_pdbx_struct_oper_list.matrix[1][2]         0.0000000000 
_pdbx_struct_oper_list.matrix[1][3]         0.0000000000 
_pdbx_struct_oper_list.vector[1]            0.0000000000 
_pdbx_struct_oper_list.matrix[2][1]         0.0000000000 
_pdbx_struct_oper_list.matrix[2][2]         1.0000000000 
_pdbx_struct_oper_list.matrix[2][3]         0.0000000000 
_pdbx_struct_oper_list.vector[2]            0.0000000000 
_pdbx_struct_oper_list.matrix[3][1]         0.0000000000 
_pdbx_struct_oper_list.matrix[3][2]         0.0000000000 
_pdbx_struct_oper_list.matrix[3][3]         1.0000000000 
_pdbx_struct_oper_list.vector[3]            0.0000000000 
# 
_struct_biol.id                    1 
_struct_biol.pdbx_parent_biol_id   ? 
_struct_biol.details               ? 
# 
loop_
_struct_conf.conf_type_id 
_struct_conf.id 
_struct_conf.pdbx_PDB_helix_id 
_struct_conf.beg_label_comp_id 
_struct_conf.beg_label_asym_id 
_struct_conf.beg_label_seq_id 
_struct_conf.pdbx_beg_PDB_ins_code 
_struct_conf.end_label_comp_id 
_struct_conf.end_label_asym_id 
_struct_conf.end_label_seq_id 
_struct_conf.pdbx_end_PDB_ins_code 
_struct_conf.beg_auth_comp_id 
_struct_conf.beg_auth_asym_id 
_struct_conf.beg_auth_seq_id 
_struct_conf.end_auth_comp_id 
_struct_conf.end_auth_asym_id 
_struct_conf.end_auth_seq_id 
_struct_conf.pdbx_PDB_helix_class 
_struct_conf.details 
_struct_conf.pdbx_PDB_helix_length 
HELX_P HELX_P1 2 ASN B 28 ? TYR B 32 ? ASN B 328 TYR B 332 5 ? 5 
HELX_P HELX_P2 3 ALA B 87 ? SER B 91 ? ALA B 387 SER B 391 5 ? 5 
# 
_struct_conf_type.id          HELX_P 
_struct_conf_type.criteria    ? 
_struct_conf_type.reference   ? 
# 
loop_
_struct_conn.id 
_struct_conn.conn_type_id 
_struct_conn.pdbx_leaving_atom_flag 
_struct_conn.pdbx_PDB_id 
_struct_conn.ptnr1_label_asym_id 
_struct_conn.ptnr1_label_comp_id 
_struct_conn.ptnr1_label_seq_id 
_struct_conn.ptnr1_label_atom_id 
_struct_conn.pdbx_ptnr1_label_alt_id 
_struct_conn.pdbx_ptnr1_PDB_ins_code 
_struct_conn.pdbx_ptnr1_standard_comp_id 
_struct_conn.ptnr1_symmetry 
_struct_conn.ptnr2_label_asym_id 
_struct_conn.ptnr2_label_comp_id 
_struct_conn.ptnr2_label_seq_id 
_struct_conn.ptnr2_label_atom_id 
_struct_conn.pdbx_ptnr2_label_alt_id 
_struct_conn.pdbx_ptnr2_PDB_ins_code 
_struct_conn.ptnr1_auth_asym_id 
_struct_conn.ptnr1_auth_comp_id 
_struct_conn.ptnr1_auth_seq_id 
_struct_conn.ptnr2_auth_asym_id 
_struct_conn.ptnr2_auth_comp_id 
_struct_conn.ptnr2_auth_seq_id 
_struct_conn.ptnr2_symmetry 
_struct_conn.pdbx_ptnr3_label_atom_id 
_struct_conn.pdbx_ptnr3_label_seq_id 
_struct_conn.pdbx_ptnr3_label_comp_id 
_struct_conn.pdbx_ptnr3_label_asym_id 
_struct_conn.pdbx_ptnr3_label_alt_id 
_struct_conn.pdbx_ptnr3_PDB_ins_code 
_struct_conn.details 
_struct_conn.pdbx_dist_value 
_struct_conn.pdbx_value_order 
_struct_conn.pdbx_role 
disulf1 disulf ? ? A CYS 23 SG ? ? ? 1_555 A CYS 88 SG ? ? A CYS 23  A CYS 88  1_555 ? ? ? ? ? ? ? 2.028 ? ? 
disulf2 disulf ? ? B CYS 22 SG ? ? ? 1_555 B CYS 96 SG ? ? B CYS 322 B CYS 396 1_555 ? ? ? ? ? ? ? 2.028 ? ? 
# 
_struct_conn_type.id          disulf 
_struct_conn_type.criteria    ? 
_struct_conn_type.reference   ? 
# 
loop_
_pdbx_modification_feature.ordinal 
_pdbx_modification_feature.label_comp_id 
_pdbx_modification_feature.label_asym_id 
_pdbx_modification_feature.label_seq_id 
_pdbx_modification_feature.label_alt_id 
_pdbx_modification_feature.modified_residue_label_comp_id 
_pdbx_modification_feature.modified_residue_label_asym_id 
_pdbx_modification_feature.modified_residue_label_seq_id 
_pdbx_modification_feature.modified_residue_label_alt_id 
_pdbx_modification_feature.auth_comp_id 
_pdbx_modification_feature.auth_asym_id 
_pdbx_modification_feature.auth_seq_id 
_pdbx_modification_feature.PDB_ins_code 
_pdbx_modification_feature.symmetry 
_pdbx_modification_feature.modified_residue_auth_comp_id 
_pdbx_modification_feature.modified_residue_auth_asym_id 
_pdbx_modification_feature.modified_residue_auth_seq_id 
_pdbx_modification_feature.modified_residue_PDB_ins_code 
_pdbx_modification_feature.modified_residue_symmetry 
_pdbx_modification_feature.comp_id_linking_atom 
_pdbx_modification_feature.modified_residue_id_linking_atom 
_pdbx_modification_feature.modified_residue_id 
_pdbx_modification_feature.ref_pcm_id 
_pdbx_modification_feature.ref_comp_id 
_pdbx_modification_feature.type 
_pdbx_modification_feature.category 
1 CYS A 23 ? CYS A 88 ? CYS A 23  ? 1_555 CYS A 88  ? 1_555 SG SG . . . None 'Disulfide bridge' 
2 CYS B 22 ? CYS B 96 ? CYS B 322 ? 1_555 CYS B 396 ? 1_555 SG SG . . . None 'Disulfide bridge' 
# 
_struct_mon_prot_cis.pdbx_id                1 
_struct_mon_prot_cis.label_comp_id          LEU 
_struct_mon_prot_cis.label_seq_id           94 
_struct_mon_prot_cis.label_asym_id          A 
_struct_mon_prot_cis.label_alt_id           . 
_struct_mon_prot_cis.pdbx_PDB_ins_code      ? 
_struct_mon_prot_cis.auth_comp_id           LEU 
_struct_mon_prot_cis.auth_seq_id            94 
_struct_mon_prot_cis.auth_asym_id           A 
_struct_mon_prot_cis.pdbx_label_comp_id_2   PRO 
_struct_mon_prot_cis.pdbx_label_seq_id_2    95 
_struct_mon_prot_cis.pdbx_label_asym_id_2   A 
_struct_mon_prot_cis.pdbx_PDB_ins_code_2    ? 
_struct_mon_prot_cis.pdbx_auth_comp_id_2    PRO 
_struct_mon_prot_cis.pdbx_auth_seq_id_2     95 
_struct_mon_prot_cis.pdbx_auth_asym_id_2    A 
_struct_mon_prot_cis.pdbx_PDB_model_num     1 
_struct_mon_prot_cis.pdbx_omega_angle       0.02 
# 
loop_
_struct_sheet.id 
_struct_sheet.type 
_struct_sheet.number_strands 
_struct_sheet.details 
A ? 4 ? 
B ? 5 ? 
C ? 6 ? 
D ? 4 ? 
E ? 5 ? 
F ? 4 ? 
# 
loop_
_struct_sheet_order.sheet_id 
_struct_sheet_order.range_id_1 
_struct_sheet_order.range_id_2 
_struct_sheet_order.offset 
_struct_sheet_order.sense 
A 1 2 ? anti-parallel 
A 2 3 ? anti-parallel 
A 3 4 ? anti-parallel 
B 1 2 ? anti-parallel 
B 2 3 ? anti-parallel 
B 3 4 ? anti-parallel 
B 4 5 ? anti-parallel 
C 1 2 ? anti-parallel 
C 2 3 ? anti-parallel 
C 3 4 ? anti-parallel 
C 4 5 ? anti-parallel 
C 5 6 ? parallel      
D 1 2 ? anti-parallel 
D 2 3 ? anti-parallel 
D 3 4 ? anti-parallel 
E 1 2 ? anti-parallel 
E 2 3 ? anti-parallel 
E 3 4 ? anti-parallel 
E 4 5 ? anti-parallel 
F 1 2 ? anti-parallel 
F 2 3 ? anti-parallel 
F 3 4 ? parallel      
# 
loop_
_struct_sheet_range.sheet_id 
_struct_sheet_range.id 
_struct_sheet_range.beg_label_comp_id 
_struct_sheet_range.beg_label_asym_id 
_struct_sheet_range.beg_label_seq_id 
_struct_sheet_range.pdbx_beg_PDB_ins_code 
_struct_sheet_range.end_label_comp_id 
_struct_sheet_range.end_label_asym_id 
_struct_sheet_range.end_label_seq_id 
_struct_sheet_range.pdbx_end_PDB_ins_code 
_struct_sheet_range.beg_auth_comp_id 
_struct_sheet_range.beg_auth_asym_id 
_struct_sheet_range.beg_auth_seq_id 
_struct_sheet_range.end_auth_comp_id 
_struct_sheet_range.end_auth_asym_id 
_struct_sheet_range.end_auth_seq_id 
A 1 MET A 4   ? THR A 5   ? MET A 4   THR A 5   
A 2 VAL A 19  ? ALA A 25  ? VAL A 19  ALA A 25  
A 3 ASP A 70  ? ILE A 75  ? ASP A 70  ILE A 75  
A 4 PHE A 62  ? SER A 67  ? PHE A 62  SER A 67  
B 1 ARG A 53  ? LEU A 54  ? ARG A 53  LEU A 54  
B 2 VAL A 44  ? HIS A 49  ? VAL A 44  HIS A 49  
B 3 LEU A 33  ? GLN A 38  ? LEU A 33  GLN A 38  
B 4 THR A 85  ? GLN A 90  ? THR A 85  GLN A 90  
B 5 THR A 97  ? PHE A 98  ? THR A 97  PHE A 98  
C 1 ARG A 53  ? LEU A 54  ? ARG A 53  LEU A 54  
C 2 VAL A 44  ? HIS A 49  ? VAL A 44  HIS A 49  
C 3 LEU A 33  ? GLN A 38  ? LEU A 33  GLN A 38  
C 4 THR A 85  ? GLN A 90  ? THR A 85  GLN A 90  
C 5 THR A 102 ? ILE A 106 ? THR A 102 ILE A 106 
C 6 SER A 10  ? ALA A 13  ? SER A 10  ALA A 13  
D 1 LEU B 4   ? GLN B 5   ? LEU B 304 GLN B 305 
D 2 VAL B 18  ? ALA B 24  ? VAL B 318 ALA B 324 
D 3 THR B 78  ? LEU B 83  ? THR B 378 LEU B 383 
D 4 ALA B 68  ? ASP B 73  ? ALA B 368 ASP B 373 
E 1 LEU B 103 ? TRP B 108 ? LEU B 403 TRP B 408 
E 2 ALA B 92  ? TYR B 100 ? ALA B 392 TYR B 400 
E 3 ILE B 34  ? LEU B 39  ? ILE B 334 LEU B 339 
E 4 LEU B 45  ? ILE B 51  ? LEU B 345 ILE B 351 
E 5 THR B 58  ? TYR B 60  ? THR B 358 TYR B 360 
F 1 LEU B 103 ? TRP B 108 ? LEU B 403 TRP B 408 
F 2 ALA B 92  ? TYR B 100 ? ALA B 392 TYR B 400 
F 3 THR B 112 ? VAL B 116 ? THR B 412 VAL B 416 
F 4 ALA B 9   ? VAL B 12  ? ALA B 309 VAL B 312 
# 
loop_
_pdbx_struct_sheet_hbond.sheet_id 
_pdbx_struct_sheet_hbond.range_id_1 
_pdbx_struct_sheet_hbond.range_id_2 
_pdbx_struct_sheet_hbond.range_1_label_atom_id 
_pdbx_struct_sheet_hbond.range_1_label_comp_id 
_pdbx_struct_sheet_hbond.range_1_label_asym_id 
_pdbx_struct_sheet_hbond.range_1_label_seq_id 
_pdbx_struct_sheet_hbond.range_1_PDB_ins_code 
_pdbx_struct_sheet_hbond.range_1_auth_atom_id 
_pdbx_struct_sheet_hbond.range_1_auth_comp_id 
_pdbx_struct_sheet_hbond.range_1_auth_asym_id 
_pdbx_struct_sheet_hbond.range_1_auth_seq_id 
_pdbx_struct_sheet_hbond.range_2_label_atom_id 
_pdbx_struct_sheet_hbond.range_2_label_comp_id 
_pdbx_struct_sheet_hbond.range_2_label_asym_id 
_pdbx_struct_sheet_hbond.range_2_label_seq_id 
_pdbx_struct_sheet_hbond.range_2_PDB_ins_code 
_pdbx_struct_sheet_hbond.range_2_auth_atom_id 
_pdbx_struct_sheet_hbond.range_2_auth_comp_id 
_pdbx_struct_sheet_hbond.range_2_auth_asym_id 
_pdbx_struct_sheet_hbond.range_2_auth_seq_id 
A 1 2 N THR A 5   ? N THR A 5   O ARG A 24  ? O ARG A 24  
A 2 3 N CYS A 23  ? N CYS A 23  O TYR A 71  ? O TYR A 71  
A 3 4 O THR A 74  ? O THR A 74  N SER A 63  ? N SER A 63  
B 1 2 O ARG A 53  ? O ARG A 53  N HIS A 49  ? N HIS A 49  
B 2 3 O LEU A 47  ? O LEU A 47  N TRP A 35  ? N TRP A 35  
B 3 4 N TYR A 36  ? N TYR A 36  O PHE A 87  ? O PHE A 87  
B 4 5 N GLN A 90  ? N GLN A 90  O THR A 97  ? O THR A 97  
C 1 2 O ARG A 53  ? O ARG A 53  N HIS A 49  ? N HIS A 49  
C 2 3 O LEU A 47  ? O LEU A 47  N TRP A 35  ? N TRP A 35  
C 3 4 N TYR A 36  ? N TYR A 36  O PHE A 87  ? O PHE A 87  
C 4 5 N TYR A 86  ? N TYR A 86  O THR A 102 ? O THR A 102 
C 5 6 O LYS A 103 ? O LYS A 103 N LEU A 11  ? N LEU A 11  
D 1 2 N GLN B 5   ? N GLN B 305 O LYS B 23  ? O LYS B 323 
D 2 3 N CYS B 22  ? N CYS B 322 O ALA B 79  ? O ALA B 379 
D 3 4 O TYR B 80  ? O TYR B 380 N THR B 71  ? N THR B 371 
E 1 2 O TYR B 107 ? O TYR B 407 N GLY B 98  ? N GLY B 398 
E 2 3 O ALA B 97  ? O ALA B 397 N ASN B 35  ? N ASN B 335 
E 3 4 N TRP B 36  ? N TRP B 336 O ILE B 48  ? O ILE B 348 
E 4 5 N ASP B 50  ? N ASP B 350 O ASN B 59  ? O ASN B 359 
F 1 2 O TYR B 107 ? O TYR B 407 N GLY B 98  ? N GLY B 398 
F 2 3 N ALA B 92  ? N ALA B 392 O VAL B 114 ? O VAL B 414 
F 3 4 O THR B 115 ? O THR B 415 N VAL B 12  ? N VAL B 312 
# 
_pdbx_entry_details.entry_id                   1JV5 
_pdbx_entry_details.compound_details           ? 
_pdbx_entry_details.source_details             ? 
_pdbx_entry_details.nonpolymer_details         ? 
_pdbx_entry_details.sequence_details           ? 
_pdbx_entry_details.has_ligand_of_interest     ? 
_pdbx_entry_details.has_protein_modification   Y 
# 
loop_
_pdbx_validate_torsion.id 
_pdbx_validate_torsion.PDB_model_num 
_pdbx_validate_torsion.auth_comp_id 
_pdbx_validate_torsion.auth_asym_id 
_pdbx_validate_torsion.auth_seq_id 
_pdbx_validate_torsion.PDB_ins_code 
_pdbx_validate_torsion.label_alt_id 
_pdbx_validate_torsion.phi 
_pdbx_validate_torsion.psi 
1 1 LEU A 47  ? ? -100.71 -62.68  
2 1 THR A 51  ? ? 74.90   -51.57  
3 1 ALA A 84  ? ? -171.18 -167.38 
4 1 SER B 325 ? ? -105.35 -96.06  
5 1 GLU B 362 ? ? -54.77  -6.33   
6 1 TYR B 400 ? ? -172.77 137.03  
# 
loop_
_chem_comp_atom.comp_id 
_chem_comp_atom.atom_id 
_chem_comp_atom.type_symbol 
_chem_comp_atom.pdbx_aromatic_flag 
_chem_comp_atom.pdbx_stereo_config 
_chem_comp_atom.pdbx_ordinal 
ALA N    N N N 1   
ALA CA   C N S 2   
ALA C    C N N 3   
ALA O    O N N 4   
ALA CB   C N N 5   
ALA OXT  O N N 6   
ALA H    H N N 7   
ALA H2   H N N 8   
ALA HA   H N N 9   
ALA HB1  H N N 10  
ALA HB2  H N N 11  
ALA HB3  H N N 12  
ALA HXT  H N N 13  
ARG N    N N N 14  
ARG CA   C N S 15  
ARG C    C N N 16  
ARG O    O N N 17  
ARG CB   C N N 18  
ARG CG   C N N 19  
ARG CD   C N N 20  
ARG NE   N N N 21  
ARG CZ   C N N 22  
ARG NH1  N N N 23  
ARG NH2  N N N 24  
ARG OXT  O N N 25  
ARG H    H N N 26  
ARG H2   H N N 27  
ARG HA   H N N 28  
ARG HB2  H N N 29  
ARG HB3  H N N 30  
ARG HG2  H N N 31  
ARG HG3  H N N 32  
ARG HD2  H N N 33  
ARG HD3  H N N 34  
ARG HE   H N N 35  
ARG HH11 H N N 36  
ARG HH12 H N N 37  
ARG HH21 H N N 38  
ARG HH22 H N N 39  
ARG HXT  H N N 40  
ASN N    N N N 41  
ASN CA   C N S 42  
ASN C    C N N 43  
ASN O    O N N 44  
ASN CB   C N N 45  
ASN CG   C N N 46  
ASN OD1  O N N 47  
ASN ND2  N N N 48  
ASN OXT  O N N 49  
ASN H    H N N 50  
ASN H2   H N N 51  
ASN HA   H N N 52  
ASN HB2  H N N 53  
ASN HB3  H N N 54  
ASN HD21 H N N 55  
ASN HD22 H N N 56  
ASN HXT  H N N 57  
ASP N    N N N 58  
ASP CA   C N S 59  
ASP C    C N N 60  
ASP O    O N N 61  
ASP CB   C N N 62  
ASP CG   C N N 63  
ASP OD1  O N N 64  
ASP OD2  O N N 65  
ASP OXT  O N N 66  
ASP H    H N N 67  
ASP H2   H N N 68  
ASP HA   H N N 69  
ASP HB2  H N N 70  
ASP HB3  H N N 71  
ASP HD2  H N N 72  
ASP HXT  H N N 73  
CYS N    N N N 74  
CYS CA   C N R 75  
CYS C    C N N 76  
CYS O    O N N 77  
CYS CB   C N N 78  
CYS SG   S N N 79  
CYS OXT  O N N 80  
CYS H    H N N 81  
CYS H2   H N N 82  
CYS HA   H N N 83  
CYS HB2  H N N 84  
CYS HB3  H N N 85  
CYS HG   H N N 86  
CYS HXT  H N N 87  
GLN N    N N N 88  
GLN CA   C N S 89  
GLN C    C N N 90  
GLN O    O N N 91  
GLN CB   C N N 92  
GLN CG   C N N 93  
GLN CD   C N N 94  
GLN OE1  O N N 95  
GLN NE2  N N N 96  
GLN OXT  O N N 97  
GLN H    H N N 98  
GLN H2   H N N 99  
GLN HA   H N N 100 
GLN HB2  H N N 101 
GLN HB3  H N N 102 
GLN HG2  H N N 103 
GLN HG3  H N N 104 
GLN HE21 H N N 105 
GLN HE22 H N N 106 
GLN HXT  H N N 107 
GLU N    N N N 108 
GLU CA   C N S 109 
GLU C    C N N 110 
GLU O    O N N 111 
GLU CB   C N N 112 
GLU CG   C N N 113 
GLU CD   C N N 114 
GLU OE1  O N N 115 
GLU OE2  O N N 116 
GLU OXT  O N N 117 
GLU H    H N N 118 
GLU H2   H N N 119 
GLU HA   H N N 120 
GLU HB2  H N N 121 
GLU HB3  H N N 122 
GLU HG2  H N N 123 
GLU HG3  H N N 124 
GLU HE2  H N N 125 
GLU HXT  H N N 126 
GLY N    N N N 127 
GLY CA   C N N 128 
GLY C    C N N 129 
GLY O    O N N 130 
GLY OXT  O N N 131 
GLY H    H N N 132 
GLY H2   H N N 133 
GLY HA2  H N N 134 
GLY HA3  H N N 135 
GLY HXT  H N N 136 
HIS N    N N N 137 
HIS CA   C N S 138 
HIS C    C N N 139 
HIS O    O N N 140 
HIS CB   C N N 141 
HIS CG   C Y N 142 
HIS ND1  N Y N 143 
HIS CD2  C Y N 144 
HIS CE1  C Y N 145 
HIS NE2  N Y N 146 
HIS OXT  O N N 147 
HIS H    H N N 148 
HIS H2   H N N 149 
HIS HA   H N N 150 
HIS HB2  H N N 151 
HIS HB3  H N N 152 
HIS HD1  H N N 153 
HIS HD2  H N N 154 
HIS HE1  H N N 155 
HIS HE2  H N N 156 
HIS HXT  H N N 157 
HOH O    O N N 158 
HOH H1   H N N 159 
HOH H2   H N N 160 
ILE N    N N N 161 
ILE CA   C N S 162 
ILE C    C N N 163 
ILE O    O N N 164 
ILE CB   C N S 165 
ILE CG1  C N N 166 
ILE CG2  C N N 167 
ILE CD1  C N N 168 
ILE OXT  O N N 169 
ILE H    H N N 170 
ILE H2   H N N 171 
ILE HA   H N N 172 
ILE HB   H N N 173 
ILE HG12 H N N 174 
ILE HG13 H N N 175 
ILE HG21 H N N 176 
ILE HG22 H N N 177 
ILE HG23 H N N 178 
ILE HD11 H N N 179 
ILE HD12 H N N 180 
ILE HD13 H N N 181 
ILE HXT  H N N 182 
LEU N    N N N 183 
LEU CA   C N S 184 
LEU C    C N N 185 
LEU O    O N N 186 
LEU CB   C N N 187 
LEU CG   C N N 188 
LEU CD1  C N N 189 
LEU CD2  C N N 190 
LEU OXT  O N N 191 
LEU H    H N N 192 
LEU H2   H N N 193 
LEU HA   H N N 194 
LEU HB2  H N N 195 
LEU HB3  H N N 196 
LEU HG   H N N 197 
LEU HD11 H N N 198 
LEU HD12 H N N 199 
LEU HD13 H N N 200 
LEU HD21 H N N 201 
LEU HD22 H N N 202 
LEU HD23 H N N 203 
LEU HXT  H N N 204 
LYS N    N N N 205 
LYS CA   C N S 206 
LYS C    C N N 207 
LYS O    O N N 208 
LYS CB   C N N 209 
LYS CG   C N N 210 
LYS CD   C N N 211 
LYS CE   C N N 212 
LYS NZ   N N N 213 
LYS OXT  O N N 214 
LYS H    H N N 215 
LYS H2   H N N 216 
LYS HA   H N N 217 
LYS HB2  H N N 218 
LYS HB3  H N N 219 
LYS HG2  H N N 220 
LYS HG3  H N N 221 
LYS HD2  H N N 222 
LYS HD3  H N N 223 
LYS HE2  H N N 224 
LYS HE3  H N N 225 
LYS HZ1  H N N 226 
LYS HZ2  H N N 227 
LYS HZ3  H N N 228 
LYS HXT  H N N 229 
MET N    N N N 230 
MET CA   C N S 231 
MET C    C N N 232 
MET O    O N N 233 
MET CB   C N N 234 
MET CG   C N N 235 
MET SD   S N N 236 
MET CE   C N N 237 
MET OXT  O N N 238 
MET H    H N N 239 
MET H2   H N N 240 
MET HA   H N N 241 
MET HB2  H N N 242 
MET HB3  H N N 243 
MET HG2  H N N 244 
MET HG3  H N N 245 
MET HE1  H N N 246 
MET HE2  H N N 247 
MET HE3  H N N 248 
MET HXT  H N N 249 
PHE N    N N N 250 
PHE CA   C N S 251 
PHE C    C N N 252 
PHE O    O N N 253 
PHE CB   C N N 254 
PHE CG   C Y N 255 
PHE CD1  C Y N 256 
PHE CD2  C Y N 257 
PHE CE1  C Y N 258 
PHE CE2  C Y N 259 
PHE CZ   C Y N 260 
PHE OXT  O N N 261 
PHE H    H N N 262 
PHE H2   H N N 263 
PHE HA   H N N 264 
PHE HB2  H N N 265 
PHE HB3  H N N 266 
PHE HD1  H N N 267 
PHE HD2  H N N 268 
PHE HE1  H N N 269 
PHE HE2  H N N 270 
PHE HZ   H N N 271 
PHE HXT  H N N 272 
PRO N    N N N 273 
PRO CA   C N S 274 
PRO C    C N N 275 
PRO O    O N N 276 
PRO CB   C N N 277 
PRO CG   C N N 278 
PRO CD   C N N 279 
PRO OXT  O N N 280 
PRO H    H N N 281 
PRO HA   H N N 282 
PRO HB2  H N N 283 
PRO HB3  H N N 284 
PRO HG2  H N N 285 
PRO HG3  H N N 286 
PRO HD2  H N N 287 
PRO HD3  H N N 288 
PRO HXT  H N N 289 
SER N    N N N 290 
SER CA   C N S 291 
SER C    C N N 292 
SER O    O N N 293 
SER CB   C N N 294 
SER OG   O N N 295 
SER OXT  O N N 296 
SER H    H N N 297 
SER H2   H N N 298 
SER HA   H N N 299 
SER HB2  H N N 300 
SER HB3  H N N 301 
SER HG   H N N 302 
SER HXT  H N N 303 
THR N    N N N 304 
THR CA   C N S 305 
THR C    C N N 306 
THR O    O N N 307 
THR CB   C N R 308 
THR OG1  O N N 309 
THR CG2  C N N 310 
THR OXT  O N N 311 
THR H    H N N 312 
THR H2   H N N 313 
THR HA   H N N 314 
THR HB   H N N 315 
THR HG1  H N N 316 
THR HG21 H N N 317 
THR HG22 H N N 318 
THR HG23 H N N 319 
THR HXT  H N N 320 
TRP N    N N N 321 
TRP CA   C N S 322 
TRP C    C N N 323 
TRP O    O N N 324 
TRP CB   C N N 325 
TRP CG   C Y N 326 
TRP CD1  C Y N 327 
TRP CD2  C Y N 328 
TRP NE1  N Y N 329 
TRP CE2  C Y N 330 
TRP CE3  C Y N 331 
TRP CZ2  C Y N 332 
TRP CZ3  C Y N 333 
TRP CH2  C Y N 334 
TRP OXT  O N N 335 
TRP H    H N N 336 
TRP H2   H N N 337 
TRP HA   H N N 338 
TRP HB2  H N N 339 
TRP HB3  H N N 340 
TRP HD1  H N N 341 
TRP HE1  H N N 342 
TRP HE3  H N N 343 
TRP HZ2  H N N 344 
TRP HZ3  H N N 345 
TRP HH2  H N N 346 
TRP HXT  H N N 347 
TYR N    N N N 348 
TYR CA   C N S 349 
TYR C    C N N 350 
TYR O    O N N 351 
TYR CB   C N N 352 
TYR CG   C Y N 353 
TYR CD1  C Y N 354 
TYR CD2  C Y N 355 
TYR CE1  C Y N 356 
TYR CE2  C Y N 357 
TYR CZ   C Y N 358 
TYR OH   O N N 359 
TYR OXT  O N N 360 
TYR H    H N N 361 
TYR H2   H N N 362 
TYR HA   H N N 363 
TYR HB2  H N N 364 
TYR HB3  H N N 365 
TYR HD1  H N N 366 
TYR HD2  H N N 367 
TYR HE1  H N N 368 
TYR HE2  H N N 369 
TYR HH   H N N 370 
TYR HXT  H N N 371 
VAL N    N N N 372 
VAL CA   C N S 373 
VAL C    C N N 374 
VAL O    O N N 375 
VAL CB   C N N 376 
VAL CG1  C N N 377 
VAL CG2  C N N 378 
VAL OXT  O N N 379 
VAL H    H N N 380 
VAL H2   H N N 381 
VAL HA   H N N 382 
VAL HB   H N N 383 
VAL HG11 H N N 384 
VAL HG12 H N N 385 
VAL HG13 H N N 386 
VAL HG21 H N N 387 
VAL HG22 H N N 388 
VAL HG23 H N N 389 
VAL HXT  H N N 390 
# 
loop_
_chem_comp_bond.comp_id 
_chem_comp_bond.atom_id_1 
_chem_comp_bond.atom_id_2 
_chem_comp_bond.value_order 
_chem_comp_bond.pdbx_aromatic_flag 
_chem_comp_bond.pdbx_stereo_config 
_chem_comp_bond.pdbx_ordinal 
ALA N   CA   sing N N 1   
ALA N   H    sing N N 2   
ALA N   H2   sing N N 3   
ALA CA  C    sing N N 4   
ALA CA  CB   sing N N 5   
ALA CA  HA   sing N N 6   
ALA C   O    doub N N 7   
ALA C   OXT  sing N N 8   
ALA CB  HB1  sing N N 9   
ALA CB  HB2  sing N N 10  
ALA CB  HB3  sing N N 11  
ALA OXT HXT  sing N N 12  
ARG N   CA   sing N N 13  
ARG N   H    sing N N 14  
ARG N   H2   sing N N 15  
ARG CA  C    sing N N 16  
ARG CA  CB   sing N N 17  
ARG CA  HA   sing N N 18  
ARG C   O    doub N N 19  
ARG C   OXT  sing N N 20  
ARG CB  CG   sing N N 21  
ARG CB  HB2  sing N N 22  
ARG CB  HB3  sing N N 23  
ARG CG  CD   sing N N 24  
ARG CG  HG2  sing N N 25  
ARG CG  HG3  sing N N 26  
ARG CD  NE   sing N N 27  
ARG CD  HD2  sing N N 28  
ARG CD  HD3  sing N N 29  
ARG NE  CZ   sing N N 30  
ARG NE  HE   sing N N 31  
ARG CZ  NH1  sing N N 32  
ARG CZ  NH2  doub N N 33  
ARG NH1 HH11 sing N N 34  
ARG NH1 HH12 sing N N 35  
ARG NH2 HH21 sing N N 36  
ARG NH2 HH22 sing N N 37  
ARG OXT HXT  sing N N 38  
ASN N   CA   sing N N 39  
ASN N   H    sing N N 40  
ASN N   H2   sing N N 41  
ASN CA  C    sing N N 42  
ASN CA  CB   sing N N 43  
ASN CA  HA   sing N N 44  
ASN C   O    doub N N 45  
ASN C   OXT  sing N N 46  
ASN CB  CG   sing N N 47  
ASN CB  HB2  sing N N 48  
ASN CB  HB3  sing N N 49  
ASN CG  OD1  doub N N 50  
ASN CG  ND2  sing N N 51  
ASN ND2 HD21 sing N N 52  
ASN ND2 HD22 sing N N 53  
ASN OXT HXT  sing N N 54  
ASP N   CA   sing N N 55  
ASP N   H    sing N N 56  
ASP N   H2   sing N N 57  
ASP CA  C    sing N N 58  
ASP CA  CB   sing N N 59  
ASP CA  HA   sing N N 60  
ASP C   O    doub N N 61  
ASP C   OXT  sing N N 62  
ASP CB  CG   sing N N 63  
ASP CB  HB2  sing N N 64  
ASP CB  HB3  sing N N 65  
ASP CG  OD1  doub N N 66  
ASP CG  OD2  sing N N 67  
ASP OD2 HD2  sing N N 68  
ASP OXT HXT  sing N N 69  
CYS N   CA   sing N N 70  
CYS N   H    sing N N 71  
CYS N   H2   sing N N 72  
CYS CA  C    sing N N 73  
CYS CA  CB   sing N N 74  
CYS CA  HA   sing N N 75  
CYS C   O    doub N N 76  
CYS C   OXT  sing N N 77  
CYS CB  SG   sing N N 78  
CYS CB  HB2  sing N N 79  
CYS CB  HB3  sing N N 80  
CYS SG  HG   sing N N 81  
CYS OXT HXT  sing N N 82  
GLN N   CA   sing N N 83  
GLN N   H    sing N N 84  
GLN N   H2   sing N N 85  
GLN CA  C    sing N N 86  
GLN CA  CB   sing N N 87  
GLN CA  HA   sing N N 88  
GLN C   O    doub N N 89  
GLN C   OXT  sing N N 90  
GLN CB  CG   sing N N 91  
GLN CB  HB2  sing N N 92  
GLN CB  HB3  sing N N 93  
GLN CG  CD   sing N N 94  
GLN CG  HG2  sing N N 95  
GLN CG  HG3  sing N N 96  
GLN CD  OE1  doub N N 97  
GLN CD  NE2  sing N N 98  
GLN NE2 HE21 sing N N 99  
GLN NE2 HE22 sing N N 100 
GLN OXT HXT  sing N N 101 
GLU N   CA   sing N N 102 
GLU N   H    sing N N 103 
GLU N   H2   sing N N 104 
GLU CA  C    sing N N 105 
GLU CA  CB   sing N N 106 
GLU CA  HA   sing N N 107 
GLU C   O    doub N N 108 
GLU C   OXT  sing N N 109 
GLU CB  CG   sing N N 110 
GLU CB  HB2  sing N N 111 
GLU CB  HB3  sing N N 112 
GLU CG  CD   sing N N 113 
GLU CG  HG2  sing N N 114 
GLU CG  HG3  sing N N 115 
GLU CD  OE1  doub N N 116 
GLU CD  OE2  sing N N 117 
GLU OE2 HE2  sing N N 118 
GLU OXT HXT  sing N N 119 
GLY N   CA   sing N N 120 
GLY N   H    sing N N 121 
GLY N   H2   sing N N 122 
GLY CA  C    sing N N 123 
GLY CA  HA2  sing N N 124 
GLY CA  HA3  sing N N 125 
GLY C   O    doub N N 126 
GLY C   OXT  sing N N 127 
GLY OXT HXT  sing N N 128 
HIS N   CA   sing N N 129 
HIS N   H    sing N N 130 
HIS N   H2   sing N N 131 
HIS CA  C    sing N N 132 
HIS CA  CB   sing N N 133 
HIS CA  HA   sing N N 134 
HIS C   O    doub N N 135 
HIS C   OXT  sing N N 136 
HIS CB  CG   sing N N 137 
HIS CB  HB2  sing N N 138 
HIS CB  HB3  sing N N 139 
HIS CG  ND1  sing Y N 140 
HIS CG  CD2  doub Y N 141 
HIS ND1 CE1  doub Y N 142 
HIS ND1 HD1  sing N N 143 
HIS CD2 NE2  sing Y N 144 
HIS CD2 HD2  sing N N 145 
HIS CE1 NE2  sing Y N 146 
HIS CE1 HE1  sing N N 147 
HIS NE2 HE2  sing N N 148 
HIS OXT HXT  sing N N 149 
HOH O   H1   sing N N 150 
HOH O   H2   sing N N 151 
ILE N   CA   sing N N 152 
ILE N   H    sing N N 153 
ILE N   H2   sing N N 154 
ILE CA  C    sing N N 155 
ILE CA  CB   sing N N 156 
ILE CA  HA   sing N N 157 
ILE C   O    doub N N 158 
ILE C   OXT  sing N N 159 
ILE CB  CG1  sing N N 160 
ILE CB  CG2  sing N N 161 
ILE CB  HB   sing N N 162 
ILE CG1 CD1  sing N N 163 
ILE CG1 HG12 sing N N 164 
ILE CG1 HG13 sing N N 165 
ILE CG2 HG21 sing N N 166 
ILE CG2 HG22 sing N N 167 
ILE CG2 HG23 sing N N 168 
ILE CD1 HD11 sing N N 169 
ILE CD1 HD12 sing N N 170 
ILE CD1 HD13 sing N N 171 
ILE OXT HXT  sing N N 172 
LEU N   CA   sing N N 173 
LEU N   H    sing N N 174 
LEU N   H2   sing N N 175 
LEU CA  C    sing N N 176 
LEU CA  CB   sing N N 177 
LEU CA  HA   sing N N 178 
LEU C   O    doub N N 179 
LEU C   OXT  sing N N 180 
LEU CB  CG   sing N N 181 
LEU CB  HB2  sing N N 182 
LEU CB  HB3  sing N N 183 
LEU CG  CD1  sing N N 184 
LEU CG  CD2  sing N N 185 
LEU CG  HG   sing N N 186 
LEU CD1 HD11 sing N N 187 
LEU CD1 HD12 sing N N 188 
LEU CD1 HD13 sing N N 189 
LEU CD2 HD21 sing N N 190 
LEU CD2 HD22 sing N N 191 
LEU CD2 HD23 sing N N 192 
LEU OXT HXT  sing N N 193 
LYS N   CA   sing N N 194 
LYS N   H    sing N N 195 
LYS N   H2   sing N N 196 
LYS CA  C    sing N N 197 
LYS CA  CB   sing N N 198 
LYS CA  HA   sing N N 199 
LYS C   O    doub N N 200 
LYS C   OXT  sing N N 201 
LYS CB  CG   sing N N 202 
LYS CB  HB2  sing N N 203 
LYS CB  HB3  sing N N 204 
LYS CG  CD   sing N N 205 
LYS CG  HG2  sing N N 206 
LYS CG  HG3  sing N N 207 
LYS CD  CE   sing N N 208 
LYS CD  HD2  sing N N 209 
LYS CD  HD3  sing N N 210 
LYS CE  NZ   sing N N 211 
LYS CE  HE2  sing N N 212 
LYS CE  HE3  sing N N 213 
LYS NZ  HZ1  sing N N 214 
LYS NZ  HZ2  sing N N 215 
LYS NZ  HZ3  sing N N 216 
LYS OXT HXT  sing N N 217 
MET N   CA   sing N N 218 
MET N   H    sing N N 219 
MET N   H2   sing N N 220 
MET CA  C    sing N N 221 
MET CA  CB   sing N N 222 
MET CA  HA   sing N N 223 
MET C   O    doub N N 224 
MET C   OXT  sing N N 225 
MET CB  CG   sing N N 226 
MET CB  HB2  sing N N 227 
MET CB  HB3  sing N N 228 
MET CG  SD   sing N N 229 
MET CG  HG2  sing N N 230 
MET CG  HG3  sing N N 231 
MET SD  CE   sing N N 232 
MET CE  HE1  sing N N 233 
MET CE  HE2  sing N N 234 
MET CE  HE3  sing N N 235 
MET OXT HXT  sing N N 236 
PHE N   CA   sing N N 237 
PHE N   H    sing N N 238 
PHE N   H2   sing N N 239 
PHE CA  C    sing N N 240 
PHE CA  CB   sing N N 241 
PHE CA  HA   sing N N 242 
PHE C   O    doub N N 243 
PHE C   OXT  sing N N 244 
PHE CB  CG   sing N N 245 
PHE CB  HB2  sing N N 246 
PHE CB  HB3  sing N N 247 
PHE CG  CD1  doub Y N 248 
PHE CG  CD2  sing Y N 249 
PHE CD1 CE1  sing Y N 250 
PHE CD1 HD1  sing N N 251 
PHE CD2 CE2  doub Y N 252 
PHE CD2 HD2  sing N N 253 
PHE CE1 CZ   doub Y N 254 
PHE CE1 HE1  sing N N 255 
PHE CE2 CZ   sing Y N 256 
PHE CE2 HE2  sing N N 257 
PHE CZ  HZ   sing N N 258 
PHE OXT HXT  sing N N 259 
PRO N   CA   sing N N 260 
PRO N   CD   sing N N 261 
PRO N   H    sing N N 262 
PRO CA  C    sing N N 263 
PRO CA  CB   sing N N 264 
PRO CA  HA   sing N N 265 
PRO C   O    doub N N 266 
PRO C   OXT  sing N N 267 
PRO CB  CG   sing N N 268 
PRO CB  HB2  sing N N 269 
PRO CB  HB3  sing N N 270 
PRO CG  CD   sing N N 271 
PRO CG  HG2  sing N N 272 
PRO CG  HG3  sing N N 273 
PRO CD  HD2  sing N N 274 
PRO CD  HD3  sing N N 275 
PRO OXT HXT  sing N N 276 
SER N   CA   sing N N 277 
SER N   H    sing N N 278 
SER N   H2   sing N N 279 
SER CA  C    sing N N 280 
SER CA  CB   sing N N 281 
SER CA  HA   sing N N 282 
SER C   O    doub N N 283 
SER C   OXT  sing N N 284 
SER CB  OG   sing N N 285 
SER CB  HB2  sing N N 286 
SER CB  HB3  sing N N 287 
SER OG  HG   sing N N 288 
SER OXT HXT  sing N N 289 
THR N   CA   sing N N 290 
THR N   H    sing N N 291 
THR N   H2   sing N N 292 
THR CA  C    sing N N 293 
THR CA  CB   sing N N 294 
THR CA  HA   sing N N 295 
THR C   O    doub N N 296 
THR C   OXT  sing N N 297 
THR CB  OG1  sing N N 298 
THR CB  CG2  sing N N 299 
THR CB  HB   sing N N 300 
THR OG1 HG1  sing N N 301 
THR CG2 HG21 sing N N 302 
THR CG2 HG22 sing N N 303 
THR CG2 HG23 sing N N 304 
THR OXT HXT  sing N N 305 
TRP N   CA   sing N N 306 
TRP N   H    sing N N 307 
TRP N   H2   sing N N 308 
TRP CA  C    sing N N 309 
TRP CA  CB   sing N N 310 
TRP CA  HA   sing N N 311 
TRP C   O    doub N N 312 
TRP C   OXT  sing N N 313 
TRP CB  CG   sing N N 314 
TRP CB  HB2  sing N N 315 
TRP CB  HB3  sing N N 316 
TRP CG  CD1  doub Y N 317 
TRP CG  CD2  sing Y N 318 
TRP CD1 NE1  sing Y N 319 
TRP CD1 HD1  sing N N 320 
TRP CD2 CE2  doub Y N 321 
TRP CD2 CE3  sing Y N 322 
TRP NE1 CE2  sing Y N 323 
TRP NE1 HE1  sing N N 324 
TRP CE2 CZ2  sing Y N 325 
TRP CE3 CZ3  doub Y N 326 
TRP CE3 HE3  sing N N 327 
TRP CZ2 CH2  doub Y N 328 
TRP CZ2 HZ2  sing N N 329 
TRP CZ3 CH2  sing Y N 330 
TRP CZ3 HZ3  sing N N 331 
TRP CH2 HH2  sing N N 332 
TRP OXT HXT  sing N N 333 
TYR N   CA   sing N N 334 
TYR N   H    sing N N 335 
TYR N   H2   sing N N 336 
TYR CA  C    sing N N 337 
TYR CA  CB   sing N N 338 
TYR CA  HA   sing N N 339 
TYR C   O    doub N N 340 
TYR C   OXT  sing N N 341 
TYR CB  CG   sing N N 342 
TYR CB  HB2  sing N N 343 
TYR CB  HB3  sing N N 344 
TYR CG  CD1  doub Y N 345 
TYR CG  CD2  sing Y N 346 
TYR CD1 CE1  sing Y N 347 
TYR CD1 HD1  sing N N 348 
TYR CD2 CE2  doub Y N 349 
TYR CD2 HD2  sing N N 350 
TYR CE1 CZ   doub Y N 351 
TYR CE1 HE1  sing N N 352 
TYR CE2 CZ   sing Y N 353 
TYR CE2 HE2  sing N N 354 
TYR CZ  OH   sing N N 355 
TYR OH  HH   sing N N 356 
TYR OXT HXT  sing N N 357 
VAL N   CA   sing N N 358 
VAL N   H    sing N N 359 
VAL N   H2   sing N N 360 
VAL CA  C    sing N N 361 
VAL CA  CB   sing N N 362 
VAL CA  HA   sing N N 363 
VAL C   O    doub N N 364 
VAL C   OXT  sing N N 365 
VAL CB  CG1  sing N N 366 
VAL CB  CG2  sing N N 367 
VAL CB  HB   sing N N 368 
VAL CG1 HG11 sing N N 369 
VAL CG1 HG12 sing N N 370 
VAL CG1 HG13 sing N N 371 
VAL CG2 HG21 sing N N 372 
VAL CG2 HG22 sing N N 373 
VAL CG2 HG23 sing N N 374 
VAL OXT HXT  sing N N 375 
# 
_atom_sites.entry_id                    1JV5 
_atom_sites.fract_transf_matrix[1][1]   -0.01732659 
_atom_sites.fract_transf_matrix[1][2]   0.00856024 
_atom_sites.fract_transf_matrix[1][3]   0.00071310 
_atom_sites.fract_transf_matrix[2][1]   0.00170055 
_atom_sites.fract_transf_matrix[2][2]   0.00202176 
_atom_sites.fract_transf_matrix[2][3]   0.01704953 
_atom_sites.fract_transf_matrix[3][1]   0.00518204 
_atom_sites.fract_transf_matrix[3][2]   0.01063699 
_atom_sites.fract_transf_matrix[3][3]   -0.00177821 
_atom_sites.fract_transf_vector[1]      -0.019067 
_atom_sites.fract_transf_vector[2]      -0.703821 
_atom_sites.fract_transf_vector[3]      0.678031 
# 
loop_
_atom_type.symbol 
C 
N 
O 
S 
# 
loop_
_atom_site.group_PDB 
_atom_site.id 
_atom_site.type_symbol 
_atom_site.label_atom_id 
_atom_site.label_alt_id 
_atom_site.label_comp_id 
_atom_site.label_asym_id 
_atom_site.label_entity_id 
_atom_site.label_seq_id 
_atom_site.pdbx_PDB_ins_code 
_atom_site.Cartn_x 
_atom_site.Cartn_y 
_atom_site.Cartn_z 
_atom_site.occupancy 
_atom_site.B_iso_or_equiv 
_atom_site.pdbx_formal_charge 
_atom_site.auth_seq_id 
_atom_site.auth_comp_id 
_atom_site.auth_asym_id 
_atom_site.auth_atom_id 
_atom_site.pdbx_PDB_model_num 
ATOM   1    N N   . ASP A 1 1   ? -10.797 -11.664 -8.748  1.00 43.48 ? 1   ASP A N   1 
ATOM   2    C CA  . ASP A 1 1   ? -9.554  -11.050 -8.198  1.00 39.94 ? 1   ASP A CA  1 
ATOM   3    C C   . ASP A 1 1   ? -8.388  -12.025 -8.251  1.00 36.38 ? 1   ASP A C   1 
ATOM   4    O O   . ASP A 1 1   ? -8.576  -13.234 -8.140  1.00 32.54 ? 1   ASP A O   1 
ATOM   5    C CB  . ASP A 1 1   ? -9.757  -10.636 -6.737  1.00 45.68 ? 1   ASP A CB  1 
ATOM   6    C CG  . ASP A 1 1   ? -10.865 -9.623  -6.562  1.00 50.89 ? 1   ASP A CG  1 
ATOM   7    O OD1 . ASP A 1 1   ? -10.891 -8.957  -5.502  1.00 54.56 ? 1   ASP A OD1 1 
ATOM   8    O OD2 . ASP A 1 1   ? -11.707 -9.495  -7.477  1.00 50.97 ? 1   ASP A OD2 1 
ATOM   9    N N   . ILE A 1 2   ? -7.184  -11.484 -8.414  1.00 31.26 ? 2   ILE A N   1 
ATOM   10   C CA  . ILE A 1 2   ? -5.977  -12.288 -8.440  1.00 25.37 ? 2   ILE A CA  1 
ATOM   11   C C   . ILE A 1 2   ? -5.409  -12.279 -7.024  1.00 28.84 ? 2   ILE A C   1 
ATOM   12   O O   . ILE A 1 2   ? -4.970  -11.246 -6.533  1.00 30.31 ? 2   ILE A O   1 
ATOM   13   C CB  . ILE A 1 2   ? -4.944  -11.706 -9.413  1.00 23.10 ? 2   ILE A CB  1 
ATOM   14   C CG1 . ILE A 1 2   ? -5.484  -11.797 -10.842 1.00 21.75 ? 2   ILE A CG1 1 
ATOM   15   C CG2 . ILE A 1 2   ? -3.636  -12.468 -9.299  1.00 14.35 ? 2   ILE A CG2 1 
ATOM   16   C CD1 . ILE A 1 2   ? -4.482  -11.419 -11.913 1.00 28.82 ? 2   ILE A CD1 1 
ATOM   17   N N   . GLN A 1 3   ? -5.432  -13.432 -6.363  1.00 31.00 ? 3   GLN A N   1 
ATOM   18   C CA  . GLN A 1 3   ? -4.934  -13.536 -4.995  1.00 28.70 ? 3   GLN A CA  1 
ATOM   19   C C   . GLN A 1 3   ? -3.419  -13.616 -4.937  1.00 24.67 ? 3   GLN A C   1 
ATOM   20   O O   . GLN A 1 3   ? -2.799  -14.377 -5.674  1.00 19.43 ? 3   GLN A O   1 
ATOM   21   C CB  . GLN A 1 3   ? -5.519  -14.772 -4.309  1.00 38.13 ? 3   GLN A CB  1 
ATOM   22   C CG  . GLN A 1 3   ? -6.788  -15.312 -4.942  1.00 53.74 ? 3   GLN A CG  1 
ATOM   23   C CD  . GLN A 1 3   ? -7.238  -16.615 -4.302  1.00 70.43 ? 3   GLN A CD  1 
ATOM   24   O OE1 . GLN A 1 3   ? -7.075  -16.817 -3.091  1.00 77.63 ? 3   GLN A OE1 1 
ATOM   25   N NE2 . GLN A 1 3   ? -7.804  -17.510 -5.111  1.00 74.71 ? 3   GLN A NE2 1 
ATOM   26   N N   . MET A 1 4   ? -2.824  -12.826 -4.053  1.00 22.00 ? 4   MET A N   1 
ATOM   27   C CA  . MET A 1 4   ? -1.378  -12.833 -3.891  1.00 19.15 ? 4   MET A CA  1 
ATOM   28   C C   . MET A 1 4   ? -1.082  -13.496 -2.562  1.00 21.41 ? 4   MET A C   1 
ATOM   29   O O   . MET A 1 4   ? -1.728  -13.200 -1.559  1.00 21.87 ? 4   MET A O   1 
ATOM   30   C CB  . MET A 1 4   ? -0.838  -11.407 -3.899  1.00 17.22 ? 4   MET A CB  1 
ATOM   31   C CG  . MET A 1 4   ? -1.208  -10.642 -5.151  1.00 9.82  ? 4   MET A CG  1 
ATOM   32   S SD  . MET A 1 4   ? -0.516  -11.412 -6.623  1.00 20.79 ? 4   MET A SD  1 
ATOM   33   C CE  . MET A 1 4   ? 1.219   -11.136 -6.336  1.00 23.38 ? 4   MET A CE  1 
ATOM   34   N N   . THR A 1 5   ? -0.125  -14.412 -2.549  1.00 22.00 ? 5   THR A N   1 
ATOM   35   C CA  . THR A 1 5   ? 0.197   -15.085 -1.309  1.00 22.67 ? 5   THR A CA  1 
ATOM   36   C C   . THR A 1 5   ? 1.673   -15.029 -0.959  1.00 26.72 ? 5   THR A C   1 
ATOM   37   O O   . THR A 1 5   ? 2.532   -15.473 -1.720  1.00 27.38 ? 5   THR A O   1 
ATOM   38   C CB  . THR A 1 5   ? -0.211  -16.573 -1.312  1.00 15.84 ? 5   THR A CB  1 
ATOM   39   O OG1 . THR A 1 5   ? -1.509  -16.737 -1.884  1.00 14.21 ? 5   THR A OG1 1 
ATOM   40   C CG2 . THR A 1 5   ? -0.247  -17.090 0.104   1.00 23.26 ? 5   THR A CG2 1 
ATOM   41   N N   . GLN A 1 6   ? 1.953   -14.464 0.204   1.00 24.50 ? 6   GLN A N   1 
ATOM   42   C CA  . GLN A 1 6   ? 3.301   -14.390 0.705   1.00 26.68 ? 6   GLN A CA  1 
ATOM   43   C C   . GLN A 1 6   ? 3.225   -15.504 1.742   1.00 32.05 ? 6   GLN A C   1 
ATOM   44   O O   . GLN A 1 6   ? 2.613   -15.345 2.800   1.00 39.34 ? 6   GLN A O   1 
ATOM   45   C CB  . GLN A 1 6   ? 3.555   -13.018 1.339   1.00 19.47 ? 6   GLN A CB  1 
ATOM   46   C CG  . GLN A 1 6   ? 3.666   -11.891 0.311   1.00 17.32 ? 6   GLN A CG  1 
ATOM   47   C CD  . GLN A 1 6   ? 4.013   -10.546 0.924   1.00 19.23 ? 6   GLN A CD  1 
ATOM   48   O OE1 . GLN A 1 6   ? 3.295   -9.557  0.738   1.00 21.21 ? 6   GLN A OE1 1 
ATOM   49   N NE2 . GLN A 1 6   ? 5.118   -10.498 1.656   1.00 20.66 ? 6   GLN A NE2 1 
ATOM   50   N N   . THR A 1 7   ? 3.806   -16.650 1.406   1.00 37.55 ? 7   THR A N   1 
ATOM   51   C CA  . THR A 1 7   ? 3.780   -17.820 2.279   1.00 43.72 ? 7   THR A CA  1 
ATOM   52   C C   . THR A 1 7   ? 4.182   -17.545 3.724   1.00 46.71 ? 7   THR A C   1 
ATOM   53   O O   . THR A 1 7   ? 3.397   -17.778 4.648   1.00 52.29 ? 7   THR A O   1 
ATOM   54   C CB  . THR A 1 7   ? 4.672   -18.930 1.718   1.00 42.56 ? 7   THR A CB  1 
ATOM   55   O OG1 . THR A 1 7   ? 5.786   -18.349 1.034   1.00 43.73 ? 7   THR A OG1 1 
ATOM   56   C CG2 . THR A 1 7   ? 3.885   -19.781 0.740   1.00 50.96 ? 7   THR A CG2 1 
ATOM   57   N N   . THR A 1 8   ? 5.401   -17.054 3.921   1.00 41.26 ? 8   THR A N   1 
ATOM   58   C CA  . THR A 1 8   ? 5.874   -16.746 5.263   1.00 39.81 ? 8   THR A CA  1 
ATOM   59   C C   . THR A 1 8   ? 5.362   -15.384 5.743   1.00 35.75 ? 8   THR A C   1 
ATOM   60   O O   . THR A 1 8   ? 5.513   -14.373 5.060   1.00 36.96 ? 8   THR A O   1 
ATOM   61   C CB  . THR A 1 8   ? 7.400   -16.751 5.309   1.00 40.88 ? 8   THR A CB  1 
ATOM   62   O OG1 . THR A 1 8   ? 7.864   -18.103 5.237   1.00 48.83 ? 8   THR A OG1 1 
ATOM   63   C CG2 . THR A 1 8   ? 7.897   -16.113 6.597   1.00 39.27 ? 8   THR A CG2 1 
ATOM   64   N N   . SER A 1 9   ? 4.761   -15.366 6.926   1.00 30.71 ? 9   SER A N   1 
ATOM   65   C CA  . SER A 1 9   ? 4.225   -14.135 7.490   1.00 35.10 ? 9   SER A CA  1 
ATOM   66   C C   . SER A 1 9   ? 5.274   -13.411 8.322   1.00 31.29 ? 9   SER A C   1 
ATOM   67   O O   . SER A 1 9   ? 5.215   -12.195 8.495   1.00 30.69 ? 9   SER A O   1 
ATOM   68   C CB  . SER A 1 9   ? 3.003   -14.445 8.359   1.00 38.07 ? 9   SER A CB  1 
ATOM   69   O OG  . SER A 1 9   ? 2.027   -15.160 7.619   1.00 48.23 ? 9   SER A OG  1 
ATOM   70   N N   . SER A 1 10  ? 6.228   -14.172 8.843   1.00 32.68 ? 10  SER A N   1 
ATOM   71   C CA  . SER A 1 10  ? 7.296   -13.611 9.652   1.00 33.16 ? 10  SER A CA  1 
ATOM   72   C C   . SER A 1 10  ? 8.572   -14.398 9.405   1.00 31.39 ? 10  SER A C   1 
ATOM   73   O O   . SER A 1 10  ? 8.545   -15.624 9.313   1.00 30.46 ? 10  SER A O   1 
ATOM   74   C CB  . SER A 1 10  ? 6.925   -13.656 11.135  1.00 34.75 ? 10  SER A CB  1 
ATOM   75   O OG  . SER A 1 10  ? 7.399   -14.839 11.746  1.00 46.71 ? 10  SER A OG  1 
ATOM   76   N N   . LEU A 1 11  ? 9.682   -13.673 9.299   1.00 29.68 ? 11  LEU A N   1 
ATOM   77   C CA  . LEU A 1 11  ? 10.989  -14.260 9.047   1.00 27.84 ? 11  LEU A CA  1 
ATOM   78   C C   . LEU A 1 11  ? 12.026  -13.710 10.027  1.00 27.77 ? 11  LEU A C   1 
ATOM   79   O O   . LEU A 1 11  ? 12.062  -12.515 10.286  1.00 31.81 ? 11  LEU A O   1 
ATOM   80   C CB  . LEU A 1 11  ? 11.407  -13.926 7.624   1.00 30.42 ? 11  LEU A CB  1 
ATOM   81   C CG  . LEU A 1 11  ? 12.411  -14.833 6.935   1.00 32.58 ? 11  LEU A CG  1 
ATOM   82   C CD1 . LEU A 1 11  ? 12.440  -14.497 5.449   1.00 35.35 ? 11  LEU A CD1 1 
ATOM   83   C CD2 . LEU A 1 11  ? 13.776  -14.643 7.565   1.00 33.97 ? 11  LEU A CD2 1 
ATOM   84   N N   . SER A 1 12  ? 12.865  -14.581 10.572  1.00 28.99 ? 12  SER A N   1 
ATOM   85   C CA  . SER A 1 12  ? 13.900  -14.162 11.512  1.00 27.98 ? 12  SER A CA  1 
ATOM   86   C C   . SER A 1 12  ? 15.267  -14.354 10.883  1.00 25.01 ? 12  SER A C   1 
ATOM   87   O O   . SER A 1 12  ? 15.488  -15.299 10.140  1.00 29.46 ? 12  SER A O   1 
ATOM   88   C CB  . SER A 1 12  ? 13.814  -14.975 12.800  1.00 32.87 ? 12  SER A CB  1 
ATOM   89   O OG  . SER A 1 12  ? 13.452  -14.145 13.891  1.00 47.62 ? 12  SER A OG  1 
ATOM   90   N N   . ALA A 1 13  ? 16.191  -13.455 11.178  1.00 25.77 ? 13  ALA A N   1 
ATOM   91   C CA  . ALA A 1 13  ? 17.516  -13.554 10.596  1.00 27.69 ? 13  ALA A CA  1 
ATOM   92   C C   . ALA A 1 13  ? 18.541  -12.704 11.337  1.00 27.51 ? 13  ALA A C   1 
ATOM   93   O O   . ALA A 1 13  ? 18.218  -11.987 12.278  1.00 31.16 ? 13  ALA A O   1 
ATOM   94   C CB  . ALA A 1 13  ? 17.461  -13.147 9.125   1.00 31.13 ? 13  ALA A CB  1 
ATOM   95   N N   . SER A 1 14  ? 19.789  -12.799 10.906  1.00 26.76 ? 14  SER A N   1 
ATOM   96   C CA  . SER A 1 14  ? 20.855  -12.044 11.533  1.00 22.90 ? 14  SER A CA  1 
ATOM   97   C C   . SER A 1 14  ? 21.317  -11.026 10.525  1.00 22.57 ? 14  SER A C   1 
ATOM   98   O O   . SER A 1 14  ? 21.243  -11.268 9.321   1.00 19.20 ? 14  SER A O   1 
ATOM   99   C CB  . SER A 1 14  ? 22.015  -12.968 11.912  1.00 23.06 ? 14  SER A CB  1 
ATOM   100  O OG  . SER A 1 14  ? 21.612  -13.941 12.862  1.00 23.83 ? 14  SER A OG  1 
ATOM   101  N N   . LEU A 1 15  ? 21.768  -9.877  11.021  1.00 26.18 ? 15  LEU A N   1 
ATOM   102  C CA  . LEU A 1 15  ? 22.259  -8.813  10.160  1.00 21.66 ? 15  LEU A CA  1 
ATOM   103  C C   . LEU A 1 15  ? 23.423  -9.392  9.378   1.00 21.93 ? 15  LEU A C   1 
ATOM   104  O O   . LEU A 1 15  ? 24.285  -10.076 9.937   1.00 22.36 ? 15  LEU A O   1 
ATOM   105  C CB  . LEU A 1 15  ? 22.726  -7.632  11.005  1.00 25.66 ? 15  LEU A CB  1 
ATOM   106  C CG  . LEU A 1 15  ? 21.719  -7.103  12.030  1.00 28.01 ? 15  LEU A CG  1 
ATOM   107  C CD1 . LEU A 1 15  ? 22.388  -6.089  12.938  1.00 25.67 ? 15  LEU A CD1 1 
ATOM   108  C CD2 . LEU A 1 15  ? 20.543  -6.469  11.303  1.00 27.06 ? 15  LEU A CD2 1 
ATOM   109  N N   . GLY A 1 16  ? 23.443  -9.129  8.081   1.00 21.22 ? 16  GLY A N   1 
ATOM   110  C CA  . GLY A 1 16  ? 24.503  -9.657  7.245   1.00 20.79 ? 16  GLY A CA  1 
ATOM   111  C C   . GLY A 1 16  ? 23.975  -10.828 6.446   1.00 21.35 ? 16  GLY A C   1 
ATOM   112  O O   . GLY A 1 16  ? 24.500  -11.165 5.389   1.00 18.89 ? 16  GLY A O   1 
ATOM   113  N N   . ASP A 1 17  ? 22.914  -11.443 6.966   1.00 26.77 ? 17  ASP A N   1 
ATOM   114  C CA  . ASP A 1 17  ? 22.273  -12.590 6.331   1.00 25.27 ? 17  ASP A CA  1 
ATOM   115  C C   . ASP A 1 17  ? 21.718  -12.206 4.961   1.00 25.65 ? 17  ASP A C   1 
ATOM   116  O O   . ASP A 1 17  ? 21.320  -11.063 4.739   1.00 21.30 ? 17  ASP A O   1 
ATOM   117  C CB  . ASP A 1 17  ? 21.116  -13.087 7.200   1.00 25.50 ? 17  ASP A CB  1 
ATOM   118  C CG  . ASP A 1 17  ? 21.460  -14.325 8.008   1.00 21.71 ? 17  ASP A CG  1 
ATOM   119  O OD1 . ASP A 1 17  ? 20.520  -15.028 8.422   1.00 31.96 ? 17  ASP A OD1 1 
ATOM   120  O OD2 . ASP A 1 17  ? 22.648  -14.601 8.243   1.00 23.70 ? 17  ASP A OD2 1 
ATOM   121  N N   . ARG A 1 18  ? 21.713  -13.169 4.046   1.00 27.62 ? 18  ARG A N   1 
ATOM   122  C CA  . ARG A 1 18  ? 21.161  -12.958 2.717   1.00 28.54 ? 18  ARG A CA  1 
ATOM   123  C C   . ARG A 1 18  ? 19.747  -13.490 2.857   1.00 30.62 ? 18  ARG A C   1 
ATOM   124  O O   . ARG A 1 18  ? 19.558  -14.666 3.166   1.00 34.62 ? 18  ARG A O   1 
ATOM   125  C CB  . ARG A 1 18  ? 21.919  -13.773 1.671   1.00 32.25 ? 18  ARG A CB  1 
ATOM   126  C CG  . ARG A 1 18  ? 21.611  -13.364 0.240   1.00 42.40 ? 18  ARG A CG  1 
ATOM   127  C CD  . ARG A 1 18  ? 22.622  -13.944 -0.738  1.00 48.51 ? 18  ARG A CD  1 
ATOM   128  N NE  . ARG A 1 18  ? 21.973  -14.428 -1.952  1.00 51.91 ? 18  ARG A NE  1 
ATOM   129  C CZ  . ARG A 1 18  ? 21.072  -15.408 -1.981  1.00 56.04 ? 18  ARG A CZ  1 
ATOM   130  N NH1 . ARG A 1 18  ? 20.711  -16.012 -0.856  1.00 56.20 ? 18  ARG A NH1 1 
ATOM   131  N NH2 . ARG A 1 18  ? 20.528  -15.783 -3.135  1.00 52.61 ? 18  ARG A NH2 1 
ATOM   132  N N   . VAL A 1 19  ? 18.758  -12.630 2.639   1.00 26.72 ? 19  VAL A N   1 
ATOM   133  C CA  . VAL A 1 19  ? 17.363  -13.024 2.789   1.00 23.49 ? 19  VAL A CA  1 
ATOM   134  C C   . VAL A 1 19  ? 16.563  -12.974 1.500   1.00 21.16 ? 19  VAL A C   1 
ATOM   135  O O   . VAL A 1 19  ? 16.867  -12.196 0.597   1.00 20.34 ? 19  VAL A O   1 
ATOM   136  C CB  . VAL A 1 19  ? 16.646  -12.121 3.820   1.00 28.05 ? 19  VAL A CB  1 
ATOM   137  C CG1 . VAL A 1 19  ? 15.271  -12.674 4.118   1.00 22.67 ? 19  VAL A CG1 1 
ATOM   138  C CG2 . VAL A 1 19  ? 17.478  -12.007 5.096   1.00 21.76 ? 19  VAL A CG2 1 
ATOM   139  N N   . THR A 1 20  ? 15.536  -13.818 1.429   1.00 20.98 ? 20  THR A N   1 
ATOM   140  C CA  . THR A 1 20  ? 14.644  -13.874 0.276   1.00 21.67 ? 20  THR A CA  1 
ATOM   141  C C   . THR A 1 20  ? 13.182  -14.025 0.711   1.00 23.39 ? 20  THR A C   1 
ATOM   142  O O   . THR A 1 20  ? 12.836  -14.850 1.563   1.00 19.62 ? 20  THR A O   1 
ATOM   143  C CB  . THR A 1 20  ? 15.002  -15.030 -0.679  1.00 22.87 ? 20  THR A CB  1 
ATOM   144  O OG1 . THR A 1 20  ? 16.364  -14.894 -1.098  1.00 23.62 ? 20  THR A OG1 1 
ATOM   145  C CG2 . THR A 1 20  ? 14.103  -15.000 -1.914  1.00 20.21 ? 20  THR A CG2 1 
ATOM   146  N N   . ILE A 1 21  ? 12.336  -13.196 0.112   1.00 25.67 ? 21  ILE A N   1 
ATOM   147  C CA  . ILE A 1 21  ? 10.908  -13.173 0.385   1.00 19.66 ? 21  ILE A CA  1 
ATOM   148  C C   . ILE A 1 21  ? 10.197  -13.613 -0.889  1.00 22.08 ? 21  ILE A C   1 
ATOM   149  O O   . ILE A 1 21  ? 10.425  -13.063 -1.963  1.00 23.07 ? 21  ILE A O   1 
ATOM   150  C CB  . ILE A 1 21  ? 10.457  -11.738 0.757   1.00 20.93 ? 21  ILE A CB  1 
ATOM   151  C CG1 . ILE A 1 21  ? 10.961  -11.384 2.157   1.00 14.46 ? 21  ILE A CG1 1 
ATOM   152  C CG2 . ILE A 1 21  ? 8.947   -11.623 0.676   1.00 20.51 ? 21  ILE A CG2 1 
ATOM   153  C CD1 . ILE A 1 21  ? 11.282  -9.950  2.318   1.00 12.13 ? 21  ILE A CD1 1 
ATOM   154  N N   . SER A 1 22  ? 9.336   -14.610 -0.784  1.00 20.73 ? 22  SER A N   1 
ATOM   155  C CA  . SER A 1 22  ? 8.643   -15.073 -1.972  1.00 27.73 ? 22  SER A CA  1 
ATOM   156  C C   . SER A 1 22  ? 7.211   -14.587 -2.003  1.00 25.42 ? 22  SER A C   1 
ATOM   157  O O   . SER A 1 22  ? 6.625   -14.283 -0.967  1.00 29.17 ? 22  SER A O   1 
ATOM   158  C CB  . SER A 1 22  ? 8.690   -16.595 -2.041  1.00 29.46 ? 22  SER A CB  1 
ATOM   159  O OG  . SER A 1 22  ? 10.005  -17.020 -2.349  1.00 43.89 ? 22  SER A OG  1 
ATOM   160  N N   . CYS A 1 23  ? 6.652   -14.525 -3.203  1.00 22.19 ? 23  CYS A N   1 
ATOM   161  C CA  . CYS A 1 23  ? 5.287   -14.061 -3.395  1.00 25.21 ? 23  CYS A CA  1 
ATOM   162  C C   . CYS A 1 23  ? 4.713   -14.828 -4.581  1.00 24.24 ? 23  CYS A C   1 
ATOM   163  O O   . CYS A 1 23  ? 5.346   -14.926 -5.633  1.00 24.47 ? 23  CYS A O   1 
ATOM   164  C CB  . CYS A 1 23  ? 5.287   -12.550 -3.662  1.00 23.15 ? 23  CYS A CB  1 
ATOM   165  S SG  . CYS A 1 23  ? 3.693   -11.870 -4.207  1.00 22.78 ? 23  CYS A SG  1 
ATOM   166  N N   . ARG A 1 24  ? 3.525   -15.392 -4.401  1.00 21.80 ? 24  ARG A N   1 
ATOM   167  C CA  . ARG A 1 24  ? 2.896   -16.169 -5.455  1.00 25.40 ? 24  ARG A CA  1 
ATOM   168  C C   . ARG A 1 24  ? 1.536   -15.613 -5.850  1.00 22.47 ? 24  ARG A C   1 
ATOM   169  O O   . ARG A 1 24  ? 0.728   -15.244 -4.994  1.00 18.66 ? 24  ARG A O   1 
ATOM   170  C CB  . ARG A 1 24  ? 2.766   -17.633 -5.012  1.00 30.03 ? 24  ARG A CB  1 
ATOM   171  C CG  . ARG A 1 24  ? 1.437   -18.291 -5.352  1.00 42.68 ? 24  ARG A CG  1 
ATOM   172  C CD  . ARG A 1 24  ? 1.617   -19.761 -5.675  1.00 49.28 ? 24  ARG A CD  1 
ATOM   173  N NE  . ARG A 1 24  ? 0.952   -20.136 -6.920  1.00 62.81 ? 24  ARG A NE  1 
ATOM   174  C CZ  . ARG A 1 24  ? 1.589   -20.466 -8.041  1.00 66.91 ? 24  ARG A CZ  1 
ATOM   175  N NH1 . ARG A 1 24  ? 2.917   -20.467 -8.079  1.00 69.21 ? 24  ARG A NH1 1 
ATOM   176  N NH2 . ARG A 1 24  ? 0.898   -20.798 -9.124  1.00 65.24 ? 24  ARG A NH2 1 
ATOM   177  N N   . ALA A 1 25  ? 1.300   -15.554 -7.158  1.00 18.19 ? 25  ALA A N   1 
ATOM   178  C CA  . ALA A 1 25  ? 0.044   -15.065 -7.690  1.00 17.71 ? 25  ALA A CA  1 
ATOM   179  C C   . ALA A 1 25  ? -0.819  -16.274 -8.025  1.00 18.36 ? 25  ALA A C   1 
ATOM   180  O O   . ALA A 1 25  ? -0.299  -17.369 -8.222  1.00 18.11 ? 25  ALA A O   1 
ATOM   181  C CB  . ALA A 1 25  ? 0.298   -14.232 -8.928  1.00 17.91 ? 25  ALA A CB  1 
ATOM   182  N N   . SER A 1 26  ? -2.133  -16.084 -8.076  1.00 18.36 ? 26  SER A N   1 
ATOM   183  C CA  . SER A 1 26  ? -3.033  -17.185 -8.391  1.00 20.33 ? 26  SER A CA  1 
ATOM   184  C C   . SER A 1 26  ? -3.047  -17.449 -9.890  1.00 20.03 ? 26  SER A C   1 
ATOM   185  O O   . SER A 1 26  ? -3.588  -18.447 -10.344 1.00 30.40 ? 26  SER A O   1 
ATOM   186  C CB  . SER A 1 26  ? -4.452  -16.895 -7.880  1.00 15.12 ? 26  SER A CB  1 
ATOM   187  O OG  . SER A 1 26  ? -5.050  -15.809 -8.560  1.00 23.81 ? 26  SER A OG  1 
ATOM   188  N N   . GLN A 1 27  ? -2.452  -16.546 -10.659 1.00 22.50 ? 27  GLN A N   1 
ATOM   189  C CA  . GLN A 1 27  ? -2.365  -16.707 -12.106 1.00 23.51 ? 27  GLN A CA  1 
ATOM   190  C C   . GLN A 1 27  ? -1.269  -15.806 -12.654 1.00 25.03 ? 27  GLN A C   1 
ATOM   191  O O   . GLN A 1 27  ? -0.885  -14.824 -12.019 1.00 27.31 ? 27  GLN A O   1 
ATOM   192  C CB  . GLN A 1 27  ? -3.697  -16.385 -12.781 1.00 24.94 ? 27  GLN A CB  1 
ATOM   193  C CG  . GLN A 1 27  ? -4.337  -15.086 -12.340 1.00 36.38 ? 27  GLN A CG  1 
ATOM   194  C CD  . GLN A 1 27  ? -5.777  -14.966 -12.816 1.00 36.61 ? 27  GLN A CD  1 
ATOM   195  O OE1 . GLN A 1 27  ? -6.031  -14.585 -13.955 1.00 32.00 ? 27  GLN A OE1 1 
ATOM   196  N NE2 . GLN A 1 27  ? -6.727  -15.300 -11.942 1.00 36.01 ? 27  GLN A NE2 1 
ATOM   197  N N   . ASP A 1 28  ? -0.754  -16.146 -13.828 1.00 21.05 ? 28  ASP A N   1 
ATOM   198  C CA  . ASP A 1 28  ? 0.306   -15.359 -14.436 1.00 22.20 ? 28  ASP A CA  1 
ATOM   199  C C   . ASP A 1 28  ? -0.065  -13.885 -14.510 1.00 21.92 ? 28  ASP A C   1 
ATOM   200  O O   . ASP A 1 28  ? -1.111  -13.528 -15.053 1.00 25.31 ? 28  ASP A O   1 
ATOM   201  C CB  . ASP A 1 28  ? 0.612   -15.878 -15.832 1.00 17.81 ? 28  ASP A CB  1 
ATOM   202  C CG  . ASP A 1 28  ? 1.731   -15.124 -16.487 1.00 21.59 ? 28  ASP A CG  1 
ATOM   203  O OD1 . ASP A 1 28  ? 1.925   -15.303 -17.702 1.00 31.22 ? 28  ASP A OD1 1 
ATOM   204  O OD2 . ASP A 1 28  ? 2.415   -14.351 -15.784 1.00 21.18 ? 28  ASP A OD2 1 
ATOM   205  N N   . ILE A 1 29  ? 0.805   -13.034 -13.976 1.00 21.08 ? 29  ILE A N   1 
ATOM   206  C CA  . ILE A 1 29  ? 0.564   -11.594 -13.964 1.00 17.95 ? 29  ILE A CA  1 
ATOM   207  C C   . ILE A 1 29  ? 1.585   -10.843 -14.814 1.00 18.42 ? 29  ILE A C   1 
ATOM   208  O O   . ILE A 1 29  ? 1.786   -9.643  -14.663 1.00 17.99 ? 29  ILE A O   1 
ATOM   209  C CB  . ILE A 1 29  ? 0.592   -11.057 -12.516 1.00 17.92 ? 29  ILE A CB  1 
ATOM   210  C CG1 . ILE A 1 29  ? 1.829   -11.586 -11.780 1.00 11.98 ? 29  ILE A CG1 1 
ATOM   211  C CG2 . ILE A 1 29  ? -0.678  -11.498 -11.787 1.00 8.78  ? 29  ILE A CG2 1 
ATOM   212  C CD1 . ILE A 1 29  ? 2.233   -10.774 -10.566 1.00 15.45 ? 29  ILE A CD1 1 
ATOM   213  N N   . ASN A 1 30  ? 2.224   -11.581 -15.713 1.00 26.08 ? 30  ASN A N   1 
ATOM   214  C CA  . ASN A 1 30  ? 3.223   -11.045 -16.632 1.00 26.61 ? 30  ASN A CA  1 
ATOM   215  C C   . ASN A 1 30  ? 4.227   -10.074 -16.053 1.00 23.50 ? 30  ASN A C   1 
ATOM   216  O O   . ASN A 1 30  ? 4.445   -9.015  -16.626 1.00 21.93 ? 30  ASN A O   1 
ATOM   217  C CB  . ASN A 1 30  ? 2.549   -10.373 -17.829 1.00 32.11 ? 30  ASN A CB  1 
ATOM   218  C CG  . ASN A 1 30  ? 1.164   -10.904 -18.086 1.00 35.34 ? 30  ASN A CG  1 
ATOM   219  O OD1 . ASN A 1 30  ? 0.214   -10.539 -17.396 1.00 44.01 ? 30  ASN A OD1 1 
ATOM   220  N ND2 . ASN A 1 30  ? 1.036   -11.772 -19.082 1.00 32.88 ? 30  ASN A ND2 1 
ATOM   221  N N   . ASN A 1 31  ? 4.833   -10.431 -14.927 1.00 21.21 ? 31  ASN A N   1 
ATOM   222  C CA  . ASN A 1 31  ? 5.855   -9.588  -14.312 1.00 21.80 ? 31  ASN A CA  1 
ATOM   223  C C   . ASN A 1 31  ? 5.404   -8.232  -13.775 1.00 18.35 ? 31  ASN A C   1 
ATOM   224  O O   . ASN A 1 31  ? 6.231   -7.405  -13.396 1.00 17.44 ? 31  ASN A O   1 
ATOM   225  C CB  . ASN A 1 31  ? 7.015   -9.386  -15.291 1.00 23.60 ? 31  ASN A CB  1 
ATOM   226  C CG  . ASN A 1 31  ? 7.814   -10.654 -15.504 1.00 25.84 ? 31  ASN A CG  1 
ATOM   227  O OD1 . ASN A 1 31  ? 7.779   -11.254 -16.577 1.00 29.81 ? 31  ASN A OD1 1 
ATOM   228  N ND2 . ASN A 1 31  ? 8.530   -11.074 -14.477 1.00 30.84 ? 31  ASN A ND2 1 
ATOM   229  N N   . TYR A 1 32  ? 4.101   -7.992  -13.749 1.00 17.34 ? 32  TYR A N   1 
ATOM   230  C CA  . TYR A 1 32  ? 3.593   -6.747  -13.184 1.00 18.61 ? 32  TYR A CA  1 
ATOM   231  C C   . TYR A 1 32  ? 3.481   -7.006  -11.683 1.00 20.44 ? 32  TYR A C   1 
ATOM   232  O O   . TYR A 1 32  ? 2.388   -7.195  -11.132 1.00 20.73 ? 32  TYR A O   1 
ATOM   233  C CB  . TYR A 1 32  ? 2.224   -6.404  -13.777 1.00 20.57 ? 32  TYR A CB  1 
ATOM   234  C CG  . TYR A 1 32  ? 2.337   -5.737  -15.126 1.00 22.33 ? 32  TYR A CG  1 
ATOM   235  C CD1 . TYR A 1 32  ? 1.897   -6.377  -16.284 1.00 24.55 ? 32  TYR A CD1 1 
ATOM   236  C CD2 . TYR A 1 32  ? 2.932   -4.484  -15.249 1.00 21.65 ? 32  TYR A CD2 1 
ATOM   237  C CE1 . TYR A 1 32  ? 2.052   -5.788  -17.531 1.00 30.94 ? 32  TYR A CE1 1 
ATOM   238  C CE2 . TYR A 1 32  ? 3.091   -3.884  -16.487 1.00 28.75 ? 32  TYR A CE2 1 
ATOM   239  C CZ  . TYR A 1 32  ? 2.650   -4.540  -17.624 1.00 28.25 ? 32  TYR A CZ  1 
ATOM   240  O OH  . TYR A 1 32  ? 2.808   -3.941  -18.848 1.00 23.95 ? 32  TYR A OH  1 
ATOM   241  N N   . LEU A 1 33  ? 4.640   -7.048  -11.038 1.00 17.55 ? 33  LEU A N   1 
ATOM   242  C CA  . LEU A 1 33  ? 4.733   -7.303  -9.611  1.00 16.86 ? 33  LEU A CA  1 
ATOM   243  C C   . LEU A 1 33  ? 5.565   -6.190  -8.975  1.00 17.18 ? 33  LEU A C   1 
ATOM   244  O O   . LEU A 1 33  ? 6.664   -5.892  -9.435  1.00 20.07 ? 33  LEU A O   1 
ATOM   245  C CB  . LEU A 1 33  ? 5.403   -8.662  -9.391  1.00 13.62 ? 33  LEU A CB  1 
ATOM   246  C CG  . LEU A 1 33  ? 5.345   -9.392  -8.039  1.00 20.19 ? 33  LEU A CG  1 
ATOM   247  C CD1 . LEU A 1 33  ? 6.394   -8.806  -7.092  1.00 16.57 ? 33  LEU A CD1 1 
ATOM   248  C CD2 . LEU A 1 33  ? 3.959   -9.293  -7.449  1.00 15.94 ? 33  LEU A CD2 1 
ATOM   249  N N   . ASN A 1 34  ? 5.039   -5.576  -7.922  1.00 17.59 ? 34  ASN A N   1 
ATOM   250  C CA  . ASN A 1 34  ? 5.741   -4.504  -7.225  1.00 18.38 ? 34  ASN A CA  1 
ATOM   251  C C   . ASN A 1 34  ? 5.945   -4.877  -5.755  1.00 21.10 ? 34  ASN A C   1 
ATOM   252  O O   . ASN A 1 34  ? 5.139   -5.605  -5.167  1.00 21.01 ? 34  ASN A O   1 
ATOM   253  C CB  . ASN A 1 34  ? 4.942   -3.191  -7.317  1.00 21.15 ? 34  ASN A CB  1 
ATOM   254  C CG  . ASN A 1 34  ? 4.557   -2.827  -8.751  1.00 20.08 ? 34  ASN A CG  1 
ATOM   255  O OD1 . ASN A 1 34  ? 5.363   -2.933  -9.678  1.00 22.33 ? 34  ASN A OD1 1 
ATOM   256  N ND2 . ASN A 1 34  ? 3.320   -2.395  -8.932  1.00 18.32 ? 34  ASN A ND2 1 
ATOM   257  N N   . TRP A 1 35  ? 7.024   -4.374  -5.166  1.00 20.99 ? 35  TRP A N   1 
ATOM   258  C CA  . TRP A 1 35  ? 7.331   -4.647  -3.766  1.00 19.78 ? 35  TRP A CA  1 
ATOM   259  C C   . TRP A 1 35  ? 7.349   -3.341  -2.989  1.00 19.64 ? 35  TRP A C   1 
ATOM   260  O O   . TRP A 1 35  ? 7.935   -2.356  -3.437  1.00 18.75 ? 35  TRP A O   1 
ATOM   261  C CB  . TRP A 1 35  ? 8.701   -5.322  -3.628  1.00 19.34 ? 35  TRP A CB  1 
ATOM   262  C CG  . TRP A 1 35  ? 8.773   -6.738  -4.141  1.00 18.84 ? 35  TRP A CG  1 
ATOM   263  C CD1 . TRP A 1 35  ? 9.201   -7.141  -5.373  1.00 12.07 ? 35  TRP A CD1 1 
ATOM   264  C CD2 . TRP A 1 35  ? 8.451   -7.935  -3.414  1.00 20.74 ? 35  TRP A CD2 1 
ATOM   265  N NE1 . TRP A 1 35  ? 9.170   -8.510  -5.458  1.00 20.82 ? 35  TRP A NE1 1 
ATOM   266  C CE2 . TRP A 1 35  ? 8.716   -9.024  -4.272  1.00 18.59 ? 35  TRP A CE2 1 
ATOM   267  C CE3 . TRP A 1 35  ? 7.969   -8.192  -2.122  1.00 20.17 ? 35  TRP A CE3 1 
ATOM   268  C CZ2 . TRP A 1 35  ? 8.513   -10.353 -3.880  1.00 14.87 ? 35  TRP A CZ2 1 
ATOM   269  C CZ3 . TRP A 1 35  ? 7.770   -9.513  -1.733  1.00 17.23 ? 35  TRP A CZ3 1 
ATOM   270  C CH2 . TRP A 1 35  ? 8.044   -10.576 -2.612  1.00 15.53 ? 35  TRP A CH2 1 
ATOM   271  N N   . TYR A 1 36  ? 6.699   -3.346  -1.829  1.00 19.11 ? 36  TYR A N   1 
ATOM   272  C CA  . TYR A 1 36  ? 6.622   -2.178  -0.953  1.00 18.59 ? 36  TYR A CA  1 
ATOM   273  C C   . TYR A 1 36  ? 7.214   -2.530  0.402   1.00 14.71 ? 36  TYR A C   1 
ATOM   274  O O   . TYR A 1 36  ? 7.162   -3.675  0.840   1.00 13.78 ? 36  TYR A O   1 
ATOM   275  C CB  . TYR A 1 36  ? 5.161   -1.740  -0.736  1.00 15.15 ? 36  TYR A CB  1 
ATOM   276  C CG  . TYR A 1 36  ? 4.450   -1.332  -1.994  1.00 12.92 ? 36  TYR A CG  1 
ATOM   277  C CD1 . TYR A 1 36  ? 3.812   -2.285  -2.789  1.00 17.29 ? 36  TYR A CD1 1 
ATOM   278  C CD2 . TYR A 1 36  ? 4.482   -0.011  -2.439  1.00 10.62 ? 36  TYR A CD2 1 
ATOM   279  C CE1 . TYR A 1 36  ? 3.232   -1.935  -4.011  1.00 20.51 ? 36  TYR A CE1 1 
ATOM   280  C CE2 . TYR A 1 36  ? 3.905   0.351   -3.661  1.00 12.00 ? 36  TYR A CE2 1 
ATOM   281  C CZ  . TYR A 1 36  ? 3.288   -0.619  -4.443  1.00 15.17 ? 36  TYR A CZ  1 
ATOM   282  O OH  . TYR A 1 36  ? 2.754   -0.295  -5.667  1.00 14.20 ? 36  TYR A OH  1 
ATOM   283  N N   . GLN A 1 37  ? 7.768   -1.534  1.070   1.00 17.56 ? 37  GLN A N   1 
ATOM   284  C CA  . GLN A 1 37  ? 8.330   -1.750  2.386   1.00 18.89 ? 37  GLN A CA  1 
ATOM   285  C C   . GLN A 1 37  ? 7.665   -0.778  3.347   1.00 18.11 ? 37  GLN A C   1 
ATOM   286  O O   . GLN A 1 37  ? 7.510   0.398   3.042   1.00 19.81 ? 37  GLN A O   1 
ATOM   287  C CB  . GLN A 1 37  ? 9.844   -1.511  2.368   1.00 18.60 ? 37  GLN A CB  1 
ATOM   288  C CG  . GLN A 1 37  ? 10.450  -1.151  3.723   1.00 20.01 ? 37  GLN A CG  1 
ATOM   289  C CD  . GLN A 1 37  ? 11.798  -0.461  3.591   1.00 20.80 ? 37  GLN A CD  1 
ATOM   290  O OE1 . GLN A 1 37  ? 11.871  0.732   3.300   1.00 26.01 ? 37  GLN A OE1 1 
ATOM   291  N NE2 . GLN A 1 37  ? 12.869  -1.212  3.800   1.00 18.16 ? 37  GLN A NE2 1 
ATOM   292  N N   . GLN A 1 38  ? 7.247   -1.288  4.497   1.00 20.58 ? 38  GLN A N   1 
ATOM   293  C CA  . GLN A 1 38  ? 6.637   -0.462  5.525   1.00 22.40 ? 38  GLN A CA  1 
ATOM   294  C C   . GLN A 1 38  ? 7.615   -0.455  6.694   1.00 22.16 ? 38  GLN A C   1 
ATOM   295  O O   . GLN A 1 38  ? 7.794   -1.475  7.365   1.00 20.57 ? 38  GLN A O   1 
ATOM   296  C CB  . GLN A 1 38  ? 5.305   -1.058  5.970   1.00 20.81 ? 38  GLN A CB  1 
ATOM   297  C CG  . GLN A 1 38  ? 4.629   -0.249  7.046   1.00 15.34 ? 38  GLN A CG  1 
ATOM   298  C CD  . GLN A 1 38  ? 3.455   -0.972  7.638   1.00 23.50 ? 38  GLN A CD  1 
ATOM   299  O OE1 . GLN A 1 38  ? 3.427   -2.201  7.675   1.00 25.98 ? 38  GLN A OE1 1 
ATOM   300  N NE2 . GLN A 1 38  ? 2.469   -0.215  8.111   1.00 25.37 ? 38  GLN A NE2 1 
ATOM   301  N N   . LYS A 1 39  ? 8.257   0.688   6.920   1.00 24.61 ? 39  LYS A N   1 
ATOM   302  C CA  . LYS A 1 39  ? 9.234   0.827   7.995   1.00 24.79 ? 39  LYS A CA  1 
ATOM   303  C C   . LYS A 1 39  ? 8.559   0.892   9.357   1.00 28.28 ? 39  LYS A C   1 
ATOM   304  O O   . LYS A 1 39  ? 7.358   1.154   9.454   1.00 24.65 ? 39  LYS A O   1 
ATOM   305  C CB  . LYS A 1 39  ? 10.085  2.080   7.777   1.00 26.08 ? 39  LYS A CB  1 
ATOM   306  C CG  . LYS A 1 39  ? 10.851  2.086   6.458   1.00 31.73 ? 39  LYS A CG  1 
ATOM   307  C CD  . LYS A 1 39  ? 12.332  1.773   6.657   1.00 38.50 ? 39  LYS A CD  1 
ATOM   308  C CE  . LYS A 1 39  ? 13.207  2.648   5.762   1.00 46.08 ? 39  LYS A CE  1 
ATOM   309  N NZ  . LYS A 1 39  ? 14.614  2.790   6.247   1.00 49.10 ? 39  LYS A NZ  1 
ATOM   310  N N   . PRO A 1 40  ? 9.330   0.659   10.434  1.00 31.02 ? 40  PRO A N   1 
ATOM   311  C CA  . PRO A 1 40  ? 8.781   0.690   11.795  1.00 30.01 ? 40  PRO A CA  1 
ATOM   312  C C   . PRO A 1 40  ? 8.090   2.000   12.165  1.00 25.95 ? 40  PRO A C   1 
ATOM   313  O O   . PRO A 1 40  ? 7.239   2.031   13.053  1.00 28.22 ? 40  PRO A O   1 
ATOM   314  C CB  . PRO A 1 40  ? 9.991   0.405   12.690  1.00 29.91 ? 40  PRO A CB  1 
ATOM   315  C CG  . PRO A 1 40  ? 11.021  -0.196  11.792  1.00 34.60 ? 40  PRO A CG  1 
ATOM   316  C CD  . PRO A 1 40  ? 10.775  0.364   10.425  1.00 32.20 ? 40  PRO A CD  1 
ATOM   317  N N   . ASP A 1 41  ? 8.457   3.084   11.494  1.00 24.62 ? 41  ASP A N   1 
ATOM   318  C CA  . ASP A 1 41  ? 7.845   4.366   11.799  1.00 29.23 ? 41  ASP A CA  1 
ATOM   319  C C   . ASP A 1 41  ? 6.588   4.623   10.975  1.00 29.55 ? 41  ASP A C   1 
ATOM   320  O O   . ASP A 1 41  ? 6.148   5.760   10.840  1.00 29.13 ? 41  ASP A O   1 
ATOM   321  C CB  . ASP A 1 41  ? 8.857   5.498   11.612  1.00 31.09 ? 41  ASP A CB  1 
ATOM   322  C CG  . ASP A 1 41  ? 9.232   5.708   10.179  1.00 32.77 ? 41  ASP A CG  1 
ATOM   323  O OD1 . ASP A 1 41  ? 8.761   4.923   9.332   1.00 38.10 ? 41  ASP A OD1 1 
ATOM   324  O OD2 . ASP A 1 41  ? 9.997   6.657   9.902   1.00 41.14 ? 41  ASP A OD2 1 
ATOM   325  N N   . GLY A 1 42  ? 6.025   3.557   10.417  1.00 30.11 ? 42  GLY A N   1 
ATOM   326  C CA  . GLY A 1 42  ? 4.798   3.672   9.654   1.00 26.61 ? 42  GLY A CA  1 
ATOM   327  C C   . GLY A 1 42  ? 4.864   4.138   8.216   1.00 27.49 ? 42  GLY A C   1 
ATOM   328  O O   . GLY A 1 42  ? 3.832   4.168   7.549   1.00 27.69 ? 42  GLY A O   1 
ATOM   329  N N   . THR A 1 43  ? 6.044   4.500   7.726   1.00 25.31 ? 43  THR A N   1 
ATOM   330  C CA  . THR A 1 43  ? 6.160   4.954   6.341   1.00 26.35 ? 43  THR A CA  1 
ATOM   331  C C   . THR A 1 43  ? 6.217   3.794   5.346   1.00 26.68 ? 43  THR A C   1 
ATOM   332  O O   . THR A 1 43  ? 6.779   2.733   5.630   1.00 26.24 ? 43  THR A O   1 
ATOM   333  C CB  . THR A 1 43  ? 7.409   5.825   6.137   1.00 28.83 ? 43  THR A CB  1 
ATOM   334  O OG1 . THR A 1 43  ? 8.500   5.272   6.878   1.00 42.29 ? 43  THR A OG1 1 
ATOM   335  C CG2 . THR A 1 43  ? 7.156   7.241   6.609   1.00 26.82 ? 43  THR A CG2 1 
ATOM   336  N N   . VAL A 1 44  ? 5.627   4.005   4.175   1.00 23.47 ? 44  VAL A N   1 
ATOM   337  C CA  . VAL A 1 44  ? 5.614   2.987   3.136   1.00 21.70 ? 44  VAL A CA  1 
ATOM   338  C C   . VAL A 1 44  ? 6.371   3.539   1.929   1.00 23.26 ? 44  VAL A C   1 
ATOM   339  O O   . VAL A 1 44  ? 6.212   4.706   1.569   1.00 21.82 ? 44  VAL A O   1 
ATOM   340  C CB  . VAL A 1 44  ? 4.167   2.620   2.736   1.00 19.74 ? 44  VAL A CB  1 
ATOM   341  C CG1 . VAL A 1 44  ? 4.178   1.551   1.669   1.00 19.49 ? 44  VAL A CG1 1 
ATOM   342  C CG2 . VAL A 1 44  ? 3.401   2.128   3.947   1.00 11.86 ? 44  VAL A CG2 1 
ATOM   343  N N   . LYS A 1 45  ? 7.198   2.694   1.318   1.00 26.76 ? 45  LYS A N   1 
ATOM   344  C CA  . LYS A 1 45  ? 8.021   3.079   0.172   1.00 25.12 ? 45  LYS A CA  1 
ATOM   345  C C   . LYS A 1 45  ? 7.946   2.059   -0.950  1.00 22.01 ? 45  LYS A C   1 
ATOM   346  O O   . LYS A 1 45  ? 7.784   0.870   -0.700  1.00 23.28 ? 45  LYS A O   1 
ATOM   347  C CB  . LYS A 1 45  ? 9.497   3.184   0.591   1.00 30.30 ? 45  LYS A CB  1 
ATOM   348  C CG  . LYS A 1 45  ? 9.901   4.493   1.245   1.00 42.42 ? 45  LYS A CG  1 
ATOM   349  C CD  . LYS A 1 45  ? 9.399   4.579   2.684   1.00 58.40 ? 45  LYS A CD  1 
ATOM   350  C CE  . LYS A 1 45  ? 9.738   3.324   3.490   1.00 60.95 ? 45  LYS A CE  1 
ATOM   351  N NZ  . LYS A 1 45  ? 11.144  3.364   3.965   1.00 64.64 ? 45  LYS A NZ  1 
ATOM   352  N N   . LEU A 1 46  ? 8.077   2.526   -2.187  1.00 21.11 ? 46  LEU A N   1 
ATOM   353  C CA  . LEU A 1 46  ? 8.088   1.629   -3.332  1.00 16.77 ? 46  LEU A CA  1 
ATOM   354  C C   . LEU A 1 46  ? 9.545   1.228   -3.455  1.00 19.45 ? 46  LEU A C   1 
ATOM   355  O O   . LEU A 1 46  ? 10.427  2.082   -3.514  1.00 22.16 ? 46  LEU A O   1 
ATOM   356  C CB  . LEU A 1 46  ? 7.661   2.344   -4.616  1.00 18.36 ? 46  LEU A CB  1 
ATOM   357  C CG  . LEU A 1 46  ? 7.034   1.530   -5.757  1.00 16.50 ? 46  LEU A CG  1 
ATOM   358  C CD1 . LEU A 1 46  ? 7.377   2.174   -7.078  1.00 19.26 ? 46  LEU A CD1 1 
ATOM   359  C CD2 . LEU A 1 46  ? 7.515   0.109   -5.736  1.00 17.81 ? 46  LEU A CD2 1 
ATOM   360  N N   . LEU A 1 47  ? 9.796   -0.071  -3.484  1.00 22.20 ? 47  LEU A N   1 
ATOM   361  C CA  . LEU A 1 47  ? 11.149  -0.582  -3.596  1.00 19.88 ? 47  LEU A CA  1 
ATOM   362  C C   . LEU A 1 47  ? 11.462  -1.015  -5.027  1.00 21.24 ? 47  LEU A C   1 
ATOM   363  O O   . LEU A 1 47  ? 12.331  -0.450  -5.683  1.00 20.65 ? 47  LEU A O   1 
ATOM   364  C CB  . LEU A 1 47  ? 11.331  -1.761  -2.633  1.00 21.12 ? 47  LEU A CB  1 
ATOM   365  C CG  . LEU A 1 47  ? 11.367  -1.388  -1.145  1.00 24.68 ? 47  LEU A CG  1 
ATOM   366  C CD1 . LEU A 1 47  ? 11.441  -2.639  -0.290  1.00 30.00 ? 47  LEU A CD1 1 
ATOM   367  C CD2 . LEU A 1 47  ? 12.572  -0.498  -0.874  1.00 24.90 ? 47  LEU A CD2 1 
ATOM   368  N N   . ILE A 1 48  ? 10.728  -2.009  -5.508  1.00 21.11 ? 48  ILE A N   1 
ATOM   369  C CA  . ILE A 1 48  ? 10.933  -2.559  -6.839  1.00 21.80 ? 48  ILE A CA  1 
ATOM   370  C C   . ILE A 1 48  ? 9.617   -2.559  -7.598  1.00 20.82 ? 48  ILE A C   1 
ATOM   371  O O   . ILE A 1 48  ? 8.560   -2.699  -6.994  1.00 21.23 ? 48  ILE A O   1 
ATOM   372  C CB  . ILE A 1 48  ? 11.447  -4.026  -6.724  1.00 25.36 ? 48  ILE A CB  1 
ATOM   373  C CG1 . ILE A 1 48  ? 12.893  -4.028  -6.219  1.00 22.30 ? 48  ILE A CG1 1 
ATOM   374  C CG2 . ILE A 1 48  ? 11.329  -4.755  -8.054  1.00 22.49 ? 48  ILE A CG2 1 
ATOM   375  C CD1 . ILE A 1 48  ? 13.399  -5.404  -5.841  1.00 32.14 ? 48  ILE A CD1 1 
ATOM   376  N N   . HIS A 1 49  ? 9.677   -2.391  -8.915  1.00 21.78 ? 49  HIS A N   1 
ATOM   377  C CA  . HIS A 1 49  ? 8.467   -2.416  -9.730  1.00 22.45 ? 49  HIS A CA  1 
ATOM   378  C C   . HIS A 1 49  ? 8.724   -3.243  -10.984 1.00 20.61 ? 49  HIS A C   1 
ATOM   379  O O   . HIS A 1 49  ? 9.870   -3.412  -11.394 1.00 28.27 ? 49  HIS A O   1 
ATOM   380  C CB  . HIS A 1 49  ? 7.992   -0.979  -10.059 1.00 27.28 ? 49  HIS A CB  1 
ATOM   381  C CG  . HIS A 1 49  ? 8.734   -0.314  -11.178 1.00 24.06 ? 49  HIS A CG  1 
ATOM   382  N ND1 . HIS A 1 49  ? 9.830   0.493   -10.968 1.00 22.57 ? 49  HIS A ND1 1 
ATOM   383  C CD2 . HIS A 1 49  ? 8.535   -0.337  -12.518 1.00 25.14 ? 49  HIS A CD2 1 
ATOM   384  C CE1 . HIS A 1 49  ? 10.279  0.934   -12.128 1.00 20.59 ? 49  HIS A CE1 1 
ATOM   385  N NE2 . HIS A 1 49  ? 9.511   0.444   -13.086 1.00 23.89 ? 49  HIS A NE2 1 
ATOM   386  N N   . TYR A 1 50  ? 7.666   -3.777  -11.583 1.00 24.65 ? 50  TYR A N   1 
ATOM   387  C CA  . TYR A 1 50  ? 7.797   -4.617  -12.773 1.00 22.11 ? 50  TYR A CA  1 
ATOM   388  C C   . TYR A 1 50  ? 8.813   -5.739  -12.525 1.00 24.19 ? 50  TYR A C   1 
ATOM   389  O O   . TYR A 1 50  ? 9.673   -6.028  -13.361 1.00 21.65 ? 50  TYR A O   1 
ATOM   390  C CB  . TYR A 1 50  ? 8.216   -3.791  -13.993 1.00 22.90 ? 50  TYR A CB  1 
ATOM   391  C CG  . TYR A 1 50  ? 7.882   -4.459  -15.319 1.00 26.66 ? 50  TYR A CG  1 
ATOM   392  C CD1 . TYR A 1 50  ? 8.884   -4.770  -16.246 1.00 23.24 ? 50  TYR A CD1 1 
ATOM   393  C CD2 . TYR A 1 50  ? 6.561   -4.799  -15.638 1.00 23.71 ? 50  TYR A CD2 1 
ATOM   394  C CE1 . TYR A 1 50  ? 8.574   -5.407  -17.461 1.00 21.63 ? 50  TYR A CE1 1 
ATOM   395  C CE2 . TYR A 1 50  ? 6.243   -5.432  -16.847 1.00 20.30 ? 50  TYR A CE2 1 
ATOM   396  C CZ  . TYR A 1 50  ? 7.252   -5.730  -17.750 1.00 23.84 ? 50  TYR A CZ  1 
ATOM   397  O OH  . TYR A 1 50  ? 6.931   -6.333  -18.943 1.00 27.05 ? 50  TYR A OH  1 
ATOM   398  N N   . THR A 1 51  ? 8.698   -6.350  -11.347 1.00 26.29 ? 51  THR A N   1 
ATOM   399  C CA  . THR A 1 51  ? 9.540   -7.461  -10.912 1.00 19.01 ? 51  THR A CA  1 
ATOM   400  C C   . THR A 1 51  ? 10.977  -7.156  -10.480 1.00 20.91 ? 51  THR A C   1 
ATOM   401  O O   . THR A 1 51  ? 11.387  -7.557  -9.386  1.00 16.16 ? 51  THR A O   1 
ATOM   402  C CB  . THR A 1 51  ? 9.595   -8.572  -11.979 1.00 16.08 ? 51  THR A CB  1 
ATOM   403  O OG1 . THR A 1 51  ? 8.266   -8.985  -12.322 1.00 21.52 ? 51  THR A OG1 1 
ATOM   404  C CG2 . THR A 1 51  ? 10.347  -9.774  -11.445 1.00 18.43 ? 51  THR A CG2 1 
ATOM   405  N N   . SER A 1 52  ? 11.741  -6.444  -11.309 1.00 18.96 ? 52  SER A N   1 
ATOM   406  C CA  . SER A 1 52  ? 13.144  -6.186  -10.973 1.00 22.11 ? 52  SER A CA  1 
ATOM   407  C C   . SER A 1 52  ? 13.670  -4.762  -11.043 1.00 17.41 ? 52  SER A C   1 
ATOM   408  O O   . SER A 1 52  ? 14.820  -4.519  -10.687 1.00 15.72 ? 52  SER A O   1 
ATOM   409  C CB  . SER A 1 52  ? 14.049  -7.069  -11.840 1.00 23.26 ? 52  SER A CB  1 
ATOM   410  O OG  . SER A 1 52  ? 13.751  -6.895  -13.218 1.00 26.00 ? 52  SER A OG  1 
ATOM   411  N N   . ARG A 1 53  ? 12.857  -3.824  -11.507 1.00 19.43 ? 53  ARG A N   1 
ATOM   412  C CA  . ARG A 1 53  ? 13.313  -2.445  -11.593 1.00 17.09 ? 53  ARG A CA  1 
ATOM   413  C C   . ARG A 1 53  ? 13.373  -1.795  -10.209 1.00 21.31 ? 53  ARG A C   1 
ATOM   414  O O   . ARG A 1 53  ? 12.341  -1.608  -9.553  1.00 23.94 ? 53  ARG A O   1 
ATOM   415  C CB  . ARG A 1 53  ? 12.387  -1.634  -12.502 1.00 15.58 ? 53  ARG A CB  1 
ATOM   416  C CG  . ARG A 1 53  ? 12.099  -2.266  -13.850 1.00 19.47 ? 53  ARG A CG  1 
ATOM   417  C CD  . ARG A 1 53  ? 13.376  -2.505  -14.641 1.00 28.55 ? 53  ARG A CD  1 
ATOM   418  N NE  . ARG A 1 53  ? 13.282  -3.748  -15.394 1.00 38.84 ? 53  ARG A NE  1 
ATOM   419  C CZ  . ARG A 1 53  ? 12.850  -3.825  -16.648 1.00 41.74 ? 53  ARG A CZ  1 
ATOM   420  N NH1 . ARG A 1 53  ? 12.477  -2.727  -17.286 1.00 50.88 ? 53  ARG A NH1 1 
ATOM   421  N NH2 . ARG A 1 53  ? 12.770  -5.000  -17.255 1.00 40.31 ? 53  ARG A NH2 1 
ATOM   422  N N   . LEU A 1 54  ? 14.580  -1.465  -9.759  1.00 21.41 ? 54  LEU A N   1 
ATOM   423  C CA  . LEU A 1 54  ? 14.744  -0.817  -8.464  1.00 26.21 ? 54  LEU A CA  1 
ATOM   424  C C   . LEU A 1 54  ? 14.267  0.622   -8.615  1.00 29.32 ? 54  LEU A C   1 
ATOM   425  O O   . LEU A 1 54  ? 14.593  1.295   -9.596  1.00 33.48 ? 54  LEU A O   1 
ATOM   426  C CB  . LEU A 1 54  ? 16.210  -0.831  -8.031  1.00 27.82 ? 54  LEU A CB  1 
ATOM   427  C CG  . LEU A 1 54  ? 16.604  -1.825  -6.935  1.00 34.71 ? 54  LEU A CG  1 
ATOM   428  C CD1 . LEU A 1 54  ? 16.379  -3.253  -7.421  1.00 36.75 ? 54  LEU A CD1 1 
ATOM   429  C CD2 . LEU A 1 54  ? 18.065  -1.620  -6.567  1.00 36.12 ? 54  LEU A CD2 1 
ATOM   430  N N   . HIS A 1 55  ? 13.488  1.087   -7.646  1.00 27.78 ? 55  HIS A N   1 
ATOM   431  C CA  . HIS A 1 55  ? 12.948  2.441   -7.675  1.00 28.34 ? 55  HIS A CA  1 
ATOM   432  C C   . HIS A 1 55  ? 13.959  3.487   -7.196  1.00 24.07 ? 55  HIS A C   1 
ATOM   433  O O   . HIS A 1 55  ? 14.999  3.153   -6.628  1.00 23.58 ? 55  HIS A O   1 
ATOM   434  C CB  . HIS A 1 55  ? 11.681  2.507   -6.821  1.00 28.58 ? 55  HIS A CB  1 
ATOM   435  C CG  . HIS A 1 55  ? 10.913  3.777   -6.981  1.00 23.79 ? 55  HIS A CG  1 
ATOM   436  N ND1 . HIS A 1 55  ? 10.381  4.463   -5.912  1.00 32.02 ? 55  HIS A ND1 1 
ATOM   437  C CD2 . HIS A 1 55  ? 10.592  4.493   -8.084  1.00 28.50 ? 55  HIS A CD2 1 
ATOM   438  C CE1 . HIS A 1 55  ? 9.763   5.547   -6.347  1.00 27.35 ? 55  HIS A CE1 1 
ATOM   439  N NE2 . HIS A 1 55  ? 9.878   5.588   -7.662  1.00 30.15 ? 55  HIS A NE2 1 
ATOM   440  N N   . SER A 1 56  ? 13.642  4.752   -7.433  1.00 20.62 ? 56  SER A N   1 
ATOM   441  C CA  . SER A 1 56  ? 14.518  5.846   -7.052  1.00 27.46 ? 56  SER A CA  1 
ATOM   442  C C   . SER A 1 56  ? 14.941  5.836   -5.587  1.00 29.94 ? 56  SER A C   1 
ATOM   443  O O   . SER A 1 56  ? 14.113  5.749   -4.678  1.00 29.01 ? 56  SER A O   1 
ATOM   444  C CB  . SER A 1 56  ? 13.854  7.182   -7.390  1.00 25.59 ? 56  SER A CB  1 
ATOM   445  O OG  . SER A 1 56  ? 12.688  7.388   -6.614  1.00 40.69 ? 56  SER A OG  1 
ATOM   446  N N   . GLY A 1 57  ? 16.249  5.915   -5.373  1.00 31.21 ? 57  GLY A N   1 
ATOM   447  C CA  . GLY A 1 57  ? 16.773  5.939   -4.022  1.00 34.94 ? 57  GLY A CA  1 
ATOM   448  C C   . GLY A 1 57  ? 16.707  4.660   -3.211  1.00 35.97 ? 57  GLY A C   1 
ATOM   449  O O   . GLY A 1 57  ? 16.646  4.714   -1.981  1.00 42.58 ? 57  GLY A O   1 
ATOM   450  N N   . VAL A 1 58  ? 16.714  3.510   -3.873  1.00 32.68 ? 58  VAL A N   1 
ATOM   451  C CA  . VAL A 1 58  ? 16.681  2.243   -3.155  1.00 30.47 ? 58  VAL A CA  1 
ATOM   452  C C   . VAL A 1 58  ? 18.075  1.622   -3.219  1.00 31.40 ? 58  VAL A C   1 
ATOM   453  O O   . VAL A 1 58  ? 18.701  1.604   -4.278  1.00 33.54 ? 58  VAL A O   1 
ATOM   454  C CB  . VAL A 1 58  ? 15.660  1.266   -3.778  1.00 30.09 ? 58  VAL A CB  1 
ATOM   455  C CG1 . VAL A 1 58  ? 15.563  -0.006  -2.936  1.00 27.86 ? 58  VAL A CG1 1 
ATOM   456  C CG2 . VAL A 1 58  ? 14.302  1.936   -3.878  1.00 28.36 ? 58  VAL A CG2 1 
ATOM   457  N N   . PRO A 1 59  ? 18.593  1.138   -2.076  1.00 27.73 ? 59  PRO A N   1 
ATOM   458  C CA  . PRO A 1 59  ? 19.921  0.513   -2.000  1.00 26.49 ? 59  PRO A CA  1 
ATOM   459  C C   . PRO A 1 59  ? 20.089  -0.650  -2.982  1.00 30.94 ? 59  PRO A C   1 
ATOM   460  O O   . PRO A 1 59  ? 19.139  -1.374  -3.271  1.00 33.93 ? 59  PRO A O   1 
ATOM   461  C CB  . PRO A 1 59  ? 20.027  0.053   -0.551  1.00 27.94 ? 59  PRO A CB  1 
ATOM   462  C CG  . PRO A 1 59  ? 18.633  0.125   -0.003  1.00 34.20 ? 59  PRO A CG  1 
ATOM   463  C CD  . PRO A 1 59  ? 17.928  1.188   -0.765  1.00 25.59 ? 59  PRO A CD  1 
ATOM   464  N N   . SER A 1 60  ? 21.304  -0.838  -3.482  1.00 32.44 ? 60  SER A N   1 
ATOM   465  C CA  . SER A 1 60  ? 21.565  -1.895  -4.452  1.00 37.63 ? 60  SER A CA  1 
ATOM   466  C C   . SER A 1 60  ? 21.483  -3.307  -3.904  1.00 38.65 ? 60  SER A C   1 
ATOM   467  O O   . SER A 1 60  ? 21.495  -4.263  -4.680  1.00 42.04 ? 60  SER A O   1 
ATOM   468  C CB  . SER A 1 60  ? 22.941  -1.699  -5.080  1.00 39.40 ? 60  SER A CB  1 
ATOM   469  O OG  . SER A 1 60  ? 23.826  -1.122  -4.142  1.00 44.17 ? 60  SER A OG  1 
ATOM   470  N N   . ARG A 1 61  ? 21.410  -3.448  -2.581  1.00 37.13 ? 61  ARG A N   1 
ATOM   471  C CA  . ARG A 1 61  ? 21.336  -4.772  -1.964  1.00 29.24 ? 61  ARG A CA  1 
ATOM   472  C C   . ARG A 1 61  ? 19.954  -5.395  -2.144  1.00 25.82 ? 61  ARG A C   1 
ATOM   473  O O   . ARG A 1 61  ? 19.711  -6.535  -1.756  1.00 25.99 ? 61  ARG A O   1 
ATOM   474  C CB  . ARG A 1 61  ? 21.703  -4.692  -0.475  1.00 31.08 ? 61  ARG A CB  1 
ATOM   475  C CG  . ARG A 1 61  ? 20.834  -3.767  0.370   1.00 32.58 ? 61  ARG A CG  1 
ATOM   476  C CD  . ARG A 1 61  ? 21.001  -4.074  1.862   1.00 33.69 ? 61  ARG A CD  1 
ATOM   477  N NE  . ARG A 1 61  ? 21.323  -2.878  2.637   1.00 38.28 ? 61  ARG A NE  1 
ATOM   478  C CZ  . ARG A 1 61  ? 20.471  -1.886  2.863   1.00 36.29 ? 61  ARG A CZ  1 
ATOM   479  N NH1 . ARG A 1 61  ? 20.845  -0.836  3.575   1.00 39.15 ? 61  ARG A NH1 1 
ATOM   480  N NH2 . ARG A 1 61  ? 19.240  -1.946  2.380   1.00 44.62 ? 61  ARG A NH2 1 
ATOM   481  N N   . PHE A 1 62  ? 19.050  -4.639  -2.751  1.00 24.40 ? 62  PHE A N   1 
ATOM   482  C CA  . PHE A 1 62  ? 17.706  -5.126  -3.005  1.00 25.17 ? 62  PHE A CA  1 
ATOM   483  C C   . PHE A 1 62  ? 17.588  -5.602  -4.453  1.00 23.32 ? 62  PHE A C   1 
ATOM   484  O O   . PHE A 1 62  ? 17.988  -4.899  -5.378  1.00 22.92 ? 62  PHE A O   1 
ATOM   485  C CB  . PHE A 1 62  ? 16.688  -4.011  -2.762  1.00 27.97 ? 62  PHE A CB  1 
ATOM   486  C CG  . PHE A 1 62  ? 16.321  -3.828  -1.323  1.00 29.67 ? 62  PHE A CG  1 
ATOM   487  C CD1 . PHE A 1 62  ? 16.901  -2.812  -0.570  1.00 30.87 ? 62  PHE A CD1 1 
ATOM   488  C CD2 . PHE A 1 62  ? 15.393  -4.663  -0.720  1.00 22.82 ? 62  PHE A CD2 1 
ATOM   489  C CE1 . PHE A 1 62  ? 16.561  -2.634  0.760   1.00 27.38 ? 62  PHE A CE1 1 
ATOM   490  C CE2 . PHE A 1 62  ? 15.045  -4.491  0.610   1.00 26.47 ? 62  PHE A CE2 1 
ATOM   491  C CZ  . PHE A 1 62  ? 15.629  -3.476  1.351   1.00 25.54 ? 62  PHE A CZ  1 
ATOM   492  N N   . SER A 1 63  ? 17.043  -6.796  -4.650  1.00 21.02 ? 63  SER A N   1 
ATOM   493  C CA  . SER A 1 63  ? 16.870  -7.309  -6.002  1.00 24.76 ? 63  SER A CA  1 
ATOM   494  C C   . SER A 1 63  ? 15.632  -8.180  -6.131  1.00 23.58 ? 63  SER A C   1 
ATOM   495  O O   . SER A 1 63  ? 15.216  -8.846  -5.177  1.00 22.71 ? 63  SER A O   1 
ATOM   496  C CB  . SER A 1 63  ? 18.106  -8.098  -6.445  1.00 30.43 ? 63  SER A CB  1 
ATOM   497  O OG  . SER A 1 63  ? 18.311  -9.254  -5.652  1.00 30.95 ? 63  SER A OG  1 
ATOM   498  N N   . GLY A 1 64  ? 15.049  -8.170  -7.324  1.00 17.95 ? 64  GLY A N   1 
ATOM   499  C CA  . GLY A 1 64  ? 13.862  -8.963  -7.574  1.00 20.54 ? 64  GLY A CA  1 
ATOM   500  C C   . GLY A 1 64  ? 13.925  -9.778  -8.859  1.00 21.56 ? 64  GLY A C   1 
ATOM   501  O O   . GLY A 1 64  ? 14.570  -9.399  -9.842  1.00 19.67 ? 64  GLY A O   1 
ATOM   502  N N   . SER A 1 65  ? 13.246  -10.916 -8.850  1.00 18.69 ? 65  SER A N   1 
ATOM   503  C CA  . SER A 1 65  ? 13.216  -11.778 -10.011 1.00 15.69 ? 65  SER A CA  1 
ATOM   504  C C   . SER A 1 65  ? 11.896  -12.508 -10.002 1.00 12.74 ? 65  SER A C   1 
ATOM   505  O O   . SER A 1 65  ? 11.190  -12.513 -9.005  1.00 18.06 ? 65  SER A O   1 
ATOM   506  C CB  . SER A 1 65  ? 14.354  -12.781 -9.937  1.00 15.44 ? 65  SER A CB  1 
ATOM   507  O OG  . SER A 1 65  ? 14.395  -13.345 -8.647  1.00 30.64 ? 65  SER A OG  1 
ATOM   508  N N   . GLY A 1 66  ? 11.554  -13.119 -11.123 1.00 16.98 ? 66  GLY A N   1 
ATOM   509  C CA  . GLY A 1 66  ? 10.312  -13.855 -11.183 1.00 13.46 ? 66  GLY A CA  1 
ATOM   510  C C   . GLY A 1 66  ? 9.668   -13.802 -12.546 1.00 17.73 ? 66  GLY A C   1 
ATOM   511  O O   . GLY A 1 66  ? 10.065  -13.015 -13.407 1.00 19.99 ? 66  GLY A O   1 
ATOM   512  N N   . SER A 1 67  ? 8.670   -14.657 -12.729 1.00 17.04 ? 67  SER A N   1 
ATOM   513  C CA  . SER A 1 67  ? 7.921   -14.743 -13.965 1.00 17.97 ? 67  SER A CA  1 
ATOM   514  C C   . SER A 1 67  ? 6.724   -15.624 -13.680 1.00 17.49 ? 67  SER A C   1 
ATOM   515  O O   . SER A 1 67  ? 6.685   -16.324 -12.674 1.00 25.88 ? 67  SER A O   1 
ATOM   516  C CB  . SER A 1 67  ? 8.774   -15.360 -15.068 1.00 22.87 ? 67  SER A CB  1 
ATOM   517  O OG  . SER A 1 67  ? 9.248   -16.640 -14.688 1.00 36.47 ? 67  SER A OG  1 
ATOM   518  N N   . GLY A 1 68  ? 5.738   -15.580 -14.564 1.00 26.94 ? 68  GLY A N   1 
ATOM   519  C CA  . GLY A 1 68  ? 4.549   -16.381 -14.376 1.00 23.14 ? 68  GLY A CA  1 
ATOM   520  C C   . GLY A 1 68  ? 3.807   -16.013 -13.110 1.00 24.62 ? 68  GLY A C   1 
ATOM   521  O O   . GLY A 1 68  ? 3.151   -14.968 -13.042 1.00 24.35 ? 68  GLY A O   1 
ATOM   522  N N   . THR A 1 69  ? 3.912   -16.877 -12.105 1.00 22.08 ? 69  THR A N   1 
ATOM   523  C CA  . THR A 1 69  ? 3.232   -16.664 -10.830 1.00 22.70 ? 69  THR A CA  1 
ATOM   524  C C   . THR A 1 69  ? 4.201   -16.743 -9.662  1.00 20.66 ? 69  THR A C   1 
ATOM   525  O O   . THR A 1 69  ? 3.782   -16.651 -8.511  1.00 19.85 ? 69  THR A O   1 
ATOM   526  C CB  . THR A 1 69  ? 2.139   -17.734 -10.586 1.00 26.77 ? 69  THR A CB  1 
ATOM   527  O OG1 . THR A 1 69  ? 2.747   -19.031 -10.574 1.00 28.71 ? 69  THR A OG1 1 
ATOM   528  C CG2 . THR A 1 69  ? 1.068   -17.689 -11.673 1.00 20.49 ? 69  THR A CG2 1 
ATOM   529  N N   . ASP A 1 70  ? 5.489   -16.895 -9.965  1.00 20.21 ? 70  ASP A N   1 
ATOM   530  C CA  . ASP A 1 70  ? 6.533   -17.033 -8.941  1.00 26.12 ? 70  ASP A CA  1 
ATOM   531  C C   . ASP A 1 70  ? 7.485   -15.855 -8.854  1.00 21.57 ? 70  ASP A C   1 
ATOM   532  O O   . ASP A 1 70  ? 8.228   -15.595 -9.790  1.00 20.17 ? 70  ASP A O   1 
ATOM   533  C CB  . ASP A 1 70  ? 7.358   -18.287 -9.222  1.00 38.89 ? 70  ASP A CB  1 
ATOM   534  C CG  . ASP A 1 70  ? 7.544   -19.149 -8.000  1.00 47.95 ? 70  ASP A CG  1 
ATOM   535  O OD1 . ASP A 1 70  ? 8.108   -20.257 -8.148  1.00 57.42 ? 70  ASP A OD1 1 
ATOM   536  O OD2 . ASP A 1 70  ? 7.130   -18.724 -6.897  1.00 56.17 ? 70  ASP A OD2 1 
ATOM   537  N N   . TYR A 1 71  ? 7.494   -15.170 -7.716  1.00 20.14 ? 71  TYR A N   1 
ATOM   538  C CA  . TYR A 1 71  ? 8.362   -14.013 -7.536  1.00 13.62 ? 71  TYR A CA  1 
ATOM   539  C C   . TYR A 1 71  ? 8.952   -13.960 -6.136  1.00 21.52 ? 71  TYR A C   1 
ATOM   540  O O   . TYR A 1 71  ? 8.347   -14.436 -5.176  1.00 15.78 ? 71  TYR A O   1 
ATOM   541  C CB  . TYR A 1 71  ? 7.574   -12.720 -7.771  1.00 12.36 ? 71  TYR A CB  1 
ATOM   542  C CG  . TYR A 1 71  ? 6.916   -12.632 -9.122  1.00 11.64 ? 71  TYR A CG  1 
ATOM   543  C CD1 . TYR A 1 71  ? 5.670   -13.205 -9.345  1.00 8.50  ? 71  TYR A CD1 1 
ATOM   544  C CD2 . TYR A 1 71  ? 7.558   -12.003 -10.190 1.00 17.10 ? 71  TYR A CD2 1 
ATOM   545  C CE1 . TYR A 1 71  ? 5.075   -13.157 -10.597 1.00 9.06  ? 71  TYR A CE1 1 
ATOM   546  C CE2 . TYR A 1 71  ? 6.975   -11.948 -11.448 1.00 11.36 ? 71  TYR A CE2 1 
ATOM   547  C CZ  . TYR A 1 71  ? 5.732   -12.525 -11.646 1.00 10.01 ? 71  TYR A CZ  1 
ATOM   548  O OH  . TYR A 1 71  ? 5.127   -12.444 -12.882 1.00 12.87 ? 71  TYR A OH  1 
ATOM   549  N N   . SER A 1 72  ? 10.136  -13.365 -6.022  1.00 23.26 ? 72  SER A N   1 
ATOM   550  C CA  . SER A 1 72  ? 10.787  -13.217 -4.731  1.00 24.58 ? 72  SER A CA  1 
ATOM   551  C C   . SER A 1 72  ? 11.625  -11.939 -4.676  1.00 25.17 ? 72  SER A C   1 
ATOM   552  O O   . SER A 1 72  ? 12.001  -11.375 -5.704  1.00 24.56 ? 72  SER A O   1 
ATOM   553  C CB  . SER A 1 72  ? 11.666  -14.434 -4.426  1.00 29.30 ? 72  SER A CB  1 
ATOM   554  O OG  . SER A 1 72  ? 12.461  -14.787 -5.538  1.00 27.12 ? 72  SER A OG  1 
ATOM   555  N N   . LEU A 1 73  ? 11.892  -11.477 -3.461  1.00 24.14 ? 73  LEU A N   1 
ATOM   556  C CA  . LEU A 1 73  ? 12.697  -10.290 -3.238  1.00 22.07 ? 73  LEU A CA  1 
ATOM   557  C C   . LEU A 1 73  ? 13.934  -10.794 -2.512  1.00 19.30 ? 73  LEU A C   1 
ATOM   558  O O   . LEU A 1 73  ? 13.858  -11.756 -1.766  1.00 20.16 ? 73  LEU A O   1 
ATOM   559  C CB  . LEU A 1 73  ? 11.934  -9.286  -2.368  1.00 22.59 ? 73  LEU A CB  1 
ATOM   560  C CG  . LEU A 1 73  ? 12.673  -8.040  -1.866  1.00 22.73 ? 73  LEU A CG  1 
ATOM   561  C CD1 . LEU A 1 73  ? 12.504  -6.899  -2.859  1.00 22.93 ? 73  LEU A CD1 1 
ATOM   562  C CD2 . LEU A 1 73  ? 12.124  -7.641  -0.506  1.00 22.10 ? 73  LEU A CD2 1 
ATOM   563  N N   . THR A 1 74  ? 15.073  -10.160 -2.741  1.00 20.76 ? 74  THR A N   1 
ATOM   564  C CA  . THR A 1 74  ? 16.297  -10.591 -2.082  1.00 23.51 ? 74  THR A CA  1 
ATOM   565  C C   . THR A 1 74  ? 17.109  -9.407  -1.579  1.00 20.87 ? 74  THR A C   1 
ATOM   566  O O   . THR A 1 74  ? 17.292  -8.416  -2.290  1.00 18.68 ? 74  THR A O   1 
ATOM   567  C CB  . THR A 1 74  ? 17.201  -11.420 -3.042  1.00 24.18 ? 74  THR A CB  1 
ATOM   568  O OG1 . THR A 1 74  ? 16.542  -12.640 -3.396  1.00 28.80 ? 74  THR A OG1 1 
ATOM   569  C CG2 . THR A 1 74  ? 18.528  -11.749 -2.386  1.00 23.64 ? 74  THR A CG2 1 
ATOM   570  N N   . ILE A 1 75  ? 17.575  -9.517  -0.338  1.00 22.78 ? 75  ILE A N   1 
ATOM   571  C CA  . ILE A 1 75  ? 18.424  -8.501  0.275   1.00 23.56 ? 75  ILE A CA  1 
ATOM   572  C C   . ILE A 1 75  ? 19.741  -9.250  0.472   1.00 20.64 ? 75  ILE A C   1 
ATOM   573  O O   . ILE A 1 75  ? 19.804  -10.208 1.234   1.00 15.60 ? 75  ILE A O   1 
ATOM   574  C CB  . ILE A 1 75  ? 17.870  -8.029  1.642   1.00 23.00 ? 75  ILE A CB  1 
ATOM   575  C CG1 . ILE A 1 75  ? 16.454  -7.476  1.467   1.00 25.26 ? 75  ILE A CG1 1 
ATOM   576  C CG2 . ILE A 1 75  ? 18.771  -6.946  2.226   1.00 17.46 ? 75  ILE A CG2 1 
ATOM   577  C CD1 . ILE A 1 75  ? 15.585  -7.584  2.715   1.00 29.18 ? 75  ILE A CD1 1 
ATOM   578  N N   . SER A 1 76  ? 20.776  -8.826  -0.248  1.00 24.80 ? 76  SER A N   1 
ATOM   579  C CA  . SER A 1 76  ? 22.090  -9.465  -0.194  1.00 25.77 ? 76  SER A CA  1 
ATOM   580  C C   . SER A 1 76  ? 22.719  -9.503  1.198   1.00 27.81 ? 76  SER A C   1 
ATOM   581  O O   . SER A 1 76  ? 23.201  -10.548 1.640   1.00 25.63 ? 76  SER A O   1 
ATOM   582  C CB  . SER A 1 76  ? 23.036  -8.767  -1.171  1.00 21.87 ? 76  SER A CB  1 
ATOM   583  O OG  . SER A 1 76  ? 23.252  -7.424  -0.785  1.00 27.56 ? 76  SER A OG  1 
ATOM   584  N N   . ASN A 1 77  ? 22.733  -8.359  1.874   1.00 28.64 ? 77  ASN A N   1 
ATOM   585  C CA  . ASN A 1 77  ? 23.286  -8.271  3.222   1.00 33.12 ? 77  ASN A CA  1 
ATOM   586  C C   . ASN A 1 77  ? 22.270  -7.548  4.089   1.00 27.85 ? 77  ASN A C   1 
ATOM   587  O O   . ASN A 1 77  ? 22.035  -6.356  3.901   1.00 29.81 ? 77  ASN A O   1 
ATOM   588  C CB  . ASN A 1 77  ? 24.601  -7.486  3.225   1.00 40.80 ? 77  ASN A CB  1 
ATOM   589  C CG  . ASN A 1 77  ? 25.604  -8.026  2.229   1.00 48.08 ? 77  ASN A CG  1 
ATOM   590  O OD1 . ASN A 1 77  ? 26.528  -8.759  2.592   1.00 55.33 ? 77  ASN A OD1 1 
ATOM   591  N ND2 . ASN A 1 77  ? 25.430  -7.665  0.963   1.00 50.21 ? 77  ASN A ND2 1 
ATOM   592  N N   . LEU A 1 78  ? 21.678  -8.269  5.037   1.00 23.35 ? 78  LEU A N   1 
ATOM   593  C CA  . LEU A 1 78  ? 20.672  -7.697  5.923   1.00 22.70 ? 78  LEU A CA  1 
ATOM   594  C C   . LEU A 1 78  ? 21.197  -6.576  6.816   1.00 27.70 ? 78  LEU A C   1 
ATOM   595  O O   . LEU A 1 78  ? 22.051  -6.802  7.674   1.00 28.66 ? 78  LEU A O   1 
ATOM   596  C CB  . LEU A 1 78  ? 20.069  -8.789  6.797   1.00 20.24 ? 78  LEU A CB  1 
ATOM   597  C CG  . LEU A 1 78  ? 18.571  -8.770  7.110   1.00 22.74 ? 78  LEU A CG  1 
ATOM   598  C CD1 . LEU A 1 78  ? 18.395  -8.806  8.615   1.00 20.99 ? 78  LEU A CD1 1 
ATOM   599  C CD2 . LEU A 1 78  ? 17.894  -7.549  6.517   1.00 15.64 ? 78  LEU A CD2 1 
ATOM   600  N N   . GLU A 1 79  ? 20.660  -5.375  6.604   1.00 29.78 ? 79  GLU A N   1 
ATOM   601  C CA  . GLU A 1 79  ? 21.024  -4.181  7.363   1.00 25.63 ? 79  GLU A CA  1 
ATOM   602  C C   . GLU A 1 79  ? 19.948  -3.846  8.399   1.00 23.57 ? 79  GLU A C   1 
ATOM   603  O O   . GLU A 1 79  ? 18.775  -4.167  8.220   1.00 22.11 ? 79  GLU A O   1 
ATOM   604  C CB  . GLU A 1 79  ? 21.181  -2.997  6.411   1.00 30.56 ? 79  GLU A CB  1 
ATOM   605  C CG  . GLU A 1 79  ? 22.608  -2.537  6.192   1.00 48.43 ? 79  GLU A CG  1 
ATOM   606  C CD  . GLU A 1 79  ? 23.548  -3.677  5.866   1.00 57.73 ? 79  GLU A CD  1 
ATOM   607  O OE1 . GLU A 1 79  ? 23.861  -4.473  6.781   1.00 62.74 ? 79  GLU A OE1 1 
ATOM   608  O OE2 . GLU A 1 79  ? 23.975  -3.773  4.692   1.00 64.61 ? 79  GLU A OE2 1 
ATOM   609  N N   . GLN A 1 80  ? 20.356  -3.189  9.478   1.00 23.46 ? 80  GLN A N   1 
ATOM   610  C CA  . GLN A 1 80  ? 19.442  -2.795  10.549  1.00 23.65 ? 80  GLN A CA  1 
ATOM   611  C C   . GLN A 1 80  ? 18.226  -2.037  10.023  1.00 23.38 ? 80  GLN A C   1 
ATOM   612  O O   . GLN A 1 80  ? 17.100  -2.238  10.478  1.00 19.94 ? 80  GLN A O   1 
ATOM   613  C CB  . GLN A 1 80  ? 20.181  -1.912  11.552  1.00 25.88 ? 80  GLN A CB  1 
ATOM   614  C CG  . GLN A 1 80  ? 19.937  -2.270  12.990  1.00 35.37 ? 80  GLN A CG  1 
ATOM   615  C CD  . GLN A 1 80  ? 21.014  -1.730  13.901  1.00 43.75 ? 80  GLN A CD  1 
ATOM   616  O OE1 . GLN A 1 80  ? 21.244  -0.525  13.958  1.00 44.73 ? 80  GLN A OE1 1 
ATOM   617  N NE2 . GLN A 1 80  ? 21.686  -2.625  14.618  1.00 53.02 ? 80  GLN A NE2 1 
ATOM   618  N N   . GLU A 1 81  ? 18.462  -1.156  9.063   1.00 23.05 ? 81  GLU A N   1 
ATOM   619  C CA  . GLU A 1 81  ? 17.392  -0.364  8.478   1.00 25.46 ? 81  GLU A CA  1 
ATOM   620  C C   . GLU A 1 81  ? 16.428  -1.213  7.652   1.00 23.20 ? 81  GLU A C   1 
ATOM   621  O O   . GLU A 1 81  ? 15.332  -0.764  7.323   1.00 23.77 ? 81  GLU A O   1 
ATOM   622  C CB  . GLU A 1 81  ? 17.988  0.744   7.603   1.00 33.66 ? 81  GLU A CB  1 
ATOM   623  C CG  . GLU A 1 81  ? 19.155  1.492   8.250   1.00 49.26 ? 81  GLU A CG  1 
ATOM   624  C CD  . GLU A 1 81  ? 20.463  0.703   8.223   1.00 54.01 ? 81  GLU A CD  1 
ATOM   625  O OE1 . GLU A 1 81  ? 20.857  0.238   7.131   1.00 55.06 ? 81  GLU A OE1 1 
ATOM   626  O OE2 . GLU A 1 81  ? 21.095  0.553   9.295   1.00 55.35 ? 81  GLU A OE2 1 
ATOM   627  N N   . ASP A 1 82  ? 16.830  -2.438  7.323   1.00 20.99 ? 82  ASP A N   1 
ATOM   628  C CA  . ASP A 1 82  ? 15.993  -3.335  6.524   1.00 23.00 ? 82  ASP A CA  1 
ATOM   629  C C   . ASP A 1 82  ? 14.923  -4.057  7.345   1.00 23.54 ? 82  ASP A C   1 
ATOM   630  O O   . ASP A 1 82  ? 14.052  -4.748  6.797   1.00 16.02 ? 82  ASP A O   1 
ATOM   631  C CB  . ASP A 1 82  ? 16.869  -4.357  5.795   1.00 19.68 ? 82  ASP A CB  1 
ATOM   632  C CG  . ASP A 1 82  ? 17.918  -3.700  4.925   1.00 22.09 ? 82  ASP A CG  1 
ATOM   633  O OD1 . ASP A 1 82  ? 17.656  -2.577  4.437   1.00 20.73 ? 82  ASP A OD1 1 
ATOM   634  O OD2 . ASP A 1 82  ? 19.002  -4.297  4.734   1.00 21.19 ? 82  ASP A OD2 1 
ATOM   635  N N   . ILE A 1 83  ? 14.999  -3.895  8.663   1.00 22.36 ? 83  ILE A N   1 
ATOM   636  C CA  . ILE A 1 83  ? 14.035  -4.502  9.561   1.00 17.84 ? 83  ILE A CA  1 
ATOM   637  C C   . ILE A 1 83  ? 12.689  -3.801  9.351   1.00 23.49 ? 83  ILE A C   1 
ATOM   638  O O   . ILE A 1 83  ? 12.493  -2.656  9.765   1.00 20.80 ? 83  ILE A O   1 
ATOM   639  C CB  . ILE A 1 83  ? 14.499  -4.361  11.028  1.00 19.08 ? 83  ILE A CB  1 
ATOM   640  C CG1 . ILE A 1 83  ? 15.832  -5.094  11.223  1.00 18.07 ? 83  ILE A CG1 1 
ATOM   641  C CG2 . ILE A 1 83  ? 13.453  -4.924  11.971  1.00 20.01 ? 83  ILE A CG2 1 
ATOM   642  C CD1 . ILE A 1 83  ? 15.909  -6.473  10.559  1.00 16.44 ? 83  ILE A CD1 1 
ATOM   643  N N   . ALA A 1 84  ? 11.768  -4.501  8.692   1.00 26.19 ? 84  ALA A N   1 
ATOM   644  C CA  . ALA A 1 84  ? 10.444  -3.960  8.390   1.00 22.09 ? 84  ALA A CA  1 
ATOM   645  C C   . ALA A 1 84  ? 9.536   -5.055  7.825   1.00 18.92 ? 84  ALA A C   1 
ATOM   646  O O   . ALA A 1 84  ? 9.865   -6.239  7.890   1.00 21.90 ? 84  ALA A O   1 
ATOM   647  C CB  . ALA A 1 84  ? 10.579  -2.815  7.375   1.00 19.03 ? 84  ALA A CB  1 
ATOM   648  N N   . THR A 1 85  ? 8.398   -4.649  7.269   1.00 20.70 ? 85  THR A N   1 
ATOM   649  C CA  . THR A 1 85  ? 7.432   -5.572  6.674   1.00 16.47 ? 85  THR A CA  1 
ATOM   650  C C   . THR A 1 85  ? 7.317   -5.289  5.181   1.00 17.94 ? 85  THR A C   1 
ATOM   651  O O   . THR A 1 85  ? 7.124   -4.139  4.775   1.00 16.18 ? 85  THR A O   1 
ATOM   652  C CB  . THR A 1 85  ? 6.051   -5.401  7.303   1.00 17.70 ? 85  THR A CB  1 
ATOM   653  O OG1 . THR A 1 85  ? 6.143   -5.664  8.705   1.00 18.72 ? 85  THR A OG1 1 
ATOM   654  C CG2 . THR A 1 85  ? 5.045   -6.360  6.672   1.00 18.49 ? 85  THR A CG2 1 
ATOM   655  N N   . TYR A 1 86  ? 7.424   -6.339  4.368   1.00 13.10 ? 86  TYR A N   1 
ATOM   656  C CA  . TYR A 1 86  ? 7.349   -6.196  2.915   1.00 17.94 ? 86  TYR A CA  1 
ATOM   657  C C   . TYR A 1 86  ? 6.078   -6.796  2.329   1.00 16.83 ? 86  TYR A C   1 
ATOM   658  O O   . TYR A 1 86  ? 5.626   -7.866  2.750   1.00 20.61 ? 86  TYR A O   1 
ATOM   659  C CB  . TYR A 1 86  ? 8.585   -6.836  2.269   1.00 13.34 ? 86  TYR A CB  1 
ATOM   660  C CG  . TYR A 1 86  ? 9.886   -6.282  2.818   1.00 13.50 ? 86  TYR A CG  1 
ATOM   661  C CD1 . TYR A 1 86  ? 10.660  -5.392  2.075   1.00 16.09 ? 86  TYR A CD1 1 
ATOM   662  C CD2 . TYR A 1 86  ? 10.316  -6.607  4.106   1.00 12.68 ? 86  TYR A CD2 1 
ATOM   663  C CE1 . TYR A 1 86  ? 11.831  -4.828  2.603   1.00 14.33 ? 86  TYR A CE1 1 
ATOM   664  C CE2 . TYR A 1 86  ? 11.478  -6.051  4.646   1.00 10.78 ? 86  TYR A CE2 1 
ATOM   665  C CZ  . TYR A 1 86  ? 12.225  -5.159  3.894   1.00 17.01 ? 86  TYR A CZ  1 
ATOM   666  O OH  . TYR A 1 86  ? 13.324  -4.552  4.457   1.00 13.87 ? 86  TYR A OH  1 
ATOM   667  N N   . PHE A 1 87  ? 5.502   -6.086  1.363   1.00 18.35 ? 87  PHE A N   1 
ATOM   668  C CA  . PHE A 1 87  ? 4.277   -6.516  0.685   1.00 23.76 ? 87  PHE A CA  1 
ATOM   669  C C   . PHE A 1 87  ? 4.486   -6.548  -0.825  1.00 22.87 ? 87  PHE A C   1 
ATOM   670  O O   . PHE A 1 87  ? 5.152   -5.678  -1.383  1.00 23.17 ? 87  PHE A O   1 
ATOM   671  C CB  . PHE A 1 87  ? 3.116   -5.549  0.980   1.00 18.57 ? 87  PHE A CB  1 
ATOM   672  C CG  . PHE A 1 87  ? 2.814   -5.378  2.441   1.00 21.80 ? 87  PHE A CG  1 
ATOM   673  C CD1 . PHE A 1 87  ? 3.508   -4.445  3.207   1.00 20.77 ? 87  PHE A CD1 1 
ATOM   674  C CD2 . PHE A 1 87  ? 1.813   -6.128  3.048   1.00 18.89 ? 87  PHE A CD2 1 
ATOM   675  C CE1 . PHE A 1 87  ? 3.207   -4.259  4.560   1.00 15.68 ? 87  PHE A CE1 1 
ATOM   676  C CE2 . PHE A 1 87  ? 1.509   -5.947  4.400   1.00 23.39 ? 87  PHE A CE2 1 
ATOM   677  C CZ  . PHE A 1 87  ? 2.208   -5.010  5.153   1.00 18.17 ? 87  PHE A CZ  1 
ATOM   678  N N   . CYS A 1 88  ? 3.914   -7.548  -1.489  1.00 27.09 ? 88  CYS A N   1 
ATOM   679  C CA  . CYS A 1 88  ? 4.022   -7.635  -2.939  1.00 23.69 ? 88  CYS A CA  1 
ATOM   680  C C   . CYS A 1 88  ? 2.649   -7.265  -3.498  1.00 20.23 ? 88  CYS A C   1 
ATOM   681  O O   . CYS A 1 88  ? 1.631   -7.524  -2.857  1.00 19.93 ? 88  CYS A O   1 
ATOM   682  C CB  . CYS A 1 88  ? 4.433   -9.051  -3.368  1.00 23.83 ? 88  CYS A CB  1 
ATOM   683  S SG  . CYS A 1 88  ? 3.296   -10.387 -2.882  1.00 23.50 ? 88  CYS A SG  1 
ATOM   684  N N   . GLN A 1 89  ? 2.619   -6.644  -4.674  1.00 18.99 ? 89  GLN A N   1 
ATOM   685  C CA  . GLN A 1 89  ? 1.355   -6.235  -5.289  1.00 17.37 ? 89  GLN A CA  1 
ATOM   686  C C   . GLN A 1 89  ? 1.353   -6.521  -6.782  1.00 19.05 ? 89  GLN A C   1 
ATOM   687  O O   . GLN A 1 89  ? 2.362   -6.325  -7.447  1.00 14.50 ? 89  GLN A O   1 
ATOM   688  C CB  . GLN A 1 89  ? 1.126   -4.731  -5.084  1.00 18.19 ? 89  GLN A CB  1 
ATOM   689  C CG  . GLN A 1 89  ? -0.164  -4.183  -5.724  1.00 21.12 ? 89  GLN A CG  1 
ATOM   690  C CD  . GLN A 1 89  ? 0.082   -3.115  -6.796  1.00 21.12 ? 89  GLN A CD  1 
ATOM   691  O OE1 . GLN A 1 89  ? -0.674  -3.015  -7.766  1.00 25.02 ? 89  GLN A OE1 1 
ATOM   692  N NE2 . GLN A 1 89  ? 1.135   -2.317  -6.624  1.00 15.21 ? 89  GLN A NE2 1 
ATOM   693  N N   . GLN A 1 90  ? 0.224   -6.985  -7.312  1.00 21.62 ? 90  GLN A N   1 
ATOM   694  C CA  . GLN A 1 90  ? 0.138   -7.241  -8.742  1.00 19.44 ? 90  GLN A CA  1 
ATOM   695  C C   . GLN A 1 90  ? -0.568  -6.076  -9.428  1.00 16.55 ? 90  GLN A C   1 
ATOM   696  O O   . GLN A 1 90  ? -1.608  -5.589  -8.972  1.00 12.92 ? 90  GLN A O   1 
ATOM   697  C CB  . GLN A 1 90  ? -0.588  -8.569  -9.036  1.00 17.49 ? 90  GLN A CB  1 
ATOM   698  C CG  . GLN A 1 90  ? -2.075  -8.617  -8.696  1.00 26.59 ? 90  GLN A CG  1 
ATOM   699  C CD  . GLN A 1 90  ? -2.958  -7.913  -9.720  1.00 27.79 ? 90  GLN A CD  1 
ATOM   700  O OE1 . GLN A 1 90  ? -2.573  -7.727  -10.876 1.00 24.77 ? 90  GLN A OE1 1 
ATOM   701  N NE2 . GLN A 1 90  ? -4.152  -7.518  -9.290  1.00 21.93 ? 90  GLN A NE2 1 
ATOM   702  N N   . GLY A 1 91  ? 0.024   -5.614  -10.519 1.00 17.25 ? 91  GLY A N   1 
ATOM   703  C CA  . GLY A 1 91  ? -0.559  -4.511  -11.255 1.00 22.33 ? 91  GLY A CA  1 
ATOM   704  C C   . GLY A 1 91  ? -0.975  -4.937  -12.644 1.00 20.60 ? 91  GLY A C   1 
ATOM   705  O O   . GLY A 1 91  ? -1.006  -4.130  -13.568 1.00 23.28 ? 91  GLY A O   1 
ATOM   706  N N   . ASN A 1 92  ? -1.299  -6.214  -12.785 1.00 25.30 ? 92  ASN A N   1 
ATOM   707  C CA  . ASN A 1 92  ? -1.716  -6.768  -14.065 1.00 24.55 ? 92  ASN A CA  1 
ATOM   708  C C   . ASN A 1 92  ? -3.175  -6.453  -14.410 1.00 29.34 ? 92  ASN A C   1 
ATOM   709  O O   . ASN A 1 92  ? -3.469  -6.069  -15.536 1.00 35.68 ? 92  ASN A O   1 
ATOM   710  C CB  . ASN A 1 92  ? -1.489  -8.277  -14.062 1.00 21.10 ? 92  ASN A CB  1 
ATOM   711  C CG  . ASN A 1 92  ? -1.637  -8.887  -15.427 1.00 17.74 ? 92  ASN A CG  1 
ATOM   712  O OD1 . ASN A 1 92  ? -1.315  -8.269  -16.438 1.00 20.93 ? 92  ASN A OD1 1 
ATOM   713  N ND2 . ASN A 1 92  ? -2.131  -10.111 -15.466 1.00 30.19 ? 92  ASN A ND2 1 
ATOM   714  N N   . THR A 1 93  ? -4.080  -6.606  -13.445 1.00 31.70 ? 93  THR A N   1 
ATOM   715  C CA  . THR A 1 93  ? -5.506  -6.335  -13.667 1.00 32.55 ? 93  THR A CA  1 
ATOM   716  C C   . THR A 1 93  ? -6.150  -5.741  -12.420 1.00 34.50 ? 93  THR A C   1 
ATOM   717  O O   . THR A 1 93  ? -5.677  -5.978  -11.313 1.00 41.10 ? 93  THR A O   1 
ATOM   718  C CB  . THR A 1 93  ? -6.282  -7.630  -13.970 1.00 34.49 ? 93  THR A CB  1 
ATOM   719  O OG1 . THR A 1 93  ? -5.361  -8.708  -14.159 1.00 45.73 ? 93  THR A OG1 1 
ATOM   720  C CG2 . THR A 1 93  ? -7.133  -7.470  -15.207 1.00 42.04 ? 93  THR A CG2 1 
ATOM   721  N N   . LEU A 1 94  ? -7.227  -4.977  -12.590 1.00 29.56 ? 94  LEU A N   1 
ATOM   722  C CA  . LEU A 1 94  ? -7.928  -4.422  -11.432 1.00 29.43 ? 94  LEU A CA  1 
ATOM   723  C C   . LEU A 1 94  ? -8.930  -5.481  -10.995 1.00 26.35 ? 94  LEU A C   1 
ATOM   724  O O   . LEU A 1 94  ? -9.401  -6.262  -11.816 1.00 31.21 ? 94  LEU A O   1 
ATOM   725  C CB  . LEU A 1 94  ? -8.697  -3.149  -11.785 1.00 32.50 ? 94  LEU A CB  1 
ATOM   726  C CG  . LEU A 1 94  ? -7.976  -1.996  -12.465 1.00 33.45 ? 94  LEU A CG  1 
ATOM   727  C CD1 . LEU A 1 94  ? -7.848  -2.300  -13.941 1.00 41.22 ? 94  LEU A CD1 1 
ATOM   728  C CD2 . LEU A 1 94  ? -8.759  -0.709  -12.248 1.00 37.40 ? 94  LEU A CD2 1 
ATOM   729  N N   . PRO A 1 95  ? -9.269  -5.525  -9.697  1.00 23.59 ? 95  PRO A N   1 
ATOM   730  C CA  . PRO A 1 95  ? -8.756  -4.636  -8.651  1.00 20.29 ? 95  PRO A CA  1 
ATOM   731  C C   . PRO A 1 95  ? -7.327  -4.972  -8.258  1.00 18.20 ? 95  PRO A C   1 
ATOM   732  O O   . PRO A 1 95  ? -6.938  -6.141  -8.236  1.00 21.79 ? 95  PRO A O   1 
ATOM   733  C CB  . PRO A 1 95  ? -9.707  -4.876  -7.490  1.00 12.03 ? 95  PRO A CB  1 
ATOM   734  C CG  . PRO A 1 95  ? -10.107 -6.298  -7.670  1.00 14.19 ? 95  PRO A CG  1 
ATOM   735  C CD  . PRO A 1 95  ? -10.234 -6.494  -9.152  1.00 8.69  ? 95  PRO A CD  1 
ATOM   736  N N   . TRP A 1 96  ? -6.545  -3.947  -7.947  1.00 21.68 ? 96  TRP A N   1 
ATOM   737  C CA  . TRP A 1 96  ? -5.175  -4.172  -7.508  1.00 22.34 ? 96  TRP A CA  1 
ATOM   738  C C   . TRP A 1 96  ? -5.278  -5.052  -6.252  1.00 22.31 ? 96  TRP A C   1 
ATOM   739  O O   . TRP A 1 96  ? -6.199  -4.878  -5.447  1.00 19.47 ? 96  TRP A O   1 
ATOM   740  C CB  . TRP A 1 96  ? -4.510  -2.840  -7.159  1.00 27.92 ? 96  TRP A CB  1 
ATOM   741  C CG  . TRP A 1 96  ? -4.499  -1.816  -8.273  1.00 36.65 ? 96  TRP A CG  1 
ATOM   742  C CD1 . TRP A 1 96  ? -4.670  -0.457  -8.148  1.00 36.90 ? 96  TRP A CD1 1 
ATOM   743  C CD2 . TRP A 1 96  ? -4.248  -2.058  -9.664  1.00 38.16 ? 96  TRP A CD2 1 
ATOM   744  N NE1 . TRP A 1 96  ? -4.535  0.154   -9.372  1.00 32.51 ? 96  TRP A NE1 1 
ATOM   745  C CE2 . TRP A 1 96  ? -4.277  -0.802  -10.320 1.00 35.53 ? 96  TRP A CE2 1 
ATOM   746  C CE3 . TRP A 1 96  ? -4.001  -3.211  -10.420 1.00 39.22 ? 96  TRP A CE3 1 
ATOM   747  C CZ2 . TRP A 1 96  ? -4.067  -0.672  -11.695 1.00 38.29 ? 96  TRP A CZ2 1 
ATOM   748  C CZ3 . TRP A 1 96  ? -3.793  -3.080  -11.787 1.00 43.57 ? 96  TRP A CZ3 1 
ATOM   749  C CH2 . TRP A 1 96  ? -3.826  -1.817  -12.411 1.00 43.17 ? 96  TRP A CH2 1 
ATOM   750  N N   . THR A 1 97  ? -4.362  -6.009  -6.099  1.00 16.38 ? 97  THR A N   1 
ATOM   751  C CA  . THR A 1 97  ? -4.376  -6.892  -4.934  1.00 14.01 ? 97  THR A CA  1 
ATOM   752  C C   . THR A 1 97  ? -2.978  -7.042  -4.392  1.00 12.19 ? 97  THR A C   1 
ATOM   753  O O   . THR A 1 97  ? -2.008  -7.086  -5.142  1.00 11.26 ? 97  THR A O   1 
ATOM   754  C CB  . THR A 1 97  ? -4.907  -8.289  -5.262  1.00 15.89 ? 97  THR A CB  1 
ATOM   755  O OG1 . THR A 1 97  ? -4.208  -8.804  -6.398  1.00 20.86 ? 97  THR A OG1 1 
ATOM   756  C CG2 . THR A 1 97  ? -6.400  -8.234  -5.559  1.00 15.38 ? 97  THR A CG2 1 
ATOM   757  N N   . PHE A 1 98  ? -2.882  -7.129  -3.075  1.00 12.10 ? 98  PHE A N   1 
ATOM   758  C CA  . PHE A 1 98  ? -1.596  -7.230  -2.427  1.00 14.23 ? 98  PHE A CA  1 
ATOM   759  C C   . PHE A 1 98  ? -1.458  -8.547  -1.683  1.00 18.33 ? 98  PHE A C   1 
ATOM   760  O O   . PHE A 1 98  ? -2.440  -9.237  -1.428  1.00 13.69 ? 98  PHE A O   1 
ATOM   761  C CB  . PHE A 1 98  ? -1.436  -6.077  -1.427  1.00 23.07 ? 98  PHE A CB  1 
ATOM   762  C CG  . PHE A 1 98  ? -1.512  -4.705  -2.044  1.00 23.72 ? 98  PHE A CG  1 
ATOM   763  C CD1 . PHE A 1 98  ? -2.704  -4.227  -2.576  1.00 26.32 ? 98  PHE A CD1 1 
ATOM   764  C CD2 . PHE A 1 98  ? -0.392  -3.877  -2.064  1.00 25.34 ? 98  PHE A CD2 1 
ATOM   765  C CE1 . PHE A 1 98  ? -2.779  -2.949  -3.119  1.00 26.90 ? 98  PHE A CE1 1 
ATOM   766  C CE2 . PHE A 1 98  ? -0.458  -2.592  -2.606  1.00 22.83 ? 98  PHE A CE2 1 
ATOM   767  C CZ  . PHE A 1 98  ? -1.652  -2.129  -3.133  1.00 26.72 ? 98  PHE A CZ  1 
ATOM   768  N N   . GLY A 1 99  ? -0.222  -8.889  -1.342  1.00 17.87 ? 99  GLY A N   1 
ATOM   769  C CA  . GLY A 1 99  ? 0.018   -10.097 -0.588  1.00 12.89 ? 99  GLY A CA  1 
ATOM   770  C C   . GLY A 1 99  ? -0.181  -9.701  0.857   1.00 16.33 ? 99  GLY A C   1 
ATOM   771  O O   . GLY A 1 99  ? -0.320  -8.511  1.154   1.00 17.49 ? 99  GLY A O   1 
ATOM   772  N N   . GLY A 1 100 ? -0.174  -10.680 1.754   1.00 15.40 ? 100 GLY A N   1 
ATOM   773  C CA  . GLY A 1 100 ? -0.395  -10.409 3.165   1.00 15.86 ? 100 GLY A CA  1 
ATOM   774  C C   . GLY A 1 100 ? 0.729   -9.753  3.931   1.00 15.80 ? 100 GLY A C   1 
ATOM   775  O O   . GLY A 1 100 ? 0.516   -9.263  5.041   1.00 16.67 ? 100 GLY A O   1 
ATOM   776  N N   . GLY A 1 101 ? 1.923   -9.753  3.351   1.00 22.62 ? 101 GLY A N   1 
ATOM   777  C CA  . GLY A 1 101 ? 3.072   -9.145  3.997   1.00 19.25 ? 101 GLY A CA  1 
ATOM   778  C C   . GLY A 1 101 ? 3.997   -10.137 4.675   1.00 20.88 ? 101 GLY A C   1 
ATOM   779  O O   . GLY A 1 101 ? 3.593   -11.243 5.039   1.00 17.12 ? 101 GLY A O   1 
ATOM   780  N N   . THR A 1 102 ? 5.251   -9.735  4.845   1.00 17.46 ? 102 THR A N   1 
ATOM   781  C CA  . THR A 1 102 ? 6.246   -10.571 5.501   1.00 18.02 ? 102 THR A CA  1 
ATOM   782  C C   . THR A 1 102 ? 7.026   -9.701  6.484   1.00 17.79 ? 102 THR A C   1 
ATOM   783  O O   . THR A 1 102 ? 7.717   -8.764  6.078   1.00 20.05 ? 102 THR A O   1 
ATOM   784  C CB  . THR A 1 102 ? 7.231   -11.195 4.467   1.00 16.56 ? 102 THR A CB  1 
ATOM   785  O OG1 . THR A 1 102 ? 6.554   -12.210 3.709   1.00 14.07 ? 102 THR A OG1 1 
ATOM   786  C CG2 . THR A 1 102 ? 8.434   -11.823 5.173   1.00 16.12 ? 102 THR A CG2 1 
ATOM   787  N N   . LYS A 1 103 ? 6.915   -10.011 7.771   1.00 14.08 ? 103 LYS A N   1 
ATOM   788  C CA  . LYS A 1 103 ? 7.618   -9.250  8.802   1.00 20.71 ? 103 LYS A CA  1 
ATOM   789  C C   . LYS A 1 103 ? 9.057   -9.741  9.015   1.00 23.64 ? 103 LYS A C   1 
ATOM   790  O O   . LYS A 1 103 ? 9.272   -10.909 9.323   1.00 23.46 ? 103 LYS A O   1 
ATOM   791  C CB  . LYS A 1 103 ? 6.849   -9.340  10.118  1.00 23.43 ? 103 LYS A CB  1 
ATOM   792  C CG  . LYS A 1 103 ? 7.386   -8.436  11.203  1.00 30.45 ? 103 LYS A CG  1 
ATOM   793  C CD  . LYS A 1 103 ? 6.634   -8.642  12.504  1.00 38.87 ? 103 LYS A CD  1 
ATOM   794  C CE  . LYS A 1 103 ? 7.252   -7.838  13.639  1.00 45.95 ? 103 LYS A CE  1 
ATOM   795  N NZ  . LYS A 1 103 ? 6.325   -6.771  14.134  1.00 54.90 ? 103 LYS A NZ  1 
ATOM   796  N N   . LEU A 1 104 ? 10.031  -8.843  8.847   1.00 24.96 ? 104 LEU A N   1 
ATOM   797  C CA  . LEU A 1 104 ? 11.446  -9.174  9.025   1.00 27.88 ? 104 LEU A CA  1 
ATOM   798  C C   . LEU A 1 104 ? 11.890  -8.799  10.428  1.00 33.07 ? 104 LEU A C   1 
ATOM   799  O O   . LEU A 1 104 ? 11.660  -7.676  10.877  1.00 35.98 ? 104 LEU A O   1 
ATOM   800  C CB  . LEU A 1 104 ? 12.313  -8.421  8.015   1.00 30.08 ? 104 LEU A CB  1 
ATOM   801  C CG  . LEU A 1 104 ? 13.281  -9.267  7.189   1.00 27.10 ? 104 LEU A CG  1 
ATOM   802  C CD1 . LEU A 1 104 ? 12.487  -10.272 6.383   1.00 31.01 ? 104 LEU A CD1 1 
ATOM   803  C CD2 . LEU A 1 104 ? 14.095  -8.391  6.262   1.00 30.98 ? 104 LEU A CD2 1 
ATOM   804  N N   . GLU A 1 105 ? 12.536  -9.736  11.115  1.00 34.75 ? 105 GLU A N   1 
ATOM   805  C CA  . GLU A 1 105 ? 12.991  -9.505  12.480  1.00 36.58 ? 105 GLU A CA  1 
ATOM   806  C C   . GLU A 1 105 ? 14.377  -10.084 12.702  1.00 35.42 ? 105 GLU A C   1 
ATOM   807  O O   . GLU A 1 105 ? 14.803  -10.957 11.963  1.00 36.95 ? 105 GLU A O   1 
ATOM   808  C CB  . GLU A 1 105 ? 12.013  -10.147 13.460  1.00 44.02 ? 105 GLU A CB  1 
ATOM   809  C CG  . GLU A 1 105 ? 10.713  -10.610 12.832  1.00 44.91 ? 105 GLU A CG  1 
ATOM   810  C CD  . GLU A 1 105 ? 9.672   -10.960 13.872  1.00 53.16 ? 105 GLU A CD  1 
ATOM   811  O OE1 . GLU A 1 105 ? 8.803   -11.812 13.582  1.00 62.72 ? 105 GLU A OE1 1 
ATOM   812  O OE2 . GLU A 1 105 ? 9.726   -10.382 14.980  1.00 43.88 ? 105 GLU A OE2 1 
ATOM   813  N N   . ILE A 1 106 ? 15.068  -9.609  13.732  1.00 34.86 ? 106 ILE A N   1 
ATOM   814  C CA  . ILE A 1 106 ? 16.414  -10.090 14.031  1.00 39.83 ? 106 ILE A CA  1 
ATOM   815  C C   . ILE A 1 106 ? 16.462  -11.400 14.822  1.00 45.49 ? 106 ILE A C   1 
ATOM   816  O O   . ILE A 1 106 ? 15.506  -11.759 15.508  1.00 47.40 ? 106 ILE A O   1 
ATOM   817  C CB  . ILE A 1 106 ? 17.212  -9.035  14.813  1.00 32.67 ? 106 ILE A CB  1 
ATOM   818  C CG1 . ILE A 1 106 ? 16.946  -7.648  14.227  1.00 39.80 ? 106 ILE A CG1 1 
ATOM   819  C CG2 . ILE A 1 106 ? 18.694  -9.378  14.783  1.00 32.54 ? 106 ILE A CG2 1 
ATOM   820  C CD1 . ILE A 1 106 ? 18.029  -7.134  13.281  1.00 41.56 ? 106 ILE A CD1 1 
ATOM   821  N N   . LYS A 1 107 ? 17.598  -12.091 14.714  1.00 52.28 ? 107 LYS A N   1 
ATOM   822  C CA  . LYS A 1 107 ? 17.873  -13.360 15.387  1.00 54.42 ? 107 LYS A CA  1 
ATOM   823  C C   . LYS A 1 107 ? 17.639  -14.554 14.478  1.00 57.32 ? 107 LYS A C   1 
ATOM   824  O O   . LYS A 1 107 ? 18.610  -14.996 13.830  1.00 57.77 ? 107 LYS A O   1 
ATOM   825  C CB  . LYS A 1 107 ? 17.028  -13.507 16.655  1.00 54.92 ? 107 LYS A CB  1 
ATOM   826  C CG  . LYS A 1 107 ? 17.520  -12.672 17.822  1.00 61.16 ? 107 LYS A CG  1 
ATOM   827  C CD  . LYS A 1 107 ? 17.902  -13.545 19.005  1.00 65.65 ? 107 LYS A CD  1 
ATOM   828  C CE  . LYS A 1 107 ? 16.695  -14.289 19.547  1.00 66.20 ? 107 LYS A CE  1 
ATOM   829  N NZ  . LYS A 1 107 ? 17.101  -15.365 20.489  1.00 73.43 ? 107 LYS A NZ  1 
ATOM   830  O OXT . LYS A 1 107 ? 16.492  -15.039 14.426  1.00 65.33 ? 107 LYS A OXT 1 
ATOM   831  N N   . GLN B 2 1   ? 9.218   17.960  -0.696  1.00 56.41 ? 301 GLN B N   1 
ATOM   832  C CA  . GLN B 2 1   ? 8.506   18.152  -1.996  1.00 59.55 ? 301 GLN B CA  1 
ATOM   833  C C   . GLN B 2 1   ? 7.109   17.527  -1.968  1.00 55.04 ? 301 GLN B C   1 
ATOM   834  O O   . GLN B 2 1   ? 6.273   17.896  -1.141  1.00 53.77 ? 301 GLN B O   1 
ATOM   835  C CB  . GLN B 2 1   ? 9.325   17.547  -3.143  1.00 62.55 ? 301 GLN B CB  1 
ATOM   836  C CG  . GLN B 2 1   ? 10.428  16.594  -2.700  1.00 73.14 ? 301 GLN B CG  1 
ATOM   837  C CD  . GLN B 2 1   ? 9.895   15.307  -2.098  1.00 76.60 ? 301 GLN B CD  1 
ATOM   838  O OE1 . GLN B 2 1   ? 9.325   14.467  -2.796  1.00 80.01 ? 301 GLN B OE1 1 
ATOM   839  N NE2 . GLN B 2 1   ? 10.082  15.145  -0.792  1.00 81.17 ? 301 GLN B NE2 1 
ATOM   840  N N   . VAL B 2 2   ? 6.862   16.592  -2.882  1.00 50.86 ? 302 VAL B N   1 
ATOM   841  C CA  . VAL B 2 2   ? 5.579   15.910  -2.958  1.00 48.51 ? 302 VAL B CA  1 
ATOM   842  C C   . VAL B 2 2   ? 5.346   15.154  -1.658  1.00 47.08 ? 302 VAL B C   1 
ATOM   843  O O   . VAL B 2 2   ? 6.223   14.429  -1.188  1.00 49.25 ? 302 VAL B O   1 
ATOM   844  C CB  . VAL B 2 2   ? 5.557   14.902  -4.132  1.00 49.07 ? 302 VAL B CB  1 
ATOM   845  C CG1 . VAL B 2 2   ? 4.706   13.692  -3.778  1.00 49.05 ? 302 VAL B CG1 1 
ATOM   846  C CG2 . VAL B 2 2   ? 5.014   15.571  -5.379  1.00 52.79 ? 302 VAL B CG2 1 
ATOM   847  N N   . GLN B 2 3   ? 4.167   15.326  -1.074  1.00 42.38 ? 303 GLN B N   1 
ATOM   848  C CA  . GLN B 2 3   ? 3.854   14.634  0.163   1.00 37.93 ? 303 GLN B CA  1 
ATOM   849  C C   . GLN B 2 3   ? 2.368   14.656  0.514   1.00 35.23 ? 303 GLN B C   1 
ATOM   850  O O   . GLN B 2 3   ? 1.647   15.626  0.244   1.00 27.86 ? 303 GLN B O   1 
ATOM   851  C CB  . GLN B 2 3   ? 4.691   15.202  1.317   1.00 34.74 ? 303 GLN B CB  1 
ATOM   852  C CG  . GLN B 2 3   ? 4.056   16.347  2.056   1.00 43.78 ? 303 GLN B CG  1 
ATOM   853  C CD  . GLN B 2 3   ? 4.855   16.751  3.273   1.00 52.75 ? 303 GLN B CD  1 
ATOM   854  O OE1 . GLN B 2 3   ? 4.912   16.015  4.260   1.00 55.57 ? 303 GLN B OE1 1 
ATOM   855  N NE2 . GLN B 2 3   ? 5.482   17.925  3.211   1.00 51.77 ? 303 GLN B NE2 1 
ATOM   856  N N   . LEU B 2 4   ? 1.923   13.552  1.107   1.00 30.79 ? 304 LEU B N   1 
ATOM   857  C CA  . LEU B 2 4   ? 0.539   13.380  1.507   1.00 24.52 ? 304 LEU B CA  1 
ATOM   858  C C   . LEU B 2 4   ? 0.474   13.363  3.030   1.00 25.03 ? 304 LEU B C   1 
ATOM   859  O O   . LEU B 2 4   ? 1.234   12.658  3.699   1.00 24.06 ? 304 LEU B O   1 
ATOM   860  C CB  . LEU B 2 4   ? 0.004   12.072  0.921   1.00 17.88 ? 304 LEU B CB  1 
ATOM   861  C CG  . LEU B 2 4   ? 0.138   11.938  -0.600  1.00 16.43 ? 304 LEU B CG  1 
ATOM   862  C CD1 . LEU B 2 4   ? -0.271  10.538  -1.019  1.00 11.74 ? 304 LEU B CD1 1 
ATOM   863  C CD2 . LEU B 2 4   ? -0.747  12.975  -1.293  1.00 13.56 ? 304 LEU B CD2 1 
ATOM   864  N N   . GLN B 2 5   ? -0.439  14.145  3.580   1.00 22.38 ? 305 GLN B N   1 
ATOM   865  C CA  . GLN B 2 5   ? -0.565  14.229  5.019   1.00 20.86 ? 305 GLN B CA  1 
ATOM   866  C C   . GLN B 2 5   ? -1.941  13.827  5.510   1.00 22.85 ? 305 GLN B C   1 
ATOM   867  O O   . GLN B 2 5   ? -2.949  14.419  5.112   1.00 18.59 ? 305 GLN B O   1 
ATOM   868  C CB  . GLN B 2 5   ? -0.255  15.656  5.474   1.00 23.10 ? 305 GLN B CB  1 
ATOM   869  C CG  . GLN B 2 5   ? 1.072   16.179  4.959   1.00 31.98 ? 305 GLN B CG  1 
ATOM   870  C CD  . GLN B 2 5   ? 1.096   17.684  4.810   1.00 36.41 ? 305 GLN B CD  1 
ATOM   871  O OE1 . GLN B 2 5   ? 0.492   18.236  3.890   1.00 45.50 ? 305 GLN B OE1 1 
ATOM   872  N NE2 . GLN B 2 5   ? 1.801   18.358  5.712   1.00 35.66 ? 305 GLN B NE2 1 
ATOM   873  N N   . GLN B 2 6   ? -1.974  12.817  6.376   1.00 20.59 ? 306 GLN B N   1 
ATOM   874  C CA  . GLN B 2 6   ? -3.220  12.350  6.960   1.00 20.37 ? 306 GLN B CA  1 
ATOM   875  C C   . GLN B 2 6   ? -3.094  12.415  8.476   1.00 20.80 ? 306 GLN B C   1 
ATOM   876  O O   . GLN B 2 6   ? -1.988  12.383  9.012   1.00 22.52 ? 306 GLN B O   1 
ATOM   877  C CB  . GLN B 2 6   ? -3.515  10.887  6.576   1.00 16.14 ? 306 GLN B CB  1 
ATOM   878  C CG  . GLN B 2 6   ? -2.989  10.418  5.243   1.00 20.09 ? 306 GLN B CG  1 
ATOM   879  C CD  . GLN B 2 6   ? -3.102  8.911   5.077   1.00 20.52 ? 306 GLN B CD  1 
ATOM   880  O OE1 . GLN B 2 6   ? -4.201  8.347   5.142   1.00 20.21 ? 306 GLN B OE1 1 
ATOM   881  N NE2 . GLN B 2 6   ? -1.964  8.248   4.865   1.00 3.53  ? 306 GLN B NE2 1 
ATOM   882  N N   . PRO B 2 7   ? -4.226  12.557  9.186   1.00 21.56 ? 307 PRO B N   1 
ATOM   883  C CA  . PRO B 2 7   ? -4.153  12.597  10.652  1.00 20.64 ? 307 PRO B CA  1 
ATOM   884  C C   . PRO B 2 7   ? -3.741  11.181  11.087  1.00 19.30 ? 307 PRO B C   1 
ATOM   885  O O   . PRO B 2 7   ? -4.101  10.209  10.432  1.00 24.06 ? 307 PRO B O   1 
ATOM   886  C CB  . PRO B 2 7   ? -5.576  12.951  11.075  1.00 17.06 ? 307 PRO B CB  1 
ATOM   887  C CG  . PRO B 2 7   ? -6.430  12.551  9.925   1.00 22.60 ? 307 PRO B CG  1 
ATOM   888  C CD  . PRO B 2 7   ? -5.600  12.742  8.692   1.00 21.86 ? 307 PRO B CD  1 
ATOM   889  N N   . GLY B 2 8   ? -2.999  11.060  12.182  1.00 20.70 ? 308 GLY B N   1 
ATOM   890  C CA  . GLY B 2 8   ? -2.530  9.753   12.617  1.00 17.07 ? 308 GLY B CA  1 
ATOM   891  C C   . GLY B 2 8   ? -3.516  8.765   13.198  1.00 19.31 ? 308 GLY B C   1 
ATOM   892  O O   . GLY B 2 8   ? -3.279  7.554   13.150  1.00 15.94 ? 308 GLY B O   1 
ATOM   893  N N   . ALA B 2 9   ? -4.621  9.254   13.751  1.00 18.77 ? 309 ALA B N   1 
ATOM   894  C CA  . ALA B 2 9   ? -5.603  8.356   14.348  1.00 19.00 ? 309 ALA B CA  1 
ATOM   895  C C   . ALA B 2 9   ? -7.003  8.940   14.388  1.00 17.67 ? 309 ALA B C   1 
ATOM   896  O O   . ALA B 2 9   ? -7.181  10.157  14.324  1.00 22.23 ? 309 ALA B O   1 
ATOM   897  C CB  . ALA B 2 9   ? -5.166  7.979   15.756  1.00 14.48 ? 309 ALA B CB  1 
ATOM   898  N N   . GLU B 2 10  ? -7.987  8.051   14.502  1.00 17.06 ? 310 GLU B N   1 
ATOM   899  C CA  . GLU B 2 10  ? -9.393  8.428   14.574  1.00 16.28 ? 310 GLU B CA  1 
ATOM   900  C C   . GLU B 2 10  ? -10.147 7.469   15.481  1.00 17.99 ? 310 GLU B C   1 
ATOM   901  O O   . GLU B 2 10  ? -10.167 6.275   15.229  1.00 26.55 ? 310 GLU B O   1 
ATOM   902  C CB  . GLU B 2 10  ? -10.013 8.393   13.186  1.00 19.20 ? 310 GLU B CB  1 
ATOM   903  C CG  . GLU B 2 10  ? -11.082 9.444   12.973  1.00 37.10 ? 310 GLU B CG  1 
ATOM   904  C CD  . GLU B 2 10  ? -10.555 10.874  13.058  1.00 35.64 ? 310 GLU B CD  1 
ATOM   905  O OE1 . GLU B 2 10  ? -9.862  11.323  12.117  1.00 32.99 ? 310 GLU B OE1 1 
ATOM   906  O OE2 . GLU B 2 10  ? -10.843 11.551  14.067  1.00 44.08 ? 310 GLU B OE2 1 
ATOM   907  N N   . LEU B 2 11  ? -10.762 7.982   16.540  1.00 21.74 ? 311 LEU B N   1 
ATOM   908  C CA  . LEU B 2 11  ? -11.525 7.138   17.457  1.00 23.96 ? 311 LEU B CA  1 
ATOM   909  C C   . LEU B 2 11  ? -13.004 7.259   17.115  1.00 26.83 ? 311 LEU B C   1 
ATOM   910  O O   . LEU B 2 11  ? -13.605 8.305   17.347  1.00 30.01 ? 311 LEU B O   1 
ATOM   911  C CB  . LEU B 2 11  ? -11.304 7.586   18.900  1.00 27.42 ? 311 LEU B CB  1 
ATOM   912  C CG  . LEU B 2 11  ? -10.526 6.640   19.815  1.00 31.07 ? 311 LEU B CG  1 
ATOM   913  C CD1 . LEU B 2 11  ? -10.155 7.362   21.104  1.00 30.24 ? 311 LEU B CD1 1 
ATOM   914  C CD2 . LEU B 2 11  ? -11.373 5.414   20.116  1.00 35.84 ? 311 LEU B CD2 1 
ATOM   915  N N   . VAL B 2 12  ? -13.594 6.193   16.576  1.00 29.38 ? 312 VAL B N   1 
ATOM   916  C CA  . VAL B 2 12  ? -15.004 6.219   16.176  1.00 28.17 ? 312 VAL B CA  1 
ATOM   917  C C   . VAL B 2 12  ? -15.920 5.223   16.893  1.00 27.63 ? 312 VAL B C   1 
ATOM   918  O O   . VAL B 2 12  ? -15.471 4.199   17.393  1.00 31.60 ? 312 VAL B O   1 
ATOM   919  C CB  . VAL B 2 12  ? -15.133 5.978   14.660  1.00 26.92 ? 312 VAL B CB  1 
ATOM   920  C CG1 . VAL B 2 12  ? -14.592 7.184   13.889  1.00 23.64 ? 312 VAL B CG1 1 
ATOM   921  C CG2 . VAL B 2 12  ? -14.377 4.725   14.281  1.00 22.43 ? 312 VAL B CG2 1 
ATOM   922  N N   . LYS B 2 13  ? -17.210 5.540   16.935  1.00 27.03 ? 313 LYS B N   1 
ATOM   923  C CA  . LYS B 2 13  ? -18.204 4.681   17.579  1.00 24.93 ? 313 LYS B CA  1 
ATOM   924  C C   . LYS B 2 13  ? -18.890 3.837   16.514  1.00 22.79 ? 313 LYS B C   1 
ATOM   925  O O   . LYS B 2 13  ? -19.146 4.314   15.409  1.00 17.05 ? 313 LYS B O   1 
ATOM   926  C CB  . LYS B 2 13  ? -19.253 5.534   18.294  1.00 28.87 ? 313 LYS B CB  1 
ATOM   927  C CG  . LYS B 2 13  ? -18.778 6.171   19.581  1.00 36.98 ? 313 LYS B CG  1 
ATOM   928  C CD  . LYS B 2 13  ? -19.943 6.492   20.493  1.00 43.91 ? 313 LYS B CD  1 
ATOM   929  C CE  . LYS B 2 13  ? -19.462 7.034   21.824  1.00 50.13 ? 313 LYS B CE  1 
ATOM   930  N NZ  . LYS B 2 13  ? -19.122 8.482   21.728  1.00 63.78 ? 313 LYS B NZ  1 
ATOM   931  N N   . PRO B 2 14  ? -19.196 2.567   16.824  1.00 19.02 ? 314 PRO B N   1 
ATOM   932  C CA  . PRO B 2 14  ? -19.859 1.761   15.791  1.00 18.65 ? 314 PRO B CA  1 
ATOM   933  C C   . PRO B 2 14  ? -21.201 2.340   15.322  1.00 21.52 ? 314 PRO B C   1 
ATOM   934  O O   . PRO B 2 14  ? -21.912 2.995   16.089  1.00 19.87 ? 314 PRO B O   1 
ATOM   935  C CB  . PRO B 2 14  ? -20.007 0.386   16.436  1.00 16.88 ? 314 PRO B CB  1 
ATOM   936  C CG  . PRO B 2 14  ? -19.772 0.592   17.899  1.00 13.04 ? 314 PRO B CG  1 
ATOM   937  C CD  . PRO B 2 14  ? -18.945 1.813   18.062  1.00 13.35 ? 314 PRO B CD  1 
ATOM   938  N N   . GLY B 2 15  ? -21.524 2.103   14.050  1.00 21.07 ? 315 GLY B N   1 
ATOM   939  C CA  . GLY B 2 15  ? -22.766 2.577   13.475  1.00 9.29  ? 315 GLY B CA  1 
ATOM   940  C C   . GLY B 2 15  ? -22.674 3.985   12.934  1.00 17.89 ? 315 GLY B C   1 
ATOM   941  O O   . GLY B 2 15  ? -23.470 4.391   12.098  1.00 19.74 ? 315 GLY B O   1 
ATOM   942  N N   . THR B 2 16  ? -21.704 4.751   13.406  1.00 20.45 ? 316 THR B N   1 
ATOM   943  C CA  . THR B 2 16  ? -21.579 6.114   12.920  1.00 20.14 ? 316 THR B CA  1 
ATOM   944  C C   . THR B 2 16  ? -20.728 6.153   11.663  1.00 20.49 ? 316 THR B C   1 
ATOM   945  O O   . THR B 2 16  ? -20.380 5.112   11.110  1.00 17.59 ? 316 THR B O   1 
ATOM   946  C CB  . THR B 2 16  ? -20.986 7.048   13.998  1.00 20.19 ? 316 THR B CB  1 
ATOM   947  O OG1 . THR B 2 16  ? -19.582 6.792   14.158  1.00 29.15 ? 316 THR B OG1 1 
ATOM   948  C CG2 . THR B 2 16  ? -21.697 6.820   15.316  1.00 24.50 ? 316 THR B CG2 1 
ATOM   949  N N   . SER B 2 17  ? -20.405 7.356   11.206  1.00 19.42 ? 317 SER B N   1 
ATOM   950  C CA  . SER B 2 17  ? -19.607 7.516   10.004  1.00 23.35 ? 317 SER B CA  1 
ATOM   951  C C   . SER B 2 17  ? -18.333 8.324   10.267  1.00 19.70 ? 317 SER B C   1 
ATOM   952  O O   . SER B 2 17  ? -18.213 8.988   11.293  1.00 19.49 ? 317 SER B O   1 
ATOM   953  C CB  . SER B 2 17  ? -20.448 8.206   8.929   1.00 20.17 ? 317 SER B CB  1 
ATOM   954  O OG  . SER B 2 17  ? -19.614 8.908   8.026   1.00 37.63 ? 317 SER B OG  1 
ATOM   955  N N   . VAL B 2 18  ? -17.374 8.252   9.352   1.00 16.66 ? 318 VAL B N   1 
ATOM   956  C CA  . VAL B 2 18  ? -16.145 9.018   9.511   1.00 18.74 ? 318 VAL B CA  1 
ATOM   957  C C   . VAL B 2 18  ? -15.553 9.385   8.156   1.00 20.84 ? 318 VAL B C   1 
ATOM   958  O O   . VAL B 2 18  ? -15.646 8.622   7.198   1.00 20.50 ? 318 VAL B O   1 
ATOM   959  C CB  . VAL B 2 18  ? -15.092 8.254   10.352  1.00 18.00 ? 318 VAL B CB  1 
ATOM   960  C CG1 . VAL B 2 18  ? -14.536 7.088   9.573   1.00 14.02 ? 318 VAL B CG1 1 
ATOM   961  C CG2 . VAL B 2 18  ? -13.968 9.205   10.761  1.00 20.84 ? 318 VAL B CG2 1 
ATOM   962  N N   . LYS B 2 19  ? -14.967 10.574  8.077   1.00 23.22 ? 319 LYS B N   1 
ATOM   963  C CA  . LYS B 2 19  ? -14.358 11.046  6.839   1.00 24.02 ? 319 LYS B CA  1 
ATOM   964  C C   . LYS B 2 19  ? -12.867 11.276  7.057   1.00 24.34 ? 319 LYS B C   1 
ATOM   965  O O   . LYS B 2 19  ? -12.459 12.164  7.814   1.00 26.67 ? 319 LYS B O   1 
ATOM   966  C CB  . LYS B 2 19  ? -15.027 12.345  6.382   1.00 26.23 ? 319 LYS B CB  1 
ATOM   967  C CG  . LYS B 2 19  ? -14.712 12.752  4.953   1.00 24.92 ? 319 LYS B CG  1 
ATOM   968  C CD  . LYS B 2 19  ? -14.929 14.239  4.765   1.00 30.69 ? 319 LYS B CD  1 
ATOM   969  C CE  . LYS B 2 19  ? -16.380 14.548  4.433   1.00 35.78 ? 319 LYS B CE  1 
ATOM   970  N NZ  . LYS B 2 19  ? -16.509 15.411  3.217   1.00 37.85 ? 319 LYS B NZ  1 
ATOM   971  N N   . LEU B 2 20  ? -12.060 10.456  6.398   1.00 18.77 ? 320 LEU B N   1 
ATOM   972  C CA  . LEU B 2 20  ? -10.614 10.546  6.503   1.00 16.68 ? 320 LEU B CA  1 
ATOM   973  C C   . LEU B 2 20  ? -10.090 11.564  5.494   1.00 19.10 ? 320 LEU B C   1 
ATOM   974  O O   . LEU B 2 20  ? -10.603 11.663  4.383   1.00 22.28 ? 320 LEU B O   1 
ATOM   975  C CB  . LEU B 2 20  ? -10.005 9.158   6.261   1.00 15.75 ? 320 LEU B CB  1 
ATOM   976  C CG  . LEU B 2 20  ? -10.549 8.071   7.207   1.00 18.71 ? 320 LEU B CG  1 
ATOM   977  C CD1 . LEU B 2 20  ? -10.013 6.707   6.832   1.00 17.69 ? 320 LEU B CD1 1 
ATOM   978  C CD2 . LEU B 2 20  ? -10.163 8.406   8.642   1.00 18.60 ? 320 LEU B CD2 1 
ATOM   979  N N   . SER B 2 21  ? -9.079  12.335  5.878   1.00 17.93 ? 321 SER B N   1 
ATOM   980  C CA  . SER B 2 21  ? -8.527  13.330  4.964   1.00 21.77 ? 321 SER B CA  1 
ATOM   981  C C   . SER B 2 21  ? -7.115  12.981  4.513   1.00 17.39 ? 321 SER B C   1 
ATOM   982  O O   . SER B 2 21  ? -6.384  12.277  5.210   1.00 17.51 ? 321 SER B O   1 
ATOM   983  C CB  . SER B 2 21  ? -8.543  14.723  5.614   1.00 29.34 ? 321 SER B CB  1 
ATOM   984  O OG  . SER B 2 21  ? -7.327  15.016  6.288   1.00 40.97 ? 321 SER B OG  1 
ATOM   985  N N   . CYS B 2 22  ? -6.751  13.477  3.335   1.00 13.39 ? 322 CYS B N   1 
ATOM   986  C CA  . CYS B 2 22  ? -5.438  13.253  2.743   1.00 13.74 ? 322 CYS B CA  1 
ATOM   987  C C   . CYS B 2 22  ? -5.088  14.533  1.986   1.00 13.53 ? 322 CYS B C   1 
ATOM   988  O O   . CYS B 2 22  ? -5.630  14.793  0.914   1.00 7.94  ? 322 CYS B O   1 
ATOM   989  C CB  . CYS B 2 22  ? -5.494  12.040  1.790   1.00 19.01 ? 322 CYS B CB  1 
ATOM   990  S SG  . CYS B 2 22  ? -4.004  11.673  0.784   1.00 18.15 ? 322 CYS B SG  1 
ATOM   991  N N   . LYS B 2 23  ? -4.200  15.337  2.568   1.00 15.51 ? 323 LYS B N   1 
ATOM   992  C CA  . LYS B 2 23  ? -3.778  16.605  1.975   1.00 23.22 ? 323 LYS B CA  1 
ATOM   993  C C   . LYS B 2 23  ? -2.483  16.486  1.170   1.00 27.40 ? 323 LYS B C   1 
ATOM   994  O O   . LYS B 2 23  ? -1.428  16.156  1.718   1.00 20.45 ? 323 LYS B O   1 
ATOM   995  C CB  . LYS B 2 23  ? -3.585  17.652  3.071   1.00 31.44 ? 323 LYS B CB  1 
ATOM   996  C CG  . LYS B 2 23  ? -4.484  18.868  2.944   1.00 41.41 ? 323 LYS B CG  1 
ATOM   997  C CD  . LYS B 2 23  ? -3.910  19.881  1.968   1.00 45.86 ? 323 LYS B CD  1 
ATOM   998  C CE  . LYS B 2 23  ? -3.854  21.269  2.590   1.00 49.44 ? 323 LYS B CE  1 
ATOM   999  N NZ  . LYS B 2 23  ? -4.995  21.510  3.519   1.00 53.07 ? 323 LYS B NZ  1 
ATOM   1000 N N   . ALA B 2 24  ? -2.576  16.773  -0.129  1.00 32.42 ? 324 ALA B N   1 
ATOM   1001 C CA  . ALA B 2 24  ? -1.439  16.699  -1.047  1.00 32.79 ? 324 ALA B CA  1 
ATOM   1002 C C   . ALA B 2 24  ? -0.606  17.975  -0.981  1.00 33.93 ? 324 ALA B C   1 
ATOM   1003 O O   . ALA B 2 24  ? -1.154  19.069  -0.888  1.00 33.60 ? 324 ALA B O   1 
ATOM   1004 C CB  . ALA B 2 24  ? -1.945  16.470  -2.468  1.00 33.31 ? 324 ALA B CB  1 
ATOM   1005 N N   . SER B 2 25  ? 0.714   17.843  -1.065  1.00 38.48 ? 325 SER B N   1 
ATOM   1006 C CA  . SER B 2 25  ? 1.575   19.014  -0.962  1.00 44.76 ? 325 SER B CA  1 
ATOM   1007 C C   . SER B 2 25  ? 2.249   19.591  -2.205  1.00 45.38 ? 325 SER B C   1 
ATOM   1008 O O   . SER B 2 25  ? 1.645   20.374  -2.929  1.00 52.60 ? 325 SER B O   1 
ATOM   1009 C CB  . SER B 2 25  ? 2.644   18.768  0.101   1.00 52.56 ? 325 SER B CB  1 
ATOM   1010 O OG  . SER B 2 25  ? 2.635   19.797  1.075   1.00 57.29 ? 325 SER B OG  1 
ATOM   1011 N N   . GLY B 2 26  ? 3.499   19.208  -2.447  1.00 44.58 ? 326 GLY B N   1 
ATOM   1012 C CA  . GLY B 2 26  ? 4.252   19.768  -3.564  1.00 41.08 ? 326 GLY B CA  1 
ATOM   1013 C C   . GLY B 2 26  ? 4.104   19.332  -5.015  1.00 39.75 ? 326 GLY B C   1 
ATOM   1014 O O   . GLY B 2 26  ? 5.109   19.062  -5.674  1.00 42.29 ? 326 GLY B O   1 
ATOM   1015 N N   . TYR B 2 27  ? 2.883   19.286  -5.534  1.00 32.32 ? 327 TYR B N   1 
ATOM   1016 C CA  . TYR B 2 27  ? 2.681   18.899  -6.922  1.00 29.02 ? 327 TYR B CA  1 
ATOM   1017 C C   . TYR B 2 27  ? 1.274   19.256  -7.371  1.00 34.45 ? 327 TYR B C   1 
ATOM   1018 O O   . TYR B 2 27  ? 0.452   19.687  -6.563  1.00 37.86 ? 327 TYR B O   1 
ATOM   1019 C CB  . TYR B 2 27  ? 2.913   17.401  -7.099  1.00 26.38 ? 327 TYR B CB  1 
ATOM   1020 C CG  . TYR B 2 27  ? 1.786   16.562  -6.565  1.00 32.33 ? 327 TYR B CG  1 
ATOM   1021 C CD1 . TYR B 2 27  ? 0.909   15.912  -7.429  1.00 34.54 ? 327 TYR B CD1 1 
ATOM   1022 C CD2 . TYR B 2 27  ? 1.573   16.442  -5.196  1.00 29.96 ? 327 TYR B CD2 1 
ATOM   1023 C CE1 . TYR B 2 27  ? -0.159  15.163  -6.937  1.00 40.95 ? 327 TYR B CE1 1 
ATOM   1024 C CE2 . TYR B 2 27  ? 0.516   15.701  -4.694  1.00 34.14 ? 327 TYR B CE2 1 
ATOM   1025 C CZ  . TYR B 2 27  ? -0.350  15.065  -5.566  1.00 36.45 ? 327 TYR B CZ  1 
ATOM   1026 O OH  . TYR B 2 27  ? -1.423  14.357  -5.070  1.00 39.11 ? 327 TYR B OH  1 
ATOM   1027 N N   . ASN B 2 28  ? 1.005   19.075  -8.661  1.00 38.41 ? 328 ASN B N   1 
ATOM   1028 C CA  . ASN B 2 28  ? -0.302  19.388  -9.230  1.00 35.01 ? 328 ASN B CA  1 
ATOM   1029 C C   . ASN B 2 28  ? -1.325  18.339  -8.861  1.00 32.60 ? 328 ASN B C   1 
ATOM   1030 O O   . ASN B 2 28  ? -1.466  17.332  -9.550  1.00 34.10 ? 328 ASN B O   1 
ATOM   1031 C CB  . ASN B 2 28  ? -0.218  19.492  -10.752 1.00 41.68 ? 328 ASN B CB  1 
ATOM   1032 C CG  . ASN B 2 28  ? -1.437  20.172  -11.356 1.00 51.35 ? 328 ASN B CG  1 
ATOM   1033 O OD1 . ASN B 2 28  ? -2.383  20.535  -10.648 1.00 53.85 ? 328 ASN B OD1 1 
ATOM   1034 N ND2 . ASN B 2 28  ? -1.422  20.349  -12.672 1.00 57.79 ? 328 ASN B ND2 1 
ATOM   1035 N N   . PHE B 2 29  ? -2.037  18.597  -7.768  1.00 32.41 ? 329 PHE B N   1 
ATOM   1036 C CA  . PHE B 2 29  ? -3.071  17.708  -7.244  1.00 31.34 ? 329 PHE B CA  1 
ATOM   1037 C C   . PHE B 2 29  ? -4.030  17.240  -8.341  1.00 30.80 ? 329 PHE B C   1 
ATOM   1038 O O   . PHE B 2 29  ? -4.400  16.069  -8.414  1.00 33.25 ? 329 PHE B O   1 
ATOM   1039 C CB  . PHE B 2 29  ? -3.836  18.456  -6.151  1.00 29.78 ? 329 PHE B CB  1 
ATOM   1040 C CG  . PHE B 2 29  ? -4.852  17.626  -5.426  1.00 24.82 ? 329 PHE B CG  1 
ATOM   1041 C CD1 . PHE B 2 29  ? -4.474  16.486  -4.734  1.00 26.71 ? 329 PHE B CD1 1 
ATOM   1042 C CD2 . PHE B 2 29  ? -6.190  18.015  -5.404  1.00 25.94 ? 329 PHE B CD2 1 
ATOM   1043 C CE1 . PHE B 2 29  ? -5.416  15.747  -4.026  1.00 31.82 ? 329 PHE B CE1 1 
ATOM   1044 C CE2 . PHE B 2 29  ? -7.141  17.286  -4.701  1.00 21.73 ? 329 PHE B CE2 1 
ATOM   1045 C CZ  . PHE B 2 29  ? -6.755  16.152  -4.010  1.00 27.45 ? 329 PHE B CZ  1 
ATOM   1046 N N   . THR B 2 30  ? -4.408  18.175  -9.199  1.00 30.08 ? 330 THR B N   1 
ATOM   1047 C CA  . THR B 2 30  ? -5.324  17.929  -10.303 1.00 30.45 ? 330 THR B CA  1 
ATOM   1048 C C   . THR B 2 30  ? -4.803  16.930  -11.345 1.00 26.84 ? 330 THR B C   1 
ATOM   1049 O O   . THR B 2 30  ? -5.582  16.306  -12.057 1.00 26.13 ? 330 THR B O   1 
ATOM   1050 C CB  . THR B 2 30  ? -5.649  19.286  -11.009 1.00 31.61 ? 330 THR B CB  1 
ATOM   1051 O OG1 . THR B 2 30  ? -6.893  19.798  -10.516 1.00 42.58 ? 330 THR B OG1 1 
ATOM   1052 C CG2 . THR B 2 30  ? -5.734  19.126  -12.524 1.00 38.70 ? 330 THR B CG2 1 
ATOM   1053 N N   . SER B 2 31  ? -3.489  16.767  -11.414 1.00 26.68 ? 331 SER B N   1 
ATOM   1054 C CA  . SER B 2 31  ? -2.880  15.908  -12.420 1.00 27.90 ? 331 SER B CA  1 
ATOM   1055 C C   . SER B 2 31  ? -2.663  14.427  -12.127 1.00 29.80 ? 331 SER B C   1 
ATOM   1056 O O   . SER B 2 31  ? -2.281  13.676  -13.028 1.00 29.82 ? 331 SER B O   1 
ATOM   1057 C CB  . SER B 2 31  ? -1.542  16.522  -12.842 1.00 35.03 ? 331 SER B CB  1 
ATOM   1058 O OG  . SER B 2 31  ? -1.730  17.778  -13.476 1.00 40.88 ? 331 SER B OG  1 
ATOM   1059 N N   . TYR B 2 32  ? -2.894  13.990  -10.895 1.00 29.97 ? 332 TYR B N   1 
ATOM   1060 C CA  . TYR B 2 32  ? -2.664  12.579  -10.575 1.00 27.54 ? 332 TYR B CA  1 
ATOM   1061 C C   . TYR B 2 32  ? -3.744  11.883  -9.742  1.00 26.52 ? 332 TYR B C   1 
ATOM   1062 O O   . TYR B 2 32  ? -4.498  12.510  -8.997  1.00 25.80 ? 332 TYR B O   1 
ATOM   1063 C CB  . TYR B 2 32  ? -1.316  12.415  -9.863  1.00 25.74 ? 332 TYR B CB  1 
ATOM   1064 C CG  . TYR B 2 32  ? -0.164  13.098  -10.547 1.00 19.83 ? 332 TYR B CG  1 
ATOM   1065 C CD1 . TYR B 2 32  ? 0.114   14.433  -10.298 1.00 20.14 ? 332 TYR B CD1 1 
ATOM   1066 C CD2 . TYR B 2 32  ? 0.643   12.410  -11.449 1.00 20.87 ? 332 TYR B CD2 1 
ATOM   1067 C CE1 . TYR B 2 32  ? 1.166   15.079  -10.933 1.00 29.26 ? 332 TYR B CE1 1 
ATOM   1068 C CE2 . TYR B 2 32  ? 1.701   13.041  -12.092 1.00 24.50 ? 332 TYR B CE2 1 
ATOM   1069 C CZ  . TYR B 2 32  ? 1.956   14.380  -11.828 1.00 31.02 ? 332 TYR B CZ  1 
ATOM   1070 O OH  . TYR B 2 32  ? 2.997   15.027  -12.455 1.00 35.62 ? 332 TYR B OH  1 
ATOM   1071 N N   . TRP B 2 33  ? -3.777  10.563  -9.870  1.00 24.70 ? 333 TRP B N   1 
ATOM   1072 C CA  . TRP B 2 33  ? -4.729  9.733   -9.160  1.00 22.92 ? 333 TRP B CA  1 
ATOM   1073 C C   . TRP B 2 33  ? -4.375  9.548   -7.695  1.00 23.75 ? 333 TRP B C   1 
ATOM   1074 O O   . TRP B 2 33  ? -3.199  9.537   -7.316  1.00 23.06 ? 333 TRP B O   1 
ATOM   1075 C CB  . TRP B 2 33  ? -4.806  8.363   -9.815  1.00 24.40 ? 333 TRP B CB  1 
ATOM   1076 C CG  . TRP B 2 33  ? -6.087  8.103   -10.489 1.00 23.63 ? 333 TRP B CG  1 
ATOM   1077 C CD1 . TRP B 2 33  ? -7.270  7.707   -9.912  1.00 29.83 ? 333 TRP B CD1 1 
ATOM   1078 C CD2 . TRP B 2 33  ? -6.321  8.160   -11.883 1.00 17.27 ? 333 TRP B CD2 1 
ATOM   1079 N NE1 . TRP B 2 33  ? -8.230  7.510   -10.882 1.00 23.25 ? 333 TRP B NE1 1 
ATOM   1080 C CE2 . TRP B 2 33  ? -7.672  7.781   -12.102 1.00 21.98 ? 333 TRP B CE2 1 
ATOM   1081 C CE3 . TRP B 2 33  ? -5.524  8.491   -12.971 1.00 10.43 ? 333 TRP B CE3 1 
ATOM   1082 C CZ2 . TRP B 2 33  ? -8.235  7.727   -13.366 1.00 16.80 ? 333 TRP B CZ2 1 
ATOM   1083 C CZ3 . TRP B 2 33  ? -6.081  8.437   -14.221 1.00 29.27 ? 333 TRP B CZ3 1 
ATOM   1084 C CH2 . TRP B 2 33  ? -7.428  8.056   -14.416 1.00 25.84 ? 333 TRP B CH2 1 
ATOM   1085 N N   . ILE B 2 34  ? -5.411  9.382   -6.883  1.00 18.61 ? 334 ILE B N   1 
ATOM   1086 C CA  . ILE B 2 34  ? -5.245  9.184   -5.458  1.00 22.00 ? 334 ILE B CA  1 
ATOM   1087 C C   . ILE B 2 34  ? -5.792  7.807   -5.148  1.00 22.14 ? 334 ILE B C   1 
ATOM   1088 O O   . ILE B 2 34  ? -6.902  7.474   -5.556  1.00 21.21 ? 334 ILE B O   1 
ATOM   1089 C CB  . ILE B 2 34  ? -6.036  10.241  -4.630  1.00 26.02 ? 334 ILE B CB  1 
ATOM   1090 C CG1 . ILE B 2 34  ? -5.374  11.622  -4.757  1.00 20.18 ? 334 ILE B CG1 1 
ATOM   1091 C CG2 . ILE B 2 34  ? -6.106  9.814   -3.162  1.00 20.92 ? 334 ILE B CG2 1 
ATOM   1092 C CD1 . ILE B 2 34  ? -4.020  11.749  -4.048  1.00 15.22 ? 334 ILE B CD1 1 
ATOM   1093 N N   . ASN B 2 35  ? -4.994  7.019   -4.428  1.00 20.97 ? 335 ASN B N   1 
ATOM   1094 C CA  . ASN B 2 35  ? -5.345  5.661   -4.032  1.00 22.00 ? 335 ASN B CA  1 
ATOM   1095 C C   . ASN B 2 35  ? -5.604  5.564   -2.534  1.00 22.21 ? 335 ASN B C   1 
ATOM   1096 O O   . ASN B 2 35  ? -4.963  6.254   -1.743  1.00 24.53 ? 335 ASN B O   1 
ATOM   1097 C CB  . ASN B 2 35  ? -4.205  4.708   -4.367  1.00 17.54 ? 335 ASN B CB  1 
ATOM   1098 C CG  . ASN B 2 35  ? -4.113  4.411   -5.828  1.00 17.73 ? 335 ASN B CG  1 
ATOM   1099 O OD1 . ASN B 2 35  ? -4.811  3.538   -6.334  1.00 18.63 ? 335 ASN B OD1 1 
ATOM   1100 N ND2 . ASN B 2 35  ? -3.243  5.130   -6.525  1.00 20.53 ? 335 ASN B ND2 1 
ATOM   1101 N N   . TRP B 2 36  ? -6.538  4.699   -2.157  1.00 17.98 ? 336 TRP B N   1 
ATOM   1102 C CA  . TRP B 2 36  ? -6.851  4.474   -0.755  1.00 19.30 ? 336 TRP B CA  1 
ATOM   1103 C C   . TRP B 2 36  ? -6.775  2.959   -0.514  1.00 22.86 ? 336 TRP B C   1 
ATOM   1104 O O   . TRP B 2 36  ? -7.442  2.180   -1.205  1.00 20.48 ? 336 TRP B O   1 
ATOM   1105 C CB  . TRP B 2 36  ? -8.256  4.981   -0.429  1.00 16.47 ? 336 TRP B CB  1 
ATOM   1106 C CG  . TRP B 2 36  ? -8.376  6.475   -0.291  1.00 17.55 ? 336 TRP B CG  1 
ATOM   1107 C CD1 . TRP B 2 36  ? -8.784  7.360   -1.251  1.00 12.95 ? 336 TRP B CD1 1 
ATOM   1108 C CD2 . TRP B 2 36  ? -8.132  7.250   0.891   1.00 17.94 ? 336 TRP B CD2 1 
ATOM   1109 N NE1 . TRP B 2 36  ? -8.810  8.636   -0.741  1.00 9.39  ? 336 TRP B NE1 1 
ATOM   1110 C CE2 . TRP B 2 36  ? -8.415  8.600   0.570   1.00 14.63 ? 336 TRP B CE2 1 
ATOM   1111 C CE3 . TRP B 2 36  ? -7.704  6.936   2.191   1.00 16.81 ? 336 TRP B CE3 1 
ATOM   1112 C CZ2 . TRP B 2 36  ? -8.281  9.636   1.503   1.00 11.88 ? 336 TRP B CZ2 1 
ATOM   1113 C CZ3 . TRP B 2 36  ? -7.573  7.967   3.120   1.00 10.27 ? 336 TRP B CZ3 1 
ATOM   1114 C CH2 . TRP B 2 36  ? -7.861  9.299   2.770   1.00 16.62 ? 336 TRP B CH2 1 
ATOM   1115 N N   . VAL B 2 37  ? -5.942  2.554   0.447   1.00 21.83 ? 337 VAL B N   1 
ATOM   1116 C CA  . VAL B 2 37  ? -5.767  1.145   0.791   1.00 17.76 ? 337 VAL B CA  1 
ATOM   1117 C C   . VAL B 2 37  ? -6.015  0.953   2.283   1.00 19.63 ? 337 VAL B C   1 
ATOM   1118 O O   . VAL B 2 37  ? -5.813  1.872   3.079   1.00 19.79 ? 337 VAL B O   1 
ATOM   1119 C CB  . VAL B 2 37  ? -4.328  0.622   0.462   1.00 17.46 ? 337 VAL B CB  1 
ATOM   1120 C CG1 . VAL B 2 37  ? -3.861  1.153   -0.880  1.00 24.18 ? 337 VAL B CG1 1 
ATOM   1121 C CG2 . VAL B 2 37  ? -3.356  1.037   1.554   1.00 25.59 ? 337 VAL B CG2 1 
ATOM   1122 N N   . LYS B 2 38  ? -6.439  -0.251  2.649   1.00 15.46 ? 338 LYS B N   1 
ATOM   1123 C CA  . LYS B 2 38  ? -6.728  -0.591  4.033   1.00 13.28 ? 338 LYS B CA  1 
ATOM   1124 C C   . LYS B 2 38  ? -5.785  -1.703  4.502   1.00 20.48 ? 338 LYS B C   1 
ATOM   1125 O O   . LYS B 2 38  ? -5.571  -2.697  3.797   1.00 15.01 ? 338 LYS B O   1 
ATOM   1126 C CB  . LYS B 2 38  ? -8.193  -1.036  4.143   1.00 15.99 ? 338 LYS B CB  1 
ATOM   1127 C CG  . LYS B 2 38  ? -8.590  -1.690  5.456   1.00 10.39 ? 338 LYS B CG  1 
ATOM   1128 C CD  . LYS B 2 38  ? -9.898  -2.453  5.292   1.00 15.35 ? 338 LYS B CD  1 
ATOM   1129 C CE  . LYS B 2 38  ? -10.378 -3.038  6.613   1.00 16.41 ? 338 LYS B CE  1 
ATOM   1130 N NZ  . LYS B 2 38  ? -11.853 -3.112  6.645   1.00 15.67 ? 338 LYS B NZ  1 
ATOM   1131 N N   . LEU B 2 39  ? -5.206  -1.522  5.688   1.00 22.37 ? 339 LEU B N   1 
ATOM   1132 C CA  . LEU B 2 39  ? -4.299  -2.513  6.248   1.00 22.01 ? 339 LEU B CA  1 
ATOM   1133 C C   . LEU B 2 39  ? -4.723  -3.002  7.634   1.00 25.45 ? 339 LEU B C   1 
ATOM   1134 O O   . LEU B 2 39  ? -4.607  -2.277  8.620   1.00 25.96 ? 339 LEU B O   1 
ATOM   1135 C CB  . LEU B 2 39  ? -2.880  -1.950  6.324   1.00 14.33 ? 339 LEU B CB  1 
ATOM   1136 C CG  . LEU B 2 39  ? -1.784  -2.805  6.979   1.00 14.31 ? 339 LEU B CG  1 
ATOM   1137 C CD1 . LEU B 2 39  ? -1.899  -4.271  6.548   1.00 17.70 ? 339 LEU B CD1 1 
ATOM   1138 C CD2 . LEU B 2 39  ? -0.421  -2.249  6.589   1.00 12.37 ? 339 LEU B CD2 1 
ATOM   1139 N N   . ARG B 2 40  ? -5.239  -4.227  7.690   1.00 30.83 ? 340 ARG B N   1 
ATOM   1140 C CA  . ARG B 2 40  ? -5.626  -4.848  8.949   1.00 37.19 ? 340 ARG B CA  1 
ATOM   1141 C C   . ARG B 2 40  ? -4.437  -5.758  9.208   1.00 43.16 ? 340 ARG B C   1 
ATOM   1142 O O   . ARG B 2 40  ? -4.167  -6.650  8.411   1.00 39.79 ? 340 ARG B O   1 
ATOM   1143 C CB  . ARG B 2 40  ? -6.881  -5.716  8.793   1.00 43.08 ? 340 ARG B CB  1 
ATOM   1144 C CG  . ARG B 2 40  ? -8.181  -4.984  8.493   1.00 51.88 ? 340 ARG B CG  1 
ATOM   1145 C CD  . ARG B 2 40  ? -9.060  -4.833  9.735   1.00 58.59 ? 340 ARG B CD  1 
ATOM   1146 N NE  . ARG B 2 40  ? -9.763  -6.057  10.118  1.00 58.12 ? 340 ARG B NE  1 
ATOM   1147 C CZ  . ARG B 2 40  ? -10.401 -6.221  11.276  1.00 59.07 ? 340 ARG B CZ  1 
ATOM   1148 N NH1 . ARG B 2 40  ? -10.429 -5.240  12.171  1.00 55.17 ? 340 ARG B NH1 1 
ATOM   1149 N NH2 . ARG B 2 40  ? -11.008 -7.367  11.547  1.00 58.28 ? 340 ARG B NH2 1 
ATOM   1150 N N   . PRO B 2 41  ? -3.695  -5.536  10.305  1.00 54.35 ? 341 PRO B N   1 
ATOM   1151 C CA  . PRO B 2 41  ? -2.530  -6.387  10.596  1.00 57.43 ? 341 PRO B CA  1 
ATOM   1152 C C   . PRO B 2 41  ? -2.895  -7.870  10.706  1.00 59.73 ? 341 PRO B C   1 
ATOM   1153 O O   . PRO B 2 41  ? -3.754  -8.255  11.503  1.00 58.03 ? 341 PRO B O   1 
ATOM   1154 C CB  . PRO B 2 41  ? -1.982  -5.822  11.909  1.00 61.03 ? 341 PRO B CB  1 
ATOM   1155 C CG  . PRO B 2 41  ? -2.536  -4.421  11.982  1.00 62.23 ? 341 PRO B CG  1 
ATOM   1156 C CD  . PRO B 2 41  ? -3.886  -4.493  11.328  1.00 58.21 ? 341 PRO B CD  1 
ATOM   1157 N N   . GLY B 2 42  ? -2.238  -8.694  9.896   1.00 59.35 ? 342 GLY B N   1 
ATOM   1158 C CA  . GLY B 2 42  ? -2.523  -10.114 9.907   1.00 61.21 ? 342 GLY B CA  1 
ATOM   1159 C C   . GLY B 2 42  ? -3.691  -10.439 8.992   1.00 63.76 ? 342 GLY B C   1 
ATOM   1160 O O   . GLY B 2 42  ? -4.052  -11.600 8.804   1.00 65.53 ? 342 GLY B O   1 
ATOM   1161 N N   . GLN B 2 43  ? -4.291  -9.405  8.419   1.00 64.60 ? 343 GLN B N   1 
ATOM   1162 C CA  . GLN B 2 43  ? -5.421  -9.588  7.522   1.00 63.77 ? 343 GLN B CA  1 
ATOM   1163 C C   . GLN B 2 43  ? -5.189  -8.889  6.182   1.00 61.58 ? 343 GLN B C   1 
ATOM   1164 O O   . GLN B 2 43  ? -6.139  -8.488  5.508   1.00 67.13 ? 343 GLN B O   1 
ATOM   1165 C CB  . GLN B 2 43  ? -6.701  -9.067  8.178   1.00 68.26 ? 343 GLN B CB  1 
ATOM   1166 C CG  . GLN B 2 43  ? -6.537  -8.728  9.657   1.00 73.91 ? 343 GLN B CG  1 
ATOM   1167 C CD  . GLN B 2 43  ? -7.096  -9.796  10.569  1.00 78.16 ? 343 GLN B CD  1 
ATOM   1168 O OE1 . GLN B 2 43  ? -7.353  -10.922 10.143  1.00 81.41 ? 343 GLN B OE1 1 
ATOM   1169 N NE2 . GLN B 2 43  ? -7.287  -9.449  11.837  1.00 81.49 ? 343 GLN B NE2 1 
ATOM   1170 N N   . GLY B 2 44  ? -3.916  -8.736  5.822   1.00 55.14 ? 344 GLY B N   1 
ATOM   1171 C CA  . GLY B 2 44  ? -3.532  -8.129  4.553   1.00 47.46 ? 344 GLY B CA  1 
ATOM   1172 C C   . GLY B 2 44  ? -3.905  -6.703  4.154   1.00 42.91 ? 344 GLY B C   1 
ATOM   1173 O O   . GLY B 2 44  ? -4.736  -6.033  4.782   1.00 41.90 ? 344 GLY B O   1 
ATOM   1174 N N   . LEU B 2 45  ? -3.259  -6.258  3.076   1.00 34.95 ? 345 LEU B N   1 
ATOM   1175 C CA  . LEU B 2 45  ? -3.447  -4.935  2.482   1.00 27.45 ? 345 LEU B CA  1 
ATOM   1176 C C   . LEU B 2 45  ? -4.564  -5.013  1.440   1.00 24.53 ? 345 LEU B C   1 
ATOM   1177 O O   . LEU B 2 45  ? -4.595  -5.933  0.627   1.00 19.65 ? 345 LEU B O   1 
ATOM   1178 C CB  . LEU B 2 45  ? -2.150  -4.487  1.809   1.00 24.64 ? 345 LEU B CB  1 
ATOM   1179 C CG  . LEU B 2 45  ? -1.452  -3.248  2.366   1.00 23.79 ? 345 LEU B CG  1 
ATOM   1180 C CD1 . LEU B 2 45  ? -0.188  -2.979  1.569   1.00 10.25 ? 345 LEU B CD1 1 
ATOM   1181 C CD2 . LEU B 2 45  ? -2.400  -2.063  2.304   1.00 24.21 ? 345 LEU B CD2 1 
ATOM   1182 N N   . GLU B 2 46  ? -5.469  -4.042  1.441   1.00 23.09 ? 346 GLU B N   1 
ATOM   1183 C CA  . GLU B 2 46  ? -6.579  -4.085  0.500   1.00 21.71 ? 346 GLU B CA  1 
ATOM   1184 C C   . GLU B 2 46  ? -6.828  -2.773  -0.206  1.00 21.95 ? 346 GLU B C   1 
ATOM   1185 O O   . GLU B 2 46  ? -6.999  -1.744  0.438   1.00 17.10 ? 346 GLU B O   1 
ATOM   1186 C CB  . GLU B 2 46  ? -7.860  -4.482  1.224   1.00 24.25 ? 346 GLU B CB  1 
ATOM   1187 C CG  . GLU B 2 46  ? -8.150  -5.964  1.270   1.00 21.85 ? 346 GLU B CG  1 
ATOM   1188 C CD  . GLU B 2 46  ? -9.399  -6.250  2.074   1.00 24.32 ? 346 GLU B CD  1 
ATOM   1189 O OE1 . GLU B 2 46  ? -10.345 -6.866  1.530   1.00 23.67 ? 346 GLU B OE1 1 
ATOM   1190 O OE2 . GLU B 2 46  ? -9.437  -5.842  3.254   1.00 24.53 ? 346 GLU B OE2 1 
ATOM   1191 N N   . TRP B 2 47  ? -6.873  -2.830  -1.537  1.00 20.95 ? 347 TRP B N   1 
ATOM   1192 C CA  . TRP B 2 47  ? -7.119  -1.650  -2.352  1.00 17.49 ? 347 TRP B CA  1 
ATOM   1193 C C   . TRP B 2 47  ? -8.595  -1.302  -2.266  1.00 19.77 ? 347 TRP B C   1 
ATOM   1194 O O   . TRP B 2 47  ? -9.441  -2.150  -2.522  1.00 20.64 ? 347 TRP B O   1 
ATOM   1195 C CB  . TRP B 2 47  ? -6.747  -1.923  -3.811  1.00 14.42 ? 347 TRP B CB  1 
ATOM   1196 C CG  . TRP B 2 47  ? -7.038  -0.765  -4.716  1.00 18.61 ? 347 TRP B CG  1 
ATOM   1197 C CD1 . TRP B 2 47  ? -6.421  0.454   -4.707  1.00 17.22 ? 347 TRP B CD1 1 
ATOM   1198 C CD2 . TRP B 2 47  ? -8.006  -0.714  -5.771  1.00 17.12 ? 347 TRP B CD2 1 
ATOM   1199 N NE1 . TRP B 2 47  ? -6.942  1.257   -5.688  1.00 20.01 ? 347 TRP B NE1 1 
ATOM   1200 C CE2 . TRP B 2 47  ? -7.915  0.567   -6.360  1.00 18.13 ? 347 TRP B CE2 1 
ATOM   1201 C CE3 . TRP B 2 47  ? -8.939  -1.624  -6.280  1.00 23.38 ? 347 TRP B CE3 1 
ATOM   1202 C CZ2 . TRP B 2 47  ? -8.724  0.961   -7.435  1.00 19.54 ? 347 TRP B CZ2 1 
ATOM   1203 C CZ3 . TRP B 2 47  ? -9.748  -1.228  -7.353  1.00 23.04 ? 347 TRP B CZ3 1 
ATOM   1204 C CH2 . TRP B 2 47  ? -9.633  0.053   -7.916  1.00 16.42 ? 347 TRP B CH2 1 
ATOM   1205 N N   . ILE B 2 48  ? -8.907  -0.060  -1.904  1.00 18.97 ? 348 ILE B N   1 
ATOM   1206 C CA  . ILE B 2 48  ? -10.304 0.355   -1.804  1.00 17.01 ? 348 ILE B CA  1 
ATOM   1207 C C   . ILE B 2 48  ? -10.791 0.987   -3.105  1.00 16.49 ? 348 ILE B C   1 
ATOM   1208 O O   . ILE B 2 48  ? -11.844 0.614   -3.625  1.00 15.78 ? 348 ILE B O   1 
ATOM   1209 C CB  . ILE B 2 48  ? -10.508 1.346   -0.624  1.00 19.93 ? 348 ILE B CB  1 
ATOM   1210 C CG1 . ILE B 2 48  ? -10.463 0.578   0.703   1.00 14.90 ? 348 ILE B CG1 1 
ATOM   1211 C CG2 . ILE B 2 48  ? -11.855 2.042   -0.738  1.00 15.55 ? 348 ILE B CG2 1 
ATOM   1212 C CD1 . ILE B 2 48  ? -9.730  1.289   1.788   1.00 13.70 ? 348 ILE B CD1 1 
ATOM   1213 N N   . GLY B 2 49  ? -10.017 1.932   -3.631  1.00 19.30 ? 349 GLY B N   1 
ATOM   1214 C CA  . GLY B 2 49  ? -10.390 2.597   -4.866  1.00 19.90 ? 349 GLY B CA  1 
ATOM   1215 C C   . GLY B 2 49  ? -9.463  3.737   -5.262  1.00 22.34 ? 349 GLY B C   1 
ATOM   1216 O O   . GLY B 2 49  ? -8.484  4.018   -4.573  1.00 20.83 ? 349 GLY B O   1 
ATOM   1217 N N   . ASP B 2 50  ? -9.791  4.392   -6.377  1.00 27.08 ? 350 ASP B N   1 
ATOM   1218 C CA  . ASP B 2 50  ? -9.025  5.516   -6.931  1.00 25.89 ? 350 ASP B CA  1 
ATOM   1219 C C   . ASP B 2 50  ? -9.959  6.682   -7.199  1.00 22.08 ? 350 ASP B C   1 
ATOM   1220 O O   . ASP B 2 50  ? -11.177 6.523   -7.189  1.00 26.94 ? 350 ASP B O   1 
ATOM   1221 C CB  . ASP B 2 50  ? -8.435  5.158   -8.293  1.00 34.29 ? 350 ASP B CB  1 
ATOM   1222 C CG  . ASP B 2 50  ? -7.390  4.101   -8.219  1.00 44.23 ? 350 ASP B CG  1 
ATOM   1223 O OD1 . ASP B 2 50  ? -7.093  3.649   -7.094  1.00 56.82 ? 350 ASP B OD1 1 
ATOM   1224 O OD2 . ASP B 2 50  ? -6.867  3.726   -9.292  1.00 48.95 ? 350 ASP B OD2 1 
ATOM   1225 N N   . ILE B 2 51  ? -9.369  7.844   -7.462  1.00 19.76 ? 351 ILE B N   1 
ATOM   1226 C CA  . ILE B 2 51  ? -10.115 9.040   -7.827  1.00 17.16 ? 351 ILE B CA  1 
ATOM   1227 C C   . ILE B 2 51  ? -9.171  10.005  -8.522  1.00 22.44 ? 351 ILE B C   1 
ATOM   1228 O O   . ILE B 2 51  ? -8.067  10.270  -8.032  1.00 19.65 ? 351 ILE B O   1 
ATOM   1229 C CB  . ILE B 2 51  ? -10.785 9.756   -6.614  1.00 20.48 ? 351 ILE B CB  1 
ATOM   1230 C CG1 . ILE B 2 51  ? -11.579 10.966  -7.122  1.00 16.52 ? 351 ILE B CG1 1 
ATOM   1231 C CG2 . ILE B 2 51  ? -9.747  10.205  -5.593  1.00 11.76 ? 351 ILE B CG2 1 
ATOM   1232 C CD1 . ILE B 2 51  ? -12.750 11.356  -6.259  1.00 7.83  ? 351 ILE B CD1 1 
ATOM   1233 N N   . TYR B 2 52  ? -9.585  10.489  -9.693  1.00 24.96 ? 352 TYR B N   1 
ATOM   1234 C CA  . TYR B 2 52  ? -8.785  11.450  -10.446 1.00 22.65 ? 352 TYR B CA  1 
ATOM   1235 C C   . TYR B 2 52  ? -9.383  12.803  -10.116 1.00 22.55 ? 352 TYR B C   1 
ATOM   1236 O O   . TYR B 2 52  ? -10.468 13.137  -10.577 1.00 26.38 ? 352 TYR B O   1 
ATOM   1237 C CB  . TYR B 2 52  ? -8.883  11.201  -11.949 1.00 23.14 ? 352 TYR B CB  1 
ATOM   1238 C CG  . TYR B 2 52  ? -7.977  12.107  -12.747 1.00 21.13 ? 352 TYR B CG  1 
ATOM   1239 C CD1 . TYR B 2 52  ? -6.604  12.098  -12.543 1.00 23.89 ? 352 TYR B CD1 1 
ATOM   1240 C CD2 . TYR B 2 52  ? -8.495  12.992  -13.688 1.00 27.15 ? 352 TYR B CD2 1 
ATOM   1241 C CE1 . TYR B 2 52  ? -5.765  12.945  -13.253 1.00 30.05 ? 352 TYR B CE1 1 
ATOM   1242 C CE2 . TYR B 2 52  ? -7.669  13.845  -14.406 1.00 26.54 ? 352 TYR B CE2 1 
ATOM   1243 C CZ  . TYR B 2 52  ? -6.304  13.816  -14.183 1.00 31.91 ? 352 TYR B CZ  1 
ATOM   1244 O OH  . TYR B 2 52  ? -5.475  14.655  -14.885 1.00 37.29 ? 352 TYR B OH  1 
ATOM   1245 N N   . PRO B 2 53  ? -8.674  13.603  -9.316  1.00 20.33 ? 353 PRO B N   1 
ATOM   1246 C CA  . PRO B 2 53  ? -9.119  14.939  -8.888  1.00 22.56 ? 353 PRO B CA  1 
ATOM   1247 C C   . PRO B 2 53  ? -9.471  15.946  -9.987  1.00 29.69 ? 353 PRO B C   1 
ATOM   1248 O O   . PRO B 2 53  ? -10.281 16.846  -9.770  1.00 32.17 ? 353 PRO B O   1 
ATOM   1249 C CB  . PRO B 2 53  ? -7.977  15.436  -7.997  1.00 24.88 ? 353 PRO B CB  1 
ATOM   1250 C CG  . PRO B 2 53  ? -7.200  14.185  -7.619  1.00 22.10 ? 353 PRO B CG  1 
ATOM   1251 C CD  . PRO B 2 53  ? -7.346  13.253  -8.784  1.00 16.14 ? 353 PRO B CD  1 
ATOM   1252 N N   . GLY B 2 54  ? -8.871  15.800  -11.162 1.00 29.52 ? 354 GLY B N   1 
ATOM   1253 C CA  . GLY B 2 54  ? -9.159  16.725  -12.240 1.00 31.07 ? 354 GLY B CA  1 
ATOM   1254 C C   . GLY B 2 54  ? -10.450 16.453  -12.992 1.00 32.37 ? 354 GLY B C   1 
ATOM   1255 O O   . GLY B 2 54  ? -10.900 17.299  -13.758 1.00 35.94 ? 354 GLY B O   1 
ATOM   1256 N N   . SER B 2 55  ? -11.046 15.281  -12.783 1.00 33.79 ? 355 SER B N   1 
ATOM   1257 C CA  . SER B 2 55  ? -12.285 14.914  -13.467 1.00 36.41 ? 355 SER B CA  1 
ATOM   1258 C C   . SER B 2 55  ? -13.349 14.424  -12.490 1.00 36.47 ? 355 SER B C   1 
ATOM   1259 O O   . SER B 2 55  ? -14.552 14.519  -12.750 1.00 31.04 ? 355 SER B O   1 
ATOM   1260 C CB  . SER B 2 55  ? -12.008 13.821  -14.497 1.00 42.00 ? 355 SER B CB  1 
ATOM   1261 O OG  . SER B 2 55  ? -12.195 12.537  -13.927 1.00 41.73 ? 355 SER B OG  1 
ATOM   1262 N N   . GLY B 2 56  ? -12.890 13.891  -11.363 1.00 35.91 ? 356 GLY B N   1 
ATOM   1263 C CA  . GLY B 2 56  ? -13.802 13.401  -10.349 1.00 32.19 ? 356 GLY B CA  1 
ATOM   1264 C C   . GLY B 2 56  ? -14.162 11.945  -10.517 1.00 29.90 ? 356 GLY B C   1 
ATOM   1265 O O   . GLY B 2 56  ? -14.798 11.371  -9.642  1.00 31.69 ? 356 GLY B O   1 
ATOM   1266 N N   . ILE B 2 57  ? -13.769 11.345  -11.637 1.00 28.76 ? 357 ILE B N   1 
ATOM   1267 C CA  . ILE B 2 57  ? -14.072 9.940   -11.882 1.00 27.52 ? 357 ILE B CA  1 
ATOM   1268 C C   . ILE B 2 57  ? -13.366 9.077   -10.841 1.00 29.28 ? 357 ILE B C   1 
ATOM   1269 O O   . ILE B 2 57  ? -12.235 9.365   -10.440 1.00 27.99 ? 357 ILE B O   1 
ATOM   1270 C CB  . ILE B 2 57  ? -13.636 9.481   -13.310 1.00 28.53 ? 357 ILE B CB  1 
ATOM   1271 C CG1 . ILE B 2 57  ? -12.117 9.501   -13.434 1.00 33.10 ? 357 ILE B CG1 1 
ATOM   1272 C CG2 . ILE B 2 57  ? -14.249 10.373  -14.367 1.00 22.19 ? 357 ILE B CG2 1 
ATOM   1273 C CD1 . ILE B 2 57  ? -11.543 8.194   -13.931 1.00 40.70 ? 357 ILE B CD1 1 
ATOM   1274 N N   . THR B 2 58  ? -14.042 8.018   -10.407 1.00 30.77 ? 358 THR B N   1 
ATOM   1275 C CA  . THR B 2 58  ? -13.496 7.120   -9.399  1.00 31.66 ? 358 THR B CA  1 
ATOM   1276 C C   . THR B 2 58  ? -13.568 5.670   -9.840  1.00 32.79 ? 358 THR B C   1 
ATOM   1277 O O   . THR B 2 58  ? -14.344 5.314   -10.727 1.00 36.98 ? 358 THR B O   1 
ATOM   1278 C CB  . THR B 2 58  ? -14.282 7.208   -8.074  1.00 30.93 ? 358 THR B CB  1 
ATOM   1279 O OG1 . THR B 2 58  ? -15.669 6.971   -8.337  1.00 35.05 ? 358 THR B OG1 1 
ATOM   1280 C CG2 . THR B 2 58  ? -14.121 8.573   -7.425  1.00 32.80 ? 358 THR B CG2 1 
ATOM   1281 N N   . ASN B 2 59  ? -12.747 4.841   -9.207  1.00 27.72 ? 359 ASN B N   1 
ATOM   1282 C CA  . ASN B 2 59  ? -12.741 3.411   -9.473  1.00 28.60 ? 359 ASN B CA  1 
ATOM   1283 C C   . ASN B 2 59  ? -12.817 2.761   -8.099  1.00 26.67 ? 359 ASN B C   1 
ATOM   1284 O O   . ASN B 2 59  ? -12.088 3.148   -7.187  1.00 23.73 ? 359 ASN B O   1 
ATOM   1285 C CB  . ASN B 2 59  ? -11.465 3.000   -10.198 1.00 35.64 ? 359 ASN B CB  1 
ATOM   1286 C CG  . ASN B 2 59  ? -11.498 3.342   -11.669 1.00 35.69 ? 359 ASN B CG  1 
ATOM   1287 O OD1 . ASN B 2 59  ? -10.654 2.888   -12.440 1.00 47.05 ? 359 ASN B OD1 1 
ATOM   1288 N ND2 . ASN B 2 59  ? -12.474 4.148   -12.069 1.00 44.01 ? 359 ASN B ND2 1 
ATOM   1289 N N   . TYR B 2 60  ? -13.711 1.790   -7.947  1.00 23.74 ? 360 TYR B N   1 
ATOM   1290 C CA  . TYR B 2 60  ? -13.899 1.124   -6.663  1.00 25.63 ? 360 TYR B CA  1 
ATOM   1291 C C   . TYR B 2 60  ? -13.679 -0.370  -6.686  1.00 25.62 ? 360 TYR B C   1 
ATOM   1292 O O   . TYR B 2 60  ? -13.940 -1.039  -7.685  1.00 30.16 ? 360 TYR B O   1 
ATOM   1293 C CB  . TYR B 2 60  ? -15.332 1.328   -6.144  1.00 24.24 ? 360 TYR B CB  1 
ATOM   1294 C CG  . TYR B 2 60  ? -15.664 2.699   -5.624  1.00 20.68 ? 360 TYR B CG  1 
ATOM   1295 C CD1 . TYR B 2 60  ? -16.296 3.628   -6.439  1.00 25.25 ? 360 TYR B CD1 1 
ATOM   1296 C CD2 . TYR B 2 60  ? -15.366 3.063   -4.313  1.00 20.68 ? 360 TYR B CD2 1 
ATOM   1297 C CE1 . TYR B 2 60  ? -16.631 4.893   -5.969  1.00 33.35 ? 360 TYR B CE1 1 
ATOM   1298 C CE2 . TYR B 2 60  ? -15.696 4.330   -3.827  1.00 26.03 ? 360 TYR B CE2 1 
ATOM   1299 C CZ  . TYR B 2 60  ? -16.330 5.239   -4.666  1.00 31.77 ? 360 TYR B CZ  1 
ATOM   1300 O OH  . TYR B 2 60  ? -16.680 6.487   -4.219  1.00 25.86 ? 360 TYR B OH  1 
ATOM   1301 N N   . ASN B 2 61  ? -13.206 -0.892  -5.562  1.00 26.30 ? 361 ASN B N   1 
ATOM   1302 C CA  . ASN B 2 61  ? -13.066 -2.326  -5.413  1.00 22.04 ? 361 ASN B CA  1 
ATOM   1303 C C   . ASN B 2 61  ? -14.525 -2.609  -5.076  1.00 23.42 ? 361 ASN B C   1 
ATOM   1304 O O   . ASN B 2 61  ? -15.027 -2.092  -4.081  1.00 22.29 ? 361 ASN B O   1 
ATOM   1305 C CB  . ASN B 2 61  ? -12.183 -2.658  -4.214  1.00 21.01 ? 361 ASN B CB  1 
ATOM   1306 C CG  . ASN B 2 61  ? -11.986 -4.143  -4.037  1.00 22.32 ? 361 ASN B CG  1 
ATOM   1307 O OD1 . ASN B 2 61  ? -12.822 -4.941  -4.459  1.00 18.91 ? 361 ASN B OD1 1 
ATOM   1308 N ND2 . ASN B 2 61  ? -10.880 -4.527  -3.409  1.00 21.77 ? 361 ASN B ND2 1 
ATOM   1309 N N   . GLU B 2 62  ? -15.218 -3.387  -5.902  1.00 25.43 ? 362 GLU B N   1 
ATOM   1310 C CA  . GLU B 2 62  ? -16.630 -3.659  -5.643  1.00 31.16 ? 362 GLU B CA  1 
ATOM   1311 C C   . GLU B 2 62  ? -16.880 -4.228  -4.252  1.00 33.56 ? 362 GLU B C   1 
ATOM   1312 O O   . GLU B 2 62  ? -18.030 -4.390  -3.827  1.00 35.57 ? 362 GLU B O   1 
ATOM   1313 C CB  . GLU B 2 62  ? -17.211 -4.580  -6.726  1.00 33.76 ? 362 GLU B CB  1 
ATOM   1314 C CG  . GLU B 2 62  ? -17.064 -6.070  -6.494  1.00 42.81 ? 362 GLU B CG  1 
ATOM   1315 C CD  . GLU B 2 62  ? -17.781 -6.885  -7.569  1.00 54.10 ? 362 GLU B CD  1 
ATOM   1316 O OE1 . GLU B 2 62  ? -19.017 -6.732  -7.707  1.00 60.09 ? 362 GLU B OE1 1 
ATOM   1317 O OE2 . GLU B 2 62  ? -17.113 -7.672  -8.278  1.00 52.59 ? 362 GLU B OE2 1 
ATOM   1318 N N   . LYS B 2 63  ? -15.790 -4.512  -3.545  1.00 33.71 ? 363 LYS B N   1 
ATOM   1319 C CA  . LYS B 2 63  ? -15.846 -5.039  -2.186  1.00 30.93 ? 363 LYS B CA  1 
ATOM   1320 C C   . LYS B 2 63  ? -16.050 -3.902  -1.181  1.00 28.79 ? 363 LYS B C   1 
ATOM   1321 O O   . LYS B 2 63  ? -16.479 -4.132  -0.055  1.00 27.96 ? 363 LYS B O   1 
ATOM   1322 C CB  . LYS B 2 63  ? -14.546 -5.782  -1.875  1.00 28.62 ? 363 LYS B CB  1 
ATOM   1323 C CG  . LYS B 2 63  ? -14.453 -6.320  -0.467  1.00 31.13 ? 363 LYS B CG  1 
ATOM   1324 C CD  . LYS B 2 63  ? -13.154 -7.087  -0.255  1.00 44.31 ? 363 LYS B CD  1 
ATOM   1325 C CE  . LYS B 2 63  ? -12.962 -8.173  -1.311  1.00 48.58 ? 363 LYS B CE  1 
ATOM   1326 N NZ  . LYS B 2 63  ? -11.915 -9.168  -0.920  1.00 55.18 ? 363 LYS B NZ  1 
ATOM   1327 N N   . PHE B 2 64  ? -15.741 -2.677  -1.600  1.00 26.17 ? 364 PHE B N   1 
ATOM   1328 C CA  . PHE B 2 64  ? -15.885 -1.499  -0.747  1.00 33.87 ? 364 PHE B CA  1 
ATOM   1329 C C   . PHE B 2 64  ? -16.824 -0.453  -1.357  1.00 37.78 ? 364 PHE B C   1 
ATOM   1330 O O   . PHE B 2 64  ? -16.778 0.721   -0.983  1.00 38.28 ? 364 PHE B O   1 
ATOM   1331 C CB  . PHE B 2 64  ? -14.519 -0.845  -0.516  1.00 25.70 ? 364 PHE B CB  1 
ATOM   1332 C CG  . PHE B 2 64  ? -13.577 -1.676  0.299   1.00 24.89 ? 364 PHE B CG  1 
ATOM   1333 C CD1 . PHE B 2 64  ? -13.599 -1.612  1.690   1.00 24.04 ? 364 PHE B CD1 1 
ATOM   1334 C CD2 . PHE B 2 64  ? -12.672 -2.537  -0.323  1.00 21.56 ? 364 PHE B CD2 1 
ATOM   1335 C CE1 . PHE B 2 64  ? -12.732 -2.397  2.453   1.00 27.13 ? 364 PHE B CE1 1 
ATOM   1336 C CE2 . PHE B 2 64  ? -11.803 -3.326  0.426   1.00 22.74 ? 364 PHE B CE2 1 
ATOM   1337 C CZ  . PHE B 2 64  ? -11.829 -3.258  1.816   1.00 22.36 ? 364 PHE B CZ  1 
ATOM   1338 N N   . LYS B 2 65  ? -17.676 -0.875  -2.283  1.00 42.94 ? 365 LYS B N   1 
ATOM   1339 C CA  . LYS B 2 65  ? -18.589 0.050   -2.949  1.00 49.10 ? 365 LYS B CA  1 
ATOM   1340 C C   . LYS B 2 65  ? -19.626 0.682   -2.028  1.00 50.24 ? 365 LYS B C   1 
ATOM   1341 O O   . LYS B 2 65  ? -19.834 1.897   -2.055  1.00 54.31 ? 365 LYS B O   1 
ATOM   1342 C CB  . LYS B 2 65  ? -19.303 -0.655  -4.106  1.00 55.15 ? 365 LYS B CB  1 
ATOM   1343 C CG  . LYS B 2 65  ? -19.228 0.093   -5.434  1.00 62.37 ? 365 LYS B CG  1 
ATOM   1344 C CD  . LYS B 2 65  ? -18.379 -0.667  -6.452  1.00 68.08 ? 365 LYS B CD  1 
ATOM   1345 C CE  . LYS B 2 65  ? -19.151 -0.940  -7.740  1.00 67.38 ? 365 LYS B CE  1 
ATOM   1346 N NZ  . LYS B 2 65  ? -18.901 -2.314  -8.268  1.00 68.94 ? 365 LYS B NZ  1 
ATOM   1347 N N   . SER B 2 66  ? -20.274 -0.141  -1.211  1.00 46.90 ? 366 SER B N   1 
ATOM   1348 C CA  . SER B 2 66  ? -21.302 0.347   -0.304  1.00 44.20 ? 366 SER B CA  1 
ATOM   1349 C C   . SER B 2 66  ? -20.752 0.804   1.044   1.00 40.93 ? 366 SER B C   1 
ATOM   1350 O O   . SER B 2 66  ? -21.509 1.149   1.948   1.00 45.64 ? 366 SER B O   1 
ATOM   1351 C CB  . SER B 2 66  ? -22.335 -0.752  -0.092  1.00 46.03 ? 366 SER B CB  1 
ATOM   1352 O OG  . SER B 2 66  ? -22.146 -1.783  -1.044  1.00 50.56 ? 366 SER B OG  1 
ATOM   1353 N N   . LYS B 2 67  ? -19.433 0.827   1.172   1.00 37.46 ? 367 LYS B N   1 
ATOM   1354 C CA  . LYS B 2 67  ? -18.808 1.223   2.427   1.00 31.54 ? 367 LYS B CA  1 
ATOM   1355 C C   . LYS B 2 67  ? -18.040 2.542   2.354   1.00 27.42 ? 367 LYS B C   1 
ATOM   1356 O O   . LYS B 2 67  ? -18.175 3.401   3.229   1.00 20.40 ? 367 LYS B O   1 
ATOM   1357 C CB  . LYS B 2 67  ? -17.863 0.109   2.897   1.00 25.97 ? 367 LYS B CB  1 
ATOM   1358 C CG  . LYS B 2 67  ? -17.207 0.369   4.234   1.00 23.27 ? 367 LYS B CG  1 
ATOM   1359 C CD  . LYS B 2 67  ? -17.580 -0.709  5.220   1.00 24.97 ? 367 LYS B CD  1 
ATOM   1360 C CE  . LYS B 2 67  ? -18.407 -0.145  6.361   1.00 27.79 ? 367 LYS B CE  1 
ATOM   1361 N NZ  . LYS B 2 67  ? -18.616 -1.152  7.441   1.00 22.94 ? 367 LYS B NZ  1 
ATOM   1362 N N   . ALA B 2 68  ? -17.232 2.696   1.310   1.00 25.91 ? 368 ALA B N   1 
ATOM   1363 C CA  . ALA B 2 68  ? -16.419 3.890   1.161   1.00 23.64 ? 368 ALA B CA  1 
ATOM   1364 C C   . ALA B 2 68  ? -16.879 4.786   0.034   1.00 23.74 ? 368 ALA B C   1 
ATOM   1365 O O   . ALA B 2 68  ? -17.296 4.300   -1.016  1.00 29.74 ? 368 ALA B O   1 
ATOM   1366 C CB  . ALA B 2 68  ? -14.978 3.494   0.935   1.00 19.33 ? 368 ALA B CB  1 
ATOM   1367 N N   . THR B 2 69  ? -16.804 6.095   0.271   1.00 23.72 ? 369 THR B N   1 
ATOM   1368 C CA  . THR B 2 69  ? -17.172 7.104   -0.718  1.00 22.17 ? 369 THR B CA  1 
ATOM   1369 C C   . THR B 2 69  ? -15.978 8.036   -0.871  1.00 20.98 ? 369 THR B C   1 
ATOM   1370 O O   . THR B 2 69  ? -15.623 8.764   0.055   1.00 24.15 ? 369 THR B O   1 
ATOM   1371 C CB  . THR B 2 69  ? -18.379 7.946   -0.273  1.00 23.34 ? 369 THR B CB  1 
ATOM   1372 O OG1 . THR B 2 69  ? -19.468 7.084   0.068   1.00 22.87 ? 369 THR B OG1 1 
ATOM   1373 C CG2 . THR B 2 69  ? -18.818 8.885   -1.391  1.00 23.54 ? 369 THR B CG2 1 
ATOM   1374 N N   . LEU B 2 70  ? -15.356 8.000   -2.041  1.00 19.03 ? 370 LEU B N   1 
ATOM   1375 C CA  . LEU B 2 70  ? -14.196 8.832   -2.310  1.00 21.18 ? 370 LEU B CA  1 
ATOM   1376 C C   . LEU B 2 70  ? -14.635 10.175  -2.893  1.00 23.02 ? 370 LEU B C   1 
ATOM   1377 O O   . LEU B 2 70  ? -15.468 10.218  -3.791  1.00 22.52 ? 370 LEU B O   1 
ATOM   1378 C CB  . LEU B 2 70  ? -13.273 8.125   -3.307  1.00 19.85 ? 370 LEU B CB  1 
ATOM   1379 C CG  . LEU B 2 70  ? -12.184 7.123   -2.881  1.00 25.60 ? 370 LEU B CG  1 
ATOM   1380 C CD1 . LEU B 2 70  ? -12.480 6.515   -1.519  1.00 19.09 ? 370 LEU B CD1 1 
ATOM   1381 C CD2 . LEU B 2 70  ? -12.089 6.032   -3.947  1.00 16.99 ? 370 LEU B CD2 1 
ATOM   1382 N N   . THR B 2 71  ? -14.088 11.267  -2.365  1.00 22.24 ? 371 THR B N   1 
ATOM   1383 C CA  . THR B 2 71  ? -14.396 12.604  -2.865  1.00 25.74 ? 371 THR B CA  1 
ATOM   1384 C C   . THR B 2 71  ? -13.134 13.446  -2.720  1.00 26.44 ? 371 THR B C   1 
ATOM   1385 O O   . THR B 2 71  ? -12.170 13.013  -2.095  1.00 24.53 ? 371 THR B O   1 
ATOM   1386 C CB  . THR B 2 71  ? -15.553 13.285  -2.075  1.00 19.79 ? 371 THR B CB  1 
ATOM   1387 O OG1 . THR B 2 71  ? -15.077 13.721  -0.798  1.00 31.09 ? 371 THR B OG1 1 
ATOM   1388 C CG2 . THR B 2 71  ? -16.701 12.324  -1.865  1.00 27.38 ? 371 THR B CG2 1 
ATOM   1389 N N   . VAL B 2 72  ? -13.132 14.635  -3.312  1.00 27.72 ? 372 VAL B N   1 
ATOM   1390 C CA  . VAL B 2 72  ? -11.976 15.520  -3.208  1.00 32.71 ? 372 VAL B CA  1 
ATOM   1391 C C   . VAL B 2 72  ? -12.390 16.991  -3.103  1.00 30.53 ? 372 VAL B C   1 
ATOM   1392 O O   . VAL B 2 72  ? -13.522 17.351  -3.415  1.00 31.09 ? 372 VAL B O   1 
ATOM   1393 C CB  . VAL B 2 72  ? -11.026 15.364  -4.429  1.00 28.78 ? 372 VAL B CB  1 
ATOM   1394 C CG1 . VAL B 2 72  ? -10.621 13.916  -4.596  1.00 30.63 ? 372 VAL B CG1 1 
ATOM   1395 C CG2 . VAL B 2 72  ? -11.700 15.869  -5.685  1.00 33.61 ? 372 VAL B CG2 1 
ATOM   1396 N N   . ASP B 2 73  ? -11.475 17.834  -2.640  1.00 32.34 ? 373 ASP B N   1 
ATOM   1397 C CA  . ASP B 2 73  ? -11.743 19.262  -2.549  1.00 28.01 ? 373 ASP B CA  1 
ATOM   1398 C C   . ASP B 2 73  ? -10.659 19.916  -3.372  1.00 26.78 ? 373 ASP B C   1 
ATOM   1399 O O   . ASP B 2 73  ? -9.557  20.170  -2.890  1.00 22.88 ? 373 ASP B O   1 
ATOM   1400 C CB  . ASP B 2 73  ? -11.670 19.764  -1.112  1.00 35.97 ? 373 ASP B CB  1 
ATOM   1401 C CG  . ASP B 2 73  ? -11.960 21.250  -1.004  1.00 39.09 ? 373 ASP B CG  1 
ATOM   1402 O OD1 . ASP B 2 73  ? -12.492 21.819  -1.978  1.00 34.83 ? 373 ASP B OD1 1 
ATOM   1403 O OD2 . ASP B 2 73  ? -11.656 21.853  0.047   1.00 45.65 ? 373 ASP B OD2 1 
ATOM   1404 N N   . THR B 2 74  ? -10.978 20.168  -4.634  1.00 32.81 ? 374 THR B N   1 
ATOM   1405 C CA  . THR B 2 74  ? -10.039 20.776  -5.559  1.00 38.15 ? 374 THR B CA  1 
ATOM   1406 C C   . THR B 2 74  ? -9.452  22.085  -5.028  1.00 37.83 ? 374 THR B C   1 
ATOM   1407 O O   . THR B 2 74  ? -8.310  22.430  -5.343  1.00 40.28 ? 374 THR B O   1 
ATOM   1408 C CB  . THR B 2 74  ? -10.722 21.020  -6.925  1.00 38.47 ? 374 THR B CB  1 
ATOM   1409 O OG1 . THR B 2 74  ? -10.081 20.215  -7.923  1.00 42.27 ? 374 THR B OG1 1 
ATOM   1410 C CG2 . THR B 2 74  ? -10.639 22.484  -7.321  1.00 40.43 ? 374 THR B CG2 1 
ATOM   1411 N N   . SER B 2 75  ? -10.227 22.801  -4.217  1.00 36.28 ? 375 SER B N   1 
ATOM   1412 C CA  . SER B 2 75  ? -9.780  24.077  -3.662  1.00 36.54 ? 375 SER B CA  1 
ATOM   1413 C C   . SER B 2 75  ? -8.705  23.935  -2.602  1.00 30.47 ? 375 SER B C   1 
ATOM   1414 O O   . SER B 2 75  ? -7.754  24.709  -2.574  1.00 34.90 ? 375 SER B O   1 
ATOM   1415 C CB  . SER B 2 75  ? -10.957 24.846  -3.061  1.00 40.79 ? 375 SER B CB  1 
ATOM   1416 O OG  . SER B 2 75  ? -12.036 23.980  -2.767  1.00 55.87 ? 375 SER B OG  1 
ATOM   1417 N N   . SER B 2 76  ? -8.854  22.953  -1.724  1.00 25.91 ? 376 SER B N   1 
ATOM   1418 C CA  . SER B 2 76  ? -7.874  22.761  -0.671  1.00 24.35 ? 376 SER B CA  1 
ATOM   1419 C C   . SER B 2 76  ? -6.888  21.638  -0.962  1.00 24.97 ? 376 SER B C   1 
ATOM   1420 O O   . SER B 2 76  ? -6.047  21.323  -0.125  1.00 31.31 ? 376 SER B O   1 
ATOM   1421 C CB  . SER B 2 76  ? -8.577  22.495  0.652   1.00 18.15 ? 376 SER B CB  1 
ATOM   1422 O OG  . SER B 2 76  ? -9.364  21.327  0.569   1.00 30.84 ? 376 SER B OG  1 
ATOM   1423 N N   . SER B 2 77  ? -6.989  21.038  -2.144  1.00 22.47 ? 377 SER B N   1 
ATOM   1424 C CA  . SER B 2 77  ? -6.089  19.953  -2.532  1.00 21.99 ? 377 SER B CA  1 
ATOM   1425 C C   . SER B 2 77  ? -6.100  18.803  -1.531  1.00 21.56 ? 377 SER B C   1 
ATOM   1426 O O   . SER B 2 77  ? -5.055  18.234  -1.203  1.00 17.98 ? 377 SER B O   1 
ATOM   1427 C CB  . SER B 2 77  ? -4.661  20.472  -2.682  1.00 20.43 ? 377 SER B CB  1 
ATOM   1428 O OG  . SER B 2 77  ? -4.452  20.988  -3.983  1.00 35.90 ? 377 SER B OG  1 
ATOM   1429 N N   . THR B 2 78  ? -7.291  18.470  -1.052  1.00 19.36 ? 378 THR B N   1 
ATOM   1430 C CA  . THR B 2 78  ? -7.457  17.390  -0.094  1.00 22.04 ? 378 THR B CA  1 
ATOM   1431 C C   . THR B 2 78  ? -8.342  16.294  -0.682  1.00 18.64 ? 378 THR B C   1 
ATOM   1432 O O   . THR B 2 78  ? -9.351  16.574  -1.328  1.00 17.95 ? 378 THR B O   1 
ATOM   1433 C CB  . THR B 2 78  ? -8.099  17.905  1.230   1.00 16.47 ? 378 THR B CB  1 
ATOM   1434 O OG1 . THR B 2 78  ? -7.241  18.876  1.830   1.00 20.06 ? 378 THR B OG1 1 
ATOM   1435 C CG2 . THR B 2 78  ? -8.293  16.768  2.218   1.00 19.76 ? 378 THR B CG2 1 
ATOM   1436 N N   . ALA B 2 79  ? -7.932  15.047  -0.473  1.00 21.26 ? 379 ALA B N   1 
ATOM   1437 C CA  . ALA B 2 79  ? -8.688  13.890  -0.929  1.00 18.61 ? 379 ALA B CA  1 
ATOM   1438 C C   . ALA B 2 79  ? -9.409  13.354  0.312   1.00 19.76 ? 379 ALA B C   1 
ATOM   1439 O O   . ALA B 2 79  ? -8.849  13.358  1.414   1.00 19.40 ? 379 ALA B O   1 
ATOM   1440 C CB  . ALA B 2 79  ? -7.751  12.840  -1.495  1.00 9.40  ? 379 ALA B CB  1 
ATOM   1441 N N   . TYR B 2 80  ? -10.650 12.909  0.135   1.00 14.63 ? 380 TYR B N   1 
ATOM   1442 C CA  . TYR B 2 80  ? -11.446 12.401  1.242   1.00 15.80 ? 380 TYR B CA  1 
ATOM   1443 C C   . TYR B 2 80  ? -11.990 11.000  1.026   1.00 18.40 ? 380 TYR B C   1 
ATOM   1444 O O   . TYR B 2 80  ? -12.271 10.593  -0.102  1.00 18.93 ? 380 TYR B O   1 
ATOM   1445 C CB  . TYR B 2 80  ? -12.660 13.309  1.490   1.00 11.50 ? 380 TYR B CB  1 
ATOM   1446 C CG  . TYR B 2 80  ? -12.323 14.693  1.952   1.00 21.67 ? 380 TYR B CG  1 
ATOM   1447 C CD1 . TYR B 2 80  ? -11.950 14.935  3.276   1.00 16.37 ? 380 TYR B CD1 1 
ATOM   1448 C CD2 . TYR B 2 80  ? -12.359 15.771  1.063   1.00 24.43 ? 380 TYR B CD2 1 
ATOM   1449 C CE1 . TYR B 2 80  ? -11.615 16.218  3.704   1.00 19.75 ? 380 TYR B CE1 1 
ATOM   1450 C CE2 . TYR B 2 80  ? -12.027 17.059  1.479   1.00 24.22 ? 380 TYR B CE2 1 
ATOM   1451 C CZ  . TYR B 2 80  ? -11.656 17.275  2.800   1.00 24.47 ? 380 TYR B CZ  1 
ATOM   1452 O OH  . TYR B 2 80  ? -11.327 18.546  3.211   1.00 28.00 ? 380 TYR B OH  1 
ATOM   1453 N N   . MET B 2 81  ? -12.134 10.271  2.128   1.00 17.32 ? 381 MET B N   1 
ATOM   1454 C CA  . MET B 2 81  ? -12.747 8.959   2.100   1.00 18.40 ? 381 MET B CA  1 
ATOM   1455 C C   . MET B 2 81  ? -13.690 8.855   3.296   1.00 19.33 ? 381 MET B C   1 
ATOM   1456 O O   . MET B 2 81  ? -13.265 8.956   4.445   1.00 17.04 ? 381 MET B O   1 
ATOM   1457 C CB  . MET B 2 81  ? -11.739 7.823   2.186   1.00 15.31 ? 381 MET B CB  1 
ATOM   1458 C CG  . MET B 2 81  ? -12.468 6.497   2.158   1.00 9.24  ? 381 MET B CG  1 
ATOM   1459 S SD  . MET B 2 81  ? -11.451 5.059   1.980   1.00 16.56 ? 381 MET B SD  1 
ATOM   1460 C CE  . MET B 2 81  ? -10.830 4.951   3.654   1.00 9.02  ? 381 MET B CE  1 
ATOM   1461 N N   . GLN B 2 82  ? -14.976 8.668   3.022   1.00 20.44 ? 382 GLN B N   1 
ATOM   1462 C CA  . GLN B 2 82  ? -15.955 8.533   4.091   1.00 21.05 ? 382 GLN B CA  1 
ATOM   1463 C C   . GLN B 2 82  ? -16.328 7.069   4.279   1.00 20.97 ? 382 GLN B C   1 
ATOM   1464 O O   . GLN B 2 82  ? -16.696 6.393   3.318   1.00 22.72 ? 382 GLN B O   1 
ATOM   1465 C CB  . GLN B 2 82  ? -17.212 9.332   3.760   1.00 22.66 ? 382 GLN B CB  1 
ATOM   1466 C CG  . GLN B 2 82  ? -18.078 9.642   4.965   1.00 32.26 ? 382 GLN B CG  1 
ATOM   1467 C CD  . GLN B 2 82  ? -19.539 9.732   4.601   1.00 40.59 ? 382 GLN B CD  1 
ATOM   1468 O OE1 . GLN B 2 82  ? -19.982 9.119   3.630   1.00 54.13 ? 382 GLN B OE1 1 
ATOM   1469 N NE2 . GLN B 2 82  ? -20.300 10.498  5.373   1.00 44.10 ? 382 GLN B NE2 1 
ATOM   1470 N N   . LEU B 2 83  ? -16.215 6.583   5.511   1.00 18.89 ? 383 LEU B N   1 
ATOM   1471 C CA  . LEU B 2 83  ? -16.570 5.204   5.832   1.00 18.81 ? 383 LEU B CA  1 
ATOM   1472 C C   . LEU B 2 83  ? -17.911 5.224   6.567   1.00 18.07 ? 383 LEU B C   1 
ATOM   1473 O O   . LEU B 2 83  ? -18.054 5.894   7.587   1.00 21.14 ? 383 LEU B O   1 
ATOM   1474 C CB  . LEU B 2 83  ? -15.492 4.565   6.720   1.00 15.00 ? 383 LEU B CB  1 
ATOM   1475 C CG  . LEU B 2 83  ? -14.139 4.214   6.085   1.00 16.83 ? 383 LEU B CG  1 
ATOM   1476 C CD1 . LEU B 2 83  ? -13.116 3.879   7.174   1.00 8.83  ? 383 LEU B CD1 1 
ATOM   1477 C CD2 . LEU B 2 83  ? -14.302 3.030   5.144   1.00 19.39 ? 383 LEU B CD2 1 
ATOM   1478 N N   . SER B 2 84  ? -18.894 4.498   6.047   1.00 17.78 ? 384 SER B N   1 
ATOM   1479 C CA  . SER B 2 84  ? -20.222 4.461   6.659   1.00 16.58 ? 384 SER B CA  1 
ATOM   1480 C C   . SER B 2 84  ? -20.490 3.221   7.504   1.00 15.23 ? 384 SER B C   1 
ATOM   1481 O O   . SER B 2 84  ? -19.823 2.201   7.359   1.00 12.75 ? 384 SER B O   1 
ATOM   1482 C CB  . SER B 2 84  ? -21.296 4.558   5.578   1.00 19.18 ? 384 SER B CB  1 
ATOM   1483 O OG  . SER B 2 84  ? -20.800 5.230   4.436   1.00 35.45 ? 384 SER B OG  1 
ATOM   1484 N N   . SER B 2 85  ? -21.478 3.324   8.383   1.00 13.74 ? 385 SER B N   1 
ATOM   1485 C CA  . SER B 2 85  ? -21.865 2.224   9.252   1.00 19.80 ? 385 SER B CA  1 
ATOM   1486 C C   . SER B 2 85  ? -20.656 1.470   9.800   1.00 21.68 ? 385 SER B C   1 
ATOM   1487 O O   . SER B 2 85  ? -20.528 0.253   9.623   1.00 19.11 ? 385 SER B O   1 
ATOM   1488 C CB  . SER B 2 85  ? -22.772 1.255   8.488   1.00 24.93 ? 385 SER B CB  1 
ATOM   1489 O OG  . SER B 2 85  ? -24.131 1.630   8.599   1.00 34.88 ? 385 SER B OG  1 
ATOM   1490 N N   . LEU B 2 86  ? -19.781 2.201   10.479  1.00 19.91 ? 386 LEU B N   1 
ATOM   1491 C CA  . LEU B 2 86  ? -18.580 1.618   11.056  1.00 18.60 ? 386 LEU B CA  1 
ATOM   1492 C C   . LEU B 2 86  ? -18.846 0.410   11.950  1.00 19.46 ? 386 LEU B C   1 
ATOM   1493 O O   . LEU B 2 86  ? -19.653 0.460   12.875  1.00 20.96 ? 386 LEU B O   1 
ATOM   1494 C CB  . LEU B 2 86  ? -17.812 2.674   11.854  1.00 20.92 ? 386 LEU B CB  1 
ATOM   1495 C CG  . LEU B 2 86  ? -16.758 3.541   11.151  1.00 23.43 ? 386 LEU B CG  1 
ATOM   1496 C CD1 . LEU B 2 86  ? -16.433 3.001   9.775   1.00 26.06 ? 386 LEU B CD1 1 
ATOM   1497 C CD2 . LEU B 2 86  ? -17.269 4.959   11.059  1.00 22.61 ? 386 LEU B CD2 1 
ATOM   1498 N N   . ALA B 2 87  ? -18.149 -0.680  11.648  1.00 25.67 ? 387 ALA B N   1 
ATOM   1499 C CA  . ALA B 2 87  ? -18.236 -1.925  12.398  1.00 19.58 ? 387 ALA B CA  1 
ATOM   1500 C C   . ALA B 2 87  ? -16.821 -2.217  12.875  1.00 18.89 ? 387 ALA B C   1 
ATOM   1501 O O   . ALA B 2 87  ? -15.861 -1.629  12.376  1.00 22.29 ? 387 ALA B O   1 
ATOM   1502 C CB  . ALA B 2 87  ? -18.726 -3.042  11.497  1.00 21.59 ? 387 ALA B CB  1 
ATOM   1503 N N   . SER B 2 88  ? -16.679 -3.118  13.836  1.00 15.74 ? 388 SER B N   1 
ATOM   1504 C CA  . SER B 2 88  ? -15.359 -3.448  14.347  1.00 17.66 ? 388 SER B CA  1 
ATOM   1505 C C   . SER B 2 88  ? -14.429 -3.960  13.255  1.00 17.44 ? 388 SER B C   1 
ATOM   1506 O O   . SER B 2 88  ? -13.210 -3.829  13.349  1.00 18.89 ? 388 SER B O   1 
ATOM   1507 C CB  . SER B 2 88  ? -15.471 -4.501  15.443  1.00 23.55 ? 388 SER B CB  1 
ATOM   1508 O OG  . SER B 2 88  ? -15.459 -5.799  14.879  1.00 34.64 ? 388 SER B OG  1 
ATOM   1509 N N   . GLU B 2 89  ? -14.993 -4.544  12.209  1.00 18.20 ? 389 GLU B N   1 
ATOM   1510 C CA  . GLU B 2 89  ? -14.159 -5.067  11.141  1.00 18.56 ? 389 GLU B CA  1 
ATOM   1511 C C   . GLU B 2 89  ? -13.505 -3.924  10.364  1.00 16.29 ? 389 GLU B C   1 
ATOM   1512 O O   . GLU B 2 89  ? -12.545 -4.130  9.621   1.00 18.00 ? 389 GLU B O   1 
ATOM   1513 C CB  . GLU B 2 89  ? -14.993 -5.967  10.225  1.00 14.31 ? 389 GLU B CB  1 
ATOM   1514 C CG  . GLU B 2 89  ? -15.197 -7.381  10.770  1.00 11.74 ? 389 GLU B CG  1 
ATOM   1515 C CD  . GLU B 2 89  ? -16.527 -7.580  11.517  1.00 17.39 ? 389 GLU B CD  1 
ATOM   1516 O OE1 . GLU B 2 89  ? -17.296 -6.614  11.713  1.00 11.60 ? 389 GLU B OE1 1 
ATOM   1517 O OE2 . GLU B 2 89  ? -16.807 -8.727  11.920  1.00 26.89 ? 389 GLU B OE2 1 
ATOM   1518 N N   . ASP B 2 90  ? -14.014 -2.714  10.562  1.00 17.93 ? 390 ASP B N   1 
ATOM   1519 C CA  . ASP B 2 90  ? -13.479 -1.530  9.888   1.00 19.66 ? 390 ASP B CA  1 
ATOM   1520 C C   . ASP B 2 90  ? -12.224 -0.988  10.558  1.00 17.16 ? 390 ASP B C   1 
ATOM   1521 O O   . ASP B 2 90  ? -11.554 -0.117  10.014  1.00 14.69 ? 390 ASP B O   1 
ATOM   1522 C CB  . ASP B 2 90  ? -14.540 -0.430  9.830   1.00 15.91 ? 390 ASP B CB  1 
ATOM   1523 C CG  . ASP B 2 90  ? -15.640 -0.751  8.851   1.00 18.02 ? 390 ASP B CG  1 
ATOM   1524 O OD1 . ASP B 2 90  ? -16.824 -0.533  9.167   1.00 17.28 ? 390 ASP B OD1 1 
ATOM   1525 O OD2 . ASP B 2 90  ? -15.318 -1.236  7.755   1.00 24.23 ? 390 ASP B OD2 1 
ATOM   1526 N N   . SER B 2 91  ? -11.917 -1.495  11.744  1.00 17.70 ? 391 SER B N   1 
ATOM   1527 C CA  . SER B 2 91  ? -10.732 -1.054  12.461  1.00 21.20 ? 391 SER B CA  1 
ATOM   1528 C C   . SER B 2 91  ? -9.507  -1.534  11.699  1.00 20.50 ? 391 SER B C   1 
ATOM   1529 O O   . SER B 2 91  ? -9.248  -2.730  11.626  1.00 23.43 ? 391 SER B O   1 
ATOM   1530 C CB  . SER B 2 91  ? -10.721 -1.631  13.876  1.00 22.70 ? 391 SER B CB  1 
ATOM   1531 O OG  . SER B 2 91  ? -11.618 -0.924  14.708  1.00 24.14 ? 391 SER B OG  1 
ATOM   1532 N N   . ALA B 2 92  ? -8.764  -0.589  11.130  1.00 20.13 ? 392 ALA B N   1 
ATOM   1533 C CA  . ALA B 2 92  ? -7.568  -0.894  10.356  1.00 16.93 ? 392 ALA B CA  1 
ATOM   1534 C C   . ALA B 2 92  ? -6.768  0.381   10.149  1.00 14.44 ? 392 ALA B C   1 
ATOM   1535 O O   . ALA B 2 92  ? -7.151  1.451   10.618  1.00 12.27 ? 392 ALA B O   1 
ATOM   1536 C CB  . ALA B 2 92  ? -7.959  -1.481  8.991   1.00 16.90 ? 392 ALA B CB  1 
ATOM   1537 N N   . LEU B 2 93  ? -5.651  0.252   9.445   1.00 13.49 ? 393 LEU B N   1 
ATOM   1538 C CA  . LEU B 2 93  ? -4.805  1.396   9.129   1.00 17.29 ? 393 LEU B CA  1 
ATOM   1539 C C   . LEU B 2 93  ? -5.177  1.795   7.700   1.00 20.20 ? 393 LEU B C   1 
ATOM   1540 O O   . LEU B 2 93  ? -5.270  0.949   6.808   1.00 20.82 ? 393 LEU B O   1 
ATOM   1541 C CB  . LEU B 2 93  ? -3.323  1.007   9.215   1.00 16.33 ? 393 LEU B CB  1 
ATOM   1542 C CG  . LEU B 2 93  ? -2.304  2.150   9.251   1.00 23.65 ? 393 LEU B CG  1 
ATOM   1543 C CD1 . LEU B 2 93  ? -2.506  2.996   10.497  1.00 27.23 ? 393 LEU B CD1 1 
ATOM   1544 C CD2 . LEU B 2 93  ? -0.902  1.583   9.229   1.00 24.32 ? 393 LEU B CD2 1 
ATOM   1545 N N   . TYR B 2 94  ? -5.411  3.080   7.481   1.00 18.45 ? 394 TYR B N   1 
ATOM   1546 C CA  . TYR B 2 94  ? -5.784  3.531   6.158   1.00 17.32 ? 394 TYR B CA  1 
ATOM   1547 C C   . TYR B 2 94  ? -4.792  4.511   5.563   1.00 18.21 ? 394 TYR B C   1 
ATOM   1548 O O   . TYR B 2 94  ? -4.531  5.569   6.132   1.00 22.46 ? 394 TYR B O   1 
ATOM   1549 C CB  . TYR B 2 94  ? -7.163  4.183   6.202   1.00 16.38 ? 394 TYR B CB  1 
ATOM   1550 C CG  . TYR B 2 94  ? -8.288  3.226   6.510   1.00 15.31 ? 394 TYR B CG  1 
ATOM   1551 C CD1 . TYR B 2 94  ? -8.660  2.960   7.828   1.00 16.64 ? 394 TYR B CD1 1 
ATOM   1552 C CD2 . TYR B 2 94  ? -8.998  2.605   5.483   1.00 13.81 ? 394 TYR B CD2 1 
ATOM   1553 C CE1 . TYR B 2 94  ? -9.714  2.101   8.117   1.00 18.96 ? 394 TYR B CE1 1 
ATOM   1554 C CE2 . TYR B 2 94  ? -10.052 1.746   5.759   1.00 12.35 ? 394 TYR B CE2 1 
ATOM   1555 C CZ  . TYR B 2 94  ? -10.406 1.498   7.077   1.00 17.47 ? 394 TYR B CZ  1 
ATOM   1556 O OH  . TYR B 2 94  ? -11.457 0.653   7.352   1.00 19.68 ? 394 TYR B OH  1 
ATOM   1557 N N   . TYR B 2 95  ? -4.245  4.154   4.408   1.00 17.75 ? 395 TYR B N   1 
ATOM   1558 C CA  . TYR B 2 95  ? -3.304  5.019   3.712   1.00 18.88 ? 395 TYR B CA  1 
ATOM   1559 C C   . TYR B 2 95  ? -3.907  5.502   2.408   1.00 21.78 ? 395 TYR B C   1 
ATOM   1560 O O   . TYR B 2 95  ? -4.777  4.846   1.818   1.00 13.45 ? 395 TYR B O   1 
ATOM   1561 C CB  . TYR B 2 95  ? -2.024  4.284   3.313   1.00 18.65 ? 395 TYR B CB  1 
ATOM   1562 C CG  . TYR B 2 95  ? -1.143  3.764   4.413   1.00 16.82 ? 395 TYR B CG  1 
ATOM   1563 C CD1 . TYR B 2 95  ? -1.372  2.508   4.974   1.00 17.43 ? 395 TYR B CD1 1 
ATOM   1564 C CD2 . TYR B 2 95  ? -0.015  4.472   4.817   1.00 16.60 ? 395 TYR B CD2 1 
ATOM   1565 C CE1 . TYR B 2 95  ? -0.499  1.965   5.907   1.00 17.56 ? 395 TYR B CE1 1 
ATOM   1566 C CE2 . TYR B 2 95  ? 0.868   3.936   5.755   1.00 19.00 ? 395 TYR B CE2 1 
ATOM   1567 C CZ  . TYR B 2 95  ? 0.616   2.681   6.290   1.00 18.73 ? 395 TYR B CZ  1 
ATOM   1568 O OH  . TYR B 2 95  ? 1.473   2.139   7.214   1.00 20.36 ? 395 TYR B OH  1 
ATOM   1569 N N   . CYS B 2 96  ? -3.434  6.665   1.975   1.00 22.65 ? 396 CYS B N   1 
ATOM   1570 C CA  . CYS B 2 96  ? -3.816  7.216   0.689   1.00 18.99 ? 396 CYS B CA  1 
ATOM   1571 C C   . CYS B 2 96  ? -2.439  7.211   0.057   1.00 18.67 ? 396 CYS B C   1 
ATOM   1572 O O   . CYS B 2 96  ? -1.436  7.385   0.753   1.00 12.68 ? 396 CYS B O   1 
ATOM   1573 C CB  . CYS B 2 96  ? -4.381  8.648   0.790   1.00 17.99 ? 396 CYS B CB  1 
ATOM   1574 S SG  . CYS B 2 96  ? -3.294  9.914   1.502   1.00 18.10 ? 396 CYS B SG  1 
ATOM   1575 N N   . ALA B 2 97  ? -2.382  6.953   -1.237  1.00 17.65 ? 397 ALA B N   1 
ATOM   1576 C CA  . ALA B 2 97  ? -1.118  6.923   -1.944  1.00 19.87 ? 397 ALA B CA  1 
ATOM   1577 C C   . ALA B 2 97  ? -1.385  7.590   -3.277  1.00 22.79 ? 397 ALA B C   1 
ATOM   1578 O O   . ALA B 2 97  ? -2.478  7.470   -3.821  1.00 25.25 ? 397 ALA B O   1 
ATOM   1579 C CB  . ALA B 2 97  ? -0.657  5.482   -2.145  1.00 11.92 ? 397 ALA B CB  1 
ATOM   1580 N N   . GLY B 2 98  ? -0.398  8.304   -3.803  1.00 27.02 ? 398 GLY B N   1 
ATOM   1581 C CA  . GLY B 2 98  ? -0.598  8.976   -5.069  1.00 23.89 ? 398 GLY B CA  1 
ATOM   1582 C C   . GLY B 2 98  ? 0.216   8.377   -6.191  1.00 22.72 ? 398 GLY B C   1 
ATOM   1583 O O   . GLY B 2 98  ? 1.237   7.727   -5.971  1.00 20.30 ? 398 GLY B O   1 
ATOM   1584 N N   . GLN B 2 99  ? -0.258  8.593   -7.408  1.00 25.11 ? 399 GLN B N   1 
ATOM   1585 C CA  . GLN B 2 99  ? 0.427   8.110   -8.583  1.00 26.90 ? 399 GLN B CA  1 
ATOM   1586 C C   . GLN B 2 99  ? 1.402   9.206   -8.992  1.00 30.19 ? 399 GLN B C   1 
ATOM   1587 O O   . GLN B 2 99  ? 1.126   10.394  -8.802  1.00 25.95 ? 399 GLN B O   1 
ATOM   1588 C CB  . GLN B 2 99  ? -0.579  7.841   -9.696  1.00 29.27 ? 399 GLN B CB  1 
ATOM   1589 C CG  . GLN B 2 99  ? 0.042   7.717   -11.066 1.00 35.38 ? 399 GLN B CG  1 
ATOM   1590 C CD  . GLN B 2 99  ? -0.855  8.282   -12.132 1.00 34.93 ? 399 GLN B CD  1 
ATOM   1591 O OE1 . GLN B 2 99  ? -1.480  9.327   -11.940 1.00 33.11 ? 399 GLN B OE1 1 
ATOM   1592 N NE2 . GLN B 2 99  ? -0.938  7.591   -13.262 1.00 42.30 ? 399 GLN B NE2 1 
ATOM   1593 N N   . TYR B 2 100 ? 2.544   8.805   -9.540  1.00 33.03 ? 400 TYR B N   1 
ATOM   1594 C CA  . TYR B 2 100 ? 3.570   9.752   -9.959  1.00 38.42 ? 400 TYR B CA  1 
ATOM   1595 C C   . TYR B 2 100 ? 4.678   9.031   -10.707 1.00 39.88 ? 400 TYR B C   1 
ATOM   1596 O O   . TYR B 2 100 ? 5.118   7.959   -10.296 1.00 42.57 ? 400 TYR B O   1 
ATOM   1597 C CB  . TYR B 2 100 ? 4.169   10.463  -8.743  1.00 42.53 ? 400 TYR B CB  1 
ATOM   1598 C CG  . TYR B 2 100 ? 4.824   11.779  -9.083  1.00 45.87 ? 400 TYR B CG  1 
ATOM   1599 C CD1 . TYR B 2 100 ? 6.204   11.872  -9.245  1.00 43.43 ? 400 TYR B CD1 1 
ATOM   1600 C CD2 . TYR B 2 100 ? 4.057   12.928  -9.286  1.00 45.62 ? 400 TYR B CD2 1 
ATOM   1601 C CE1 . TYR B 2 100 ? 6.802   13.075  -9.608  1.00 45.73 ? 400 TYR B CE1 1 
ATOM   1602 C CE2 . TYR B 2 100 ? 4.644   14.131  -9.648  1.00 44.67 ? 400 TYR B CE2 1 
ATOM   1603 C CZ  . TYR B 2 100 ? 6.015   14.198  -9.810  1.00 46.77 ? 400 TYR B CZ  1 
ATOM   1604 O OH  . TYR B 2 100 ? 6.593   15.384  -10.196 1.00 54.37 ? 400 TYR B OH  1 
ATOM   1605 N N   . GLY B 2 101 ? 5.130   9.626   -11.802 1.00 37.80 ? 401 GLY B N   1 
ATOM   1606 C CA  . GLY B 2 101 ? 6.186   9.010   -12.577 1.00 38.74 ? 401 GLY B CA  1 
ATOM   1607 C C   . GLY B 2 101 ? 5.744   7.730   -13.258 1.00 40.00 ? 401 GLY B C   1 
ATOM   1608 O O   . GLY B 2 101 ? 6.549   6.817   -13.448 1.00 40.92 ? 401 GLY B O   1 
ATOM   1609 N N   . ASN B 2 102 ? 4.465   7.662   -13.619 1.00 40.47 ? 402 ASN B N   1 
ATOM   1610 C CA  . ASN B 2 102 ? 3.897   6.495   -14.299 1.00 39.68 ? 402 ASN B CA  1 
ATOM   1611 C C   . ASN B 2 102 ? 3.663   5.286   -13.379 1.00 36.12 ? 402 ASN B C   1 
ATOM   1612 O O   . ASN B 2 102 ? 3.354   4.188   -13.853 1.00 37.93 ? 402 ASN B O   1 
ATOM   1613 C CB  . ASN B 2 102 ? 4.790   6.090   -15.483 1.00 41.14 ? 402 ASN B CB  1 
ATOM   1614 C CG  . ASN B 2 102 ? 3.989   5.612   -16.685 1.00 47.14 ? 402 ASN B CG  1 
ATOM   1615 O OD1 . ASN B 2 102 ? 4.316   4.599   -17.306 1.00 52.07 ? 402 ASN B OD1 1 
ATOM   1616 N ND2 . ASN B 2 102 ? 2.933   6.339   -17.016 1.00 49.49 ? 402 ASN B ND2 1 
ATOM   1617 N N   . LEU B 2 103 ? 3.802   5.493   -12.071 1.00 32.45 ? 403 LEU B N   1 
ATOM   1618 C CA  . LEU B 2 103 ? 3.597   4.430   -11.083 1.00 26.27 ? 403 LEU B CA  1 
ATOM   1619 C C   . LEU B 2 103 ? 2.432   4.806   -10.160 1.00 26.20 ? 403 LEU B C   1 
ATOM   1620 O O   . LEU B 2 103 ? 2.420   5.887   -9.570  1.00 21.67 ? 403 LEU B O   1 
ATOM   1621 C CB  . LEU B 2 103 ? 4.872   4.225   -10.273 1.00 20.85 ? 403 LEU B CB  1 
ATOM   1622 C CG  . LEU B 2 103 ? 5.985   3.316   -10.815 1.00 22.57 ? 403 LEU B CG  1 
ATOM   1623 C CD1 . LEU B 2 103 ? 5.803   2.994   -12.286 1.00 22.07 ? 403 LEU B CD1 1 
ATOM   1624 C CD2 . LEU B 2 103 ? 7.304   4.016   -10.590 1.00 22.92 ? 403 LEU B CD2 1 
ATOM   1625 N N   . TRP B 2 104 ? 1.468   3.897   -10.034 1.00 26.87 ? 404 TRP B N   1 
ATOM   1626 C CA  . TRP B 2 104 ? 0.251   4.107   -9.240  1.00 26.35 ? 404 TRP B CA  1 
ATOM   1627 C C   . TRP B 2 104 ? 0.334   4.274   -7.721  1.00 24.27 ? 404 TRP B C   1 
ATOM   1628 O O   . TRP B 2 104 ? -0.501  4.954   -7.128  1.00 23.34 ? 404 TRP B O   1 
ATOM   1629 C CB  . TRP B 2 104 ? -0.752  3.004   -9.578  1.00 30.18 ? 404 TRP B CB  1 
ATOM   1630 C CG  . TRP B 2 104 ? -1.257  3.139   -10.967 1.00 36.12 ? 404 TRP B CG  1 
ATOM   1631 C CD1 . TRP B 2 104 ? -0.693  2.618   -12.095 1.00 38.32 ? 404 TRP B CD1 1 
ATOM   1632 C CD2 . TRP B 2 104 ? -2.386  3.911   -11.398 1.00 37.79 ? 404 TRP B CD2 1 
ATOM   1633 N NE1 . TRP B 2 104 ? -1.400  3.022   -13.206 1.00 43.02 ? 404 TRP B NE1 1 
ATOM   1634 C CE2 . TRP B 2 104 ? -2.442  3.816   -12.808 1.00 37.57 ? 404 TRP B CE2 1 
ATOM   1635 C CE3 . TRP B 2 104 ? -3.355  4.675   -10.733 1.00 33.79 ? 404 TRP B CE3 1 
ATOM   1636 C CZ2 . TRP B 2 104 ? -3.427  4.456   -13.562 1.00 29.47 ? 404 TRP B CZ2 1 
ATOM   1637 C CZ3 . TRP B 2 104 ? -4.334  5.311   -11.485 1.00 26.96 ? 404 TRP B CZ3 1 
ATOM   1638 C CH2 . TRP B 2 104 ? -4.362  5.196   -12.885 1.00 27.98 ? 404 TRP B CH2 1 
ATOM   1639 N N   . PHE B 2 105 ? 1.303   3.644   -7.077  1.00 22.08 ? 405 PHE B N   1 
ATOM   1640 C CA  . PHE B 2 105 ? 1.439   3.804   -5.633  1.00 21.73 ? 405 PHE B CA  1 
ATOM   1641 C C   . PHE B 2 105 ? 2.852   4.340   -5.435  1.00 23.09 ? 405 PHE B C   1 
ATOM   1642 O O   . PHE B 2 105 ? 3.696   3.706   -4.798  1.00 25.09 ? 405 PHE B O   1 
ATOM   1643 C CB  . PHE B 2 105 ? 1.263   2.460   -4.911  1.00 15.78 ? 405 PHE B CB  1 
ATOM   1644 C CG  . PHE B 2 105 ? -0.138  1.902   -4.976  1.00 13.85 ? 405 PHE B CG  1 
ATOM   1645 C CD1 . PHE B 2 105 ? -0.541  1.126   -6.051  1.00 11.00 ? 405 PHE B CD1 1 
ATOM   1646 C CD2 . PHE B 2 105 ? -1.050  2.151   -3.958  1.00 19.71 ? 405 PHE B CD2 1 
ATOM   1647 C CE1 . PHE B 2 105 ? -1.826  0.610   -6.116  1.00 10.13 ? 405 PHE B CE1 1 
ATOM   1648 C CE2 . PHE B 2 105 ? -2.343  1.637   -4.011  1.00 15.62 ? 405 PHE B CE2 1 
ATOM   1649 C CZ  . PHE B 2 105 ? -2.730  0.864   -5.095  1.00 19.22 ? 405 PHE B CZ  1 
ATOM   1650 N N   . ALA B 2 106 ? 3.108   5.516   -5.995  1.00 20.50 ? 406 ALA B N   1 
ATOM   1651 C CA  . ALA B 2 106 ? 4.432   6.107   -5.911  1.00 23.29 ? 406 ALA B CA  1 
ATOM   1652 C C   . ALA B 2 106 ? 4.717   6.814   -4.582  1.00 29.28 ? 406 ALA B C   1 
ATOM   1653 O O   . ALA B 2 106 ? 5.828   6.709   -4.048  1.00 31.12 ? 406 ALA B O   1 
ATOM   1654 C CB  . ALA B 2 106 ? 4.644   7.062   -7.092  1.00 12.81 ? 406 ALA B CB  1 
ATOM   1655 N N   . TYR B 2 107 ? 3.726   7.527   -4.048  1.00 29.75 ? 407 TYR B N   1 
ATOM   1656 C CA  . TYR B 2 107 ? 3.899   8.239   -2.784  1.00 25.16 ? 407 TYR B CA  1 
ATOM   1657 C C   . TYR B 2 107 ? 2.810   7.843   -1.807  1.00 25.21 ? 407 TYR B C   1 
ATOM   1658 O O   . TYR B 2 107 ? 1.653   7.714   -2.186  1.00 26.96 ? 407 TYR B O   1 
ATOM   1659 C CB  . TYR B 2 107 ? 3.892   9.748   -3.026  1.00 27.76 ? 407 TYR B CB  1 
ATOM   1660 C CG  . TYR B 2 107 ? 5.046   10.152  -3.895  1.00 40.54 ? 407 TYR B CG  1 
ATOM   1661 C CD1 . TYR B 2 107 ? 4.865   10.420  -5.253  1.00 43.64 ? 407 TYR B CD1 1 
ATOM   1662 C CD2 . TYR B 2 107 ? 6.349   10.157  -3.387  1.00 46.25 ? 407 TYR B CD2 1 
ATOM   1663 C CE1 . TYR B 2 107 ? 5.952   10.669  -6.085  1.00 49.45 ? 407 TYR B CE1 1 
ATOM   1664 C CE2 . TYR B 2 107 ? 7.442   10.404  -4.210  1.00 53.16 ? 407 TYR B CE2 1 
ATOM   1665 C CZ  . TYR B 2 107 ? 7.235   10.654  -5.558  1.00 54.65 ? 407 TYR B CZ  1 
ATOM   1666 O OH  . TYR B 2 107 ? 8.313   10.862  -6.379  1.00 63.49 ? 407 TYR B OH  1 
ATOM   1667 N N   . TRP B 2 108 ? 3.193   7.646   -0.550  1.00 23.06 ? 408 TRP B N   1 
ATOM   1668 C CA  . TRP B 2 108 ? 2.261   7.223   0.480   1.00 16.95 ? 408 TRP B CA  1 
ATOM   1669 C C   . TRP B 2 108 ? 2.172   8.196   1.630   1.00 19.61 ? 408 TRP B C   1 
ATOM   1670 O O   . TRP B 2 108 ? 3.118   8.925   1.916   1.00 19.93 ? 408 TRP B O   1 
ATOM   1671 C CB  . TRP B 2 108 ? 2.688   5.869   1.055   1.00 14.91 ? 408 TRP B CB  1 
ATOM   1672 C CG  . TRP B 2 108 ? 2.575   4.728   0.107   1.00 18.36 ? 408 TRP B CG  1 
ATOM   1673 C CD1 . TRP B 2 108 ? 3.322   4.509   -1.019  1.00 18.68 ? 408 TRP B CD1 1 
ATOM   1674 C CD2 . TRP B 2 108 ? 1.656   3.633   0.200   1.00 24.68 ? 408 TRP B CD2 1 
ATOM   1675 N NE1 . TRP B 2 108 ? 2.923   3.344   -1.632  1.00 18.44 ? 408 TRP B NE1 1 
ATOM   1676 C CE2 . TRP B 2 108 ? 1.902   2.785   -0.909  1.00 19.38 ? 408 TRP B CE2 1 
ATOM   1677 C CE3 . TRP B 2 108 ? 0.645   3.283   1.114   1.00 17.34 ? 408 TRP B CE3 1 
ATOM   1678 C CZ2 . TRP B 2 108 ? 1.175   1.613   -1.128  1.00 17.49 ? 408 TRP B CZ2 1 
ATOM   1679 C CZ3 . TRP B 2 108 ? -0.076  2.119   0.897   1.00 14.85 ? 408 TRP B CZ3 1 
ATOM   1680 C CH2 . TRP B 2 108 ? 0.193   1.297   -0.219  1.00 21.09 ? 408 TRP B CH2 1 
ATOM   1681 N N   . GLY B 2 109 ? 1.019   8.203   2.287   1.00 20.10 ? 409 GLY B N   1 
ATOM   1682 C CA  . GLY B 2 109 ? 0.846   9.048   3.444   1.00 19.18 ? 409 GLY B CA  1 
ATOM   1683 C C   . GLY B 2 109 ? 1.362   8.196   4.586   1.00 26.29 ? 409 GLY B C   1 
ATOM   1684 O O   . GLY B 2 109 ? 1.786   7.059   4.371   1.00 28.20 ? 409 GLY B O   1 
ATOM   1685 N N   . GLN B 2 110 ? 1.331   8.719   5.802   1.00 30.73 ? 410 GLN B N   1 
ATOM   1686 C CA  . GLN B 2 110 ? 1.814   7.952   6.935   1.00 31.13 ? 410 GLN B CA  1 
ATOM   1687 C C   . GLN B 2 110 ? 0.714   7.082   7.537   1.00 28.68 ? 410 GLN B C   1 
ATOM   1688 O O   . GLN B 2 110 ? 0.965   6.292   8.442   1.00 26.19 ? 410 GLN B O   1 
ATOM   1689 C CB  . GLN B 2 110 ? 2.392   8.898   7.978   1.00 36.19 ? 410 GLN B CB  1 
ATOM   1690 C CG  . GLN B 2 110 ? 3.734   9.472   7.562   1.00 44.08 ? 410 GLN B CG  1 
ATOM   1691 C CD  . GLN B 2 110 ? 4.892   8.873   8.332   1.00 46.93 ? 410 GLN B CD  1 
ATOM   1692 O OE1 . GLN B 2 110 ? 6.041   9.259   8.137   1.00 52.70 ? 410 GLN B OE1 1 
ATOM   1693 N NE2 . GLN B 2 110 ? 4.594   7.928   9.220   1.00 50.00 ? 410 GLN B NE2 1 
ATOM   1694 N N   . GLY B 2 111 ? -0.505  7.239   7.023   1.00 25.27 ? 411 GLY B N   1 
ATOM   1695 C CA  . GLY B 2 111 ? -1.626  6.447   7.492   1.00 20.48 ? 411 GLY B CA  1 
ATOM   1696 C C   . GLY B 2 111 ? -2.418  6.993   8.662   1.00 17.27 ? 411 GLY B C   1 
ATOM   1697 O O   . GLY B 2 111 ? -1.894  7.736   9.482   1.00 23.20 ? 411 GLY B O   1 
ATOM   1698 N N   . THR B 2 112 ? -3.692  6.613   8.722   1.00 16.91 ? 412 THR B N   1 
ATOM   1699 C CA  . THR B 2 112 ? -4.596  7.020   9.790   1.00 12.61 ? 412 THR B CA  1 
ATOM   1700 C C   . THR B 2 112 ? -5.164  5.745   10.386  1.00 16.99 ? 412 THR B C   1 
ATOM   1701 O O   . THR B 2 112 ? -5.909  5.027   9.719   1.00 18.30 ? 412 THR B O   1 
ATOM   1702 C CB  . THR B 2 112 ? -5.801  7.864   9.275   1.00 11.89 ? 412 THR B CB  1 
ATOM   1703 O OG1 . THR B 2 112 ? -5.337  9.056   8.636   1.00 13.62 ? 412 THR B OG1 1 
ATOM   1704 C CG2 . THR B 2 112 ? -6.702  8.266   10.423  1.00 12.95 ? 412 THR B CG2 1 
ATOM   1705 N N   . LEU B 2 113 ? -4.806  5.451   11.631  1.00 14.69 ? 413 LEU B N   1 
ATOM   1706 C CA  . LEU B 2 113 ? -5.329  4.268   12.293  1.00 12.16 ? 413 LEU B CA  1 
ATOM   1707 C C   . LEU B 2 113 ? -6.735  4.567   12.777  1.00 12.17 ? 413 LEU B C   1 
ATOM   1708 O O   . LEU B 2 113 ? -6.943  5.488   13.556  1.00 18.81 ? 413 LEU B O   1 
ATOM   1709 C CB  . LEU B 2 113 ? -4.469  3.876   13.487  1.00 11.49 ? 413 LEU B CB  1 
ATOM   1710 C CG  . LEU B 2 113 ? -5.121  2.788   14.339  1.00 12.20 ? 413 LEU B CG  1 
ATOM   1711 C CD1 . LEU B 2 113 ? -4.890  1.424   13.712  1.00 12.05 ? 413 LEU B CD1 1 
ATOM   1712 C CD2 . LEU B 2 113 ? -4.554  2.849   15.735  1.00 16.92 ? 413 LEU B CD2 1 
ATOM   1713 N N   . VAL B 2 114 ? -7.697  3.782   12.312  1.00 19.08 ? 414 VAL B N   1 
ATOM   1714 C CA  . VAL B 2 114 ? -9.093  3.962   12.685  1.00 18.21 ? 414 VAL B CA  1 
ATOM   1715 C C   . VAL B 2 114 ? -9.511  2.894   13.680  1.00 20.45 ? 414 VAL B C   1 
ATOM   1716 O O   . VAL B 2 114 ? -9.459  1.708   13.374  1.00 24.64 ? 414 VAL B O   1 
ATOM   1717 C CB  . VAL B 2 114 ? -10.016 3.850   11.448  1.00 19.86 ? 414 VAL B CB  1 
ATOM   1718 C CG1 . VAL B 2 114 ? -11.469 3.768   11.888  1.00 17.21 ? 414 VAL B CG1 1 
ATOM   1719 C CG2 . VAL B 2 114 ? -9.799  5.036   10.527  1.00 9.44  ? 414 VAL B CG2 1 
ATOM   1720 N N   . THR B 2 115 ? -9.916  3.312   14.869  1.00 18.03 ? 415 THR B N   1 
ATOM   1721 C CA  . THR B 2 115 ? -10.361 2.369   15.878  1.00 17.45 ? 415 THR B CA  1 
ATOM   1722 C C   . THR B 2 115 ? -11.814 2.646   16.194  1.00 20.21 ? 415 THR B C   1 
ATOM   1723 O O   . THR B 2 115 ? -12.147 3.725   16.680  1.00 19.40 ? 415 THR B O   1 
ATOM   1724 C CB  . THR B 2 115 ? -9.585  2.507   17.188  1.00 17.84 ? 415 THR B CB  1 
ATOM   1725 O OG1 . THR B 2 115 ? -8.188  2.335   16.938  1.00 23.69 ? 415 THR B OG1 1 
ATOM   1726 C CG2 . THR B 2 115 ? -10.063 1.454   18.191  1.00 15.40 ? 415 THR B CG2 1 
ATOM   1727 N N   . VAL B 2 116 ? -12.681 1.682   15.917  1.00 19.09 ? 416 VAL B N   1 
ATOM   1728 C CA  . VAL B 2 116 ? -14.087 1.862   16.219  1.00 23.90 ? 416 VAL B CA  1 
ATOM   1729 C C   . VAL B 2 116 ? -14.359 1.123   17.522  1.00 23.15 ? 416 VAL B C   1 
ATOM   1730 O O   . VAL B 2 116 ? -14.127 -0.070  17.629  1.00 24.76 ? 416 VAL B O   1 
ATOM   1731 C CB  . VAL B 2 116 ? -14.983 1.353   15.057  1.00 24.71 ? 416 VAL B CB  1 
ATOM   1732 C CG1 . VAL B 2 116 ? -14.130 0.648   14.012  1.00 18.65 ? 416 VAL B CG1 1 
ATOM   1733 C CG2 . VAL B 2 116 ? -16.089 0.466   15.587  1.00 17.70 ? 416 VAL B CG2 1 
ATOM   1734 N N   . SER B 2 117 ? -14.818 1.860   18.523  1.00 30.28 ? 417 SER B N   1 
ATOM   1735 C CA  . SER B 2 117 ? -15.098 1.318   19.847  1.00 41.84 ? 417 SER B CA  1 
ATOM   1736 C C   . SER B 2 117 ? -16.230 0.300   19.877  1.00 48.45 ? 417 SER B C   1 
ATOM   1737 O O   . SER B 2 117 ? -16.216 -0.639  19.048  1.00 54.88 ? 417 SER B O   1 
ATOM   1738 C CB  . SER B 2 117 ? -15.439 2.461   20.792  1.00 45.05 ? 417 SER B CB  1 
ATOM   1739 O OG  . SER B 2 117 ? -16.580 3.153   20.313  1.00 44.03 ? 417 SER B OG  1 
ATOM   1740 O OXT . SER B 2 117 ? -17.122 0.459   20.746  1.00 52.83 ? 417 SER B OXT 1 
HETATM 1741 O O   . HOH C 3 .   ? -8.504  -16.074 -7.685  1.00 46.68 ? 802 HOH A O   1 
HETATM 1742 O O   . HOH C 3 .   ? -4.449  -10.951 -2.480  1.00 14.94 ? 803 HOH A O   1 
HETATM 1743 O O   . HOH C 3 .   ? 7.372   -2.869  10.380  1.00 42.63 ? 805 HOH A O   1 
HETATM 1744 O O   . HOH C 3 .   ? 10.028  -9.791  -8.250  1.00 25.02 ? 806 HOH A O   1 
HETATM 1745 O O   . HOH C 3 .   ? 0.774   -20.881 -3.056  1.00 35.94 ? 807 HOH A O   1 
HETATM 1746 O O   . HOH C 3 .   ? 20.583  -16.122 10.812  1.00 50.25 ? 808 HOH A O   1 
HETATM 1747 O O   . HOH C 3 .   ? 5.326   -13.871 -16.701 1.00 32.54 ? 809 HOH A O   1 
HETATM 1748 O O   . HOH C 3 .   ? 19.714  -4.659  -7.288  1.00 36.77 ? 811 HOH A O   1 
HETATM 1749 O O   . HOH C 3 .   ? 15.642  1.143   1.740   1.00 50.19 ? 812 HOH A O   1 
HETATM 1750 O O   . HOH C 3 .   ? 16.372  -6.122  -9.168  1.00 20.93 ? 813 HOH A O   1 
HETATM 1751 O O   . HOH C 3 .   ? 1.995   -13.064 4.778   1.00 23.48 ? 814 HOH A O   1 
HETATM 1752 O O   . HOH C 3 .   ? 12.930  2.308   -12.005 1.00 32.85 ? 816 HOH A O   1 
HETATM 1753 O O   . HOH C 3 .   ? 14.580  1.182   -13.979 1.00 17.16 ? 817 HOH A O   1 
HETATM 1754 O O   . HOH C 3 .   ? 2.289   -10.474 8.155   1.00 66.93 ? 818 HOH A O   1 
HETATM 1755 O O   . HOH C 3 .   ? -7.193  -5.521  -3.109  1.00 20.35 ? 819 HOH A O   1 
HETATM 1756 O O   . HOH C 3 .   ? 13.849  0.499   9.031   1.00 51.54 ? 823 HOH A O   1 
HETATM 1757 O O   . HOH C 3 .   ? 4.964   -3.521  -12.239 1.00 22.26 ? 827 HOH A O   1 
HETATM 1758 O O   . HOH C 3 .   ? -6.925  -18.162 -14.463 1.00 47.56 ? 828 HOH A O   1 
HETATM 1759 O O   . HOH C 3 .   ? -1.884  -17.087 -4.505  1.00 34.33 ? 838 HOH A O   1 
HETATM 1760 O O   . HOH C 3 .   ? -14.341 -8.318  -4.556  1.00 73.40 ? 840 HOH A O   1 
HETATM 1761 O O   . HOH C 3 .   ? 6.306   -11.514 13.422  1.00 49.76 ? 841 HOH A O   1 
HETATM 1762 O O   . HOH C 3 .   ? 9.604   -11.646 21.079  1.00 68.68 ? 842 HOH A O   1 
HETATM 1763 O O   . HOH C 3 .   ? 21.187  -13.276 15.314  1.00 78.47 ? 843 HOH A O   1 
HETATM 1764 O O   . HOH C 3 .   ? 21.987  -10.403 14.310  1.00 36.18 ? 844 HOH A O   1 
HETATM 1765 O O   . HOH C 3 .   ? 21.730  -6.859  16.396  1.00 47.78 ? 845 HOH A O   1 
HETATM 1766 O O   . HOH C 3 .   ? 27.584  -10.878 5.524   1.00 25.79 ? 846 HOH A O   1 
HETATM 1767 O O   . HOH C 3 .   ? -3.702  -19.954 -12.759 1.00 24.93 ? 847 HOH A O   1 
HETATM 1768 O O   . HOH C 3 .   ? -2.360  -18.822 -15.118 1.00 19.89 ? 848 HOH A O   1 
HETATM 1769 O O   . HOH C 3 .   ? 5.966   6.754   -0.252  1.00 23.25 ? 851 HOH A O   1 
HETATM 1770 O O   . HOH C 3 .   ? -1.672  -20.186 -8.548  1.00 24.74 ? 852 HOH A O   1 
HETATM 1771 O O   . HOH C 3 .   ? -0.120  -0.723  -10.156 1.00 22.92 ? 853 HOH A O   1 
HETATM 1772 O O   . HOH C 3 .   ? 3.603   1.561   -7.976  1.00 25.85 ? 854 HOH A O   1 
HETATM 1773 O O   . HOH C 3 .   ? 6.065   -0.859  -13.848 1.00 26.91 ? 855 HOH A O   1 
HETATM 1774 O O   . HOH C 3 .   ? 15.442  -12.166 -5.984  1.00 44.67 ? 856 HOH A O   1 
HETATM 1775 O O   . HOH C 3 .   ? 9.756   -5.745  12.045  1.00 42.94 ? 857 HOH A O   1 
HETATM 1776 O O   . HOH C 3 .   ? 6.716   -1.274  13.954  1.00 57.36 ? 858 HOH A O   1 
HETATM 1777 O O   . HOH C 3 .   ? 11.482  -16.149 -7.692  1.00 32.06 ? 859 HOH A O   1 
HETATM 1778 O O   . HOH D 3 .   ? 5.050   12.384  -13.025 1.00 57.26 ? 801 HOH B O   1 
HETATM 1779 O O   . HOH D 3 .   ? -13.360 -1.141  5.828   1.00 20.03 ? 804 HOH B O   1 
HETATM 1780 O O   . HOH D 3 .   ? -10.225 12.698  9.577   1.00 33.94 ? 810 HOH B O   1 
HETATM 1781 O O   . HOH D 3 .   ? -0.260  10.630  10.217  1.00 29.55 ? 815 HOH B O   1 
HETATM 1782 O O   . HOH D 3 .   ? -11.080 11.619  -16.268 1.00 35.30 ? 820 HOH B O   1 
HETATM 1783 O O   . HOH D 3 .   ? -5.593  -7.131  -1.611  1.00 12.68 ? 821 HOH B O   1 
HETATM 1784 O O   . HOH D 3 .   ? 0.912   11.359  6.753   1.00 19.43 ? 822 HOH B O   1 
HETATM 1785 O O   . HOH D 3 .   ? -21.581 -3.704  -3.255  1.00 47.32 ? 824 HOH B O   1 
HETATM 1786 O O   . HOH D 3 .   ? 7.431   5.365   -2.694  1.00 22.33 ? 825 HOH B O   1 
HETATM 1787 O O   . HOH D 3 .   ? -9.078  21.436  -11.700 1.00 51.11 ? 826 HOH B O   1 
HETATM 1788 O O   . HOH D 3 .   ? 0.892   -6.286  8.396   1.00 59.27 ? 829 HOH B O   1 
HETATM 1789 O O   . HOH D 3 .   ? -9.560  19.653  -14.606 1.00 40.44 ? 830 HOH B O   1 
HETATM 1790 O O   . HOH D 3 .   ? -13.072 17.698  -9.589  1.00 64.69 ? 831 HOH B O   1 
HETATM 1791 O O   . HOH D 3 .   ? 4.323   6.701   4.498   1.00 24.35 ? 832 HOH B O   1 
HETATM 1792 O O   . HOH D 3 .   ? -23.385 5.617   9.383   1.00 32.78 ? 833 HOH B O   1 
HETATM 1793 O O   . HOH D 3 .   ? 3.151   18.608  -10.749 1.00 42.83 ? 834 HOH B O   1 
HETATM 1794 O O   . HOH D 3 .   ? -10.330 10.531  -2.253  1.00 14.89 ? 835 HOH B O   1 
HETATM 1795 O O   . HOH D 3 .   ? -17.900 4.997   -9.376  1.00 66.37 ? 836 HOH B O   1 
HETATM 1796 O O   . HOH D 3 .   ? -11.823 20.540  -11.066 1.00 43.54 ? 837 HOH B O   1 
HETATM 1797 O O   . HOH D 3 .   ? -21.075 -0.099  5.028   1.00 61.29 ? 839 HOH B O   1 
HETATM 1798 O O   . HOH D 3 .   ? -15.817 16.167  0.460   1.00 35.29 ? 849 HOH B O   1 
HETATM 1799 O O   . HOH D 3 .   ? -15.842 11.448  0.748   1.00 12.44 ? 850 HOH B O   1 
HETATM 1800 O O   . HOH D 3 .   ? -6.651  9.778   6.289   1.00 14.60 ? 860 HOH B O   1 
HETATM 1801 O O   . HOH D 3 .   ? -9.624  -6.874  -2.295  1.00 33.50 ? 861 HOH B O   1 
HETATM 1802 O O   . HOH D 3 .   ? -18.611 -6.129  13.933  1.00 28.91 ? 862 HOH B O   1 
# 
